data_3HN6
#
_entry.id   3HN6
#
_cell.length_a   89.900
_cell.length_b   82.790
_cell.length_c   126.990
_cell.angle_alpha   90.000
_cell.angle_beta   109.580
_cell.angle_gamma   90.000
#
_symmetry.space_group_name_H-M   'P 1 21 1'
#
loop_
_entity.id
_entity.type
_entity.pdbx_description
1 polymer 'Glucosamine-6-phosphate deaminase'
2 non-polymer 'PYROPHOSPHATE 2-'
3 water water
#
_entity_poly.entity_id   1
_entity_poly.type   'polypeptide(L)'
_entity_poly.pdbx_seq_one_letter_code
;MAHHHHHHMGTLEAQTQGPGSMRLIIRPTYEDISKWAANHVAQKINEFSPTKENPFILGLPTGSSPIGMYKNLIELNKNK
KISFQNVITFNMDEYIGIEENHPESYHSFMWNNFFSHIDIKKENINILNGNASNLKKECEEYEKKIKSFGGIMLFVGGIG
PDGHIAFNEPGSSLTSRTRIKTLTQDTIIANSRFFEGDVNKVPKNALTVGIGTIMDSQEVLIIVNGHNKARALKHAIEKG
VNHMWTISALQLHKNAIIVSDKNATYELKVGTVEYFNDIERKNFNNDLK
;
_entity_poly.pdbx_strand_id   A,B,C,D,E,F
#
# COMPACT_ATOMS: atom_id res chain seq x y z
N PRO A 19 -25.56 -18.03 3.18
CA PRO A 19 -25.76 -16.75 3.87
C PRO A 19 -25.74 -15.57 2.89
N GLY A 20 -25.33 -15.86 1.65
CA GLY A 20 -25.32 -14.93 0.54
C GLY A 20 -24.01 -14.18 0.30
N SER A 21 -22.89 -14.71 0.81
CA SER A 21 -21.56 -14.12 0.62
C SER A 21 -20.53 -15.25 0.47
N MET A 22 -19.30 -14.92 0.12
CA MET A 22 -18.20 -15.90 0.27
C MET A 22 -18.15 -16.32 1.72
N ARG A 23 -17.80 -17.58 1.96
CA ARG A 23 -17.55 -18.02 3.31
C ARG A 23 -16.05 -18.35 3.54
N LEU A 24 -15.60 -18.12 4.78
CA LEU A 24 -14.24 -18.47 5.17
C LEU A 24 -14.41 -19.21 6.47
N ILE A 25 -14.08 -20.51 6.46
CA ILE A 25 -14.27 -21.35 7.63
C ILE A 25 -12.89 -21.54 8.22
N ILE A 26 -12.69 -21.02 9.44
CA ILE A 26 -11.39 -21.09 10.07
C ILE A 26 -11.46 -22.13 11.17
N ARG A 27 -10.56 -23.11 11.11
CA ARG A 27 -10.48 -24.13 12.13
C ARG A 27 -9.04 -24.16 12.61
N PRO A 28 -8.78 -24.76 13.79
CA PRO A 28 -7.43 -24.79 14.37
C PRO A 28 -6.37 -25.50 13.51
N THR A 29 -6.62 -26.72 13.04
CA THR A 29 -5.57 -27.51 12.41
C THR A 29 -5.93 -28.03 11.01
N TYR A 30 -4.94 -28.57 10.31
CA TYR A 30 -5.14 -29.27 9.03
C TYR A 30 -6.15 -30.42 9.12
N GLU A 31 -6.11 -31.10 10.27
CA GLU A 31 -6.98 -32.24 10.55
C GLU A 31 -8.42 -31.76 10.61
N ASP A 32 -8.69 -30.66 11.30
CA ASP A 32 -10.06 -30.06 11.35
C ASP A 32 -10.57 -29.66 9.94
N ILE A 33 -9.73 -28.99 9.15
CA ILE A 33 -10.19 -28.52 7.83
C ILE A 33 -10.39 -29.66 6.85
N SER A 34 -9.60 -30.72 6.98
CA SER A 34 -9.74 -31.89 6.15
C SER A 34 -11.07 -32.54 6.45
N LYS A 35 -11.44 -32.58 7.72
CA LYS A 35 -12.68 -33.20 8.14
C LYS A 35 -13.82 -32.31 7.69
N TRP A 36 -13.67 -31.01 7.87
CA TRP A 36 -14.73 -30.08 7.46
C TRP A 36 -15.02 -30.22 5.96
N ALA A 37 -13.94 -30.30 5.17
CA ALA A 37 -14.04 -30.38 3.70
C ALA A 37 -14.68 -31.68 3.23
N ALA A 38 -14.26 -32.80 3.85
CA ALA A 38 -14.85 -34.12 3.55
C ALA A 38 -16.35 -34.12 3.85
N ASN A 39 -16.71 -33.61 5.01
CA ASN A 39 -18.12 -33.51 5.39
C ASN A 39 -18.94 -32.65 4.43
N HIS A 40 -18.36 -31.56 3.96
CA HIS A 40 -19.07 -30.66 3.10
C HIS A 40 -19.31 -31.31 1.72
N VAL A 41 -18.30 -31.98 1.18
CA VAL A 41 -18.45 -32.77 -0.06
C VAL A 41 -19.57 -33.84 0.08
N ALA A 42 -19.50 -34.64 1.14
CA ALA A 42 -20.52 -35.67 1.35
C ALA A 42 -21.90 -35.04 1.41
N GLN A 43 -22.02 -33.94 2.15
CA GLN A 43 -23.32 -33.26 2.34
C GLN A 43 -23.88 -32.77 0.99
N LYS A 44 -23.03 -32.19 0.13
CA LYS A 44 -23.45 -31.77 -1.21
C LYS A 44 -23.89 -32.94 -2.09
N ILE A 45 -23.12 -34.02 -2.07
CA ILE A 45 -23.46 -35.16 -2.88
C ILE A 45 -24.73 -35.86 -2.35
N ASN A 46 -24.85 -35.99 -1.04
CA ASN A 46 -26.01 -36.67 -0.44
C ASN A 46 -27.30 -35.93 -0.67
N GLU A 47 -27.26 -34.61 -0.60
CA GLU A 47 -28.43 -33.79 -0.78
C GLU A 47 -28.85 -33.77 -2.26
N PHE A 48 -27.87 -33.77 -3.17
CA PHE A 48 -28.19 -33.84 -4.59
C PHE A 48 -28.80 -35.22 -4.88
N SER A 49 -28.24 -36.24 -4.25
CA SER A 49 -28.69 -37.62 -4.35
C SER A 49 -28.63 -38.15 -5.79
N PRO A 50 -27.40 -38.40 -6.27
CA PRO A 50 -27.19 -38.65 -7.70
C PRO A 50 -27.69 -40.04 -8.15
N THR A 51 -28.00 -40.16 -9.44
CA THR A 51 -28.39 -41.44 -10.07
C THR A 51 -27.61 -41.61 -11.35
N LYS A 52 -27.59 -42.83 -11.91
CA LYS A 52 -27.05 -43.08 -13.27
C LYS A 52 -27.51 -42.03 -14.28
N GLU A 53 -28.80 -41.71 -14.27
CA GLU A 53 -29.37 -40.70 -15.19
C GLU A 53 -29.04 -39.27 -14.82
N ASN A 54 -28.69 -39.06 -13.55
CA ASN A 54 -28.50 -37.72 -13.00
C ASN A 54 -27.28 -37.66 -12.05
N PRO A 55 -26.03 -37.78 -12.59
CA PRO A 55 -24.87 -37.97 -11.75
C PRO A 55 -24.38 -36.65 -11.16
N PHE A 56 -23.59 -36.74 -10.10
CA PHE A 56 -22.97 -35.57 -9.50
C PHE A 56 -21.63 -35.36 -10.18
N ILE A 57 -21.38 -34.12 -10.62
CA ILE A 57 -20.13 -33.77 -11.31
C ILE A 57 -19.21 -33.03 -10.35
N LEU A 58 -18.06 -33.64 -10.09
CA LEU A 58 -17.14 -33.26 -9.02
C LEU A 58 -15.77 -32.94 -9.59
N GLY A 59 -15.22 -31.77 -9.30
CA GLY A 59 -13.85 -31.47 -9.72
C GLY A 59 -12.85 -31.64 -8.59
N LEU A 60 -11.65 -32.12 -8.88
CA LEU A 60 -10.75 -32.56 -7.81
C LEU A 60 -9.34 -32.05 -8.00
N PRO A 61 -8.60 -31.78 -6.89
CA PRO A 61 -7.18 -31.41 -6.98
C PRO A 61 -6.23 -32.54 -6.64
N THR A 62 -4.94 -32.31 -6.89
CA THR A 62 -3.88 -33.10 -6.22
C THR A 62 -3.05 -32.17 -5.33
N GLY A 63 -1.85 -32.63 -4.95
CA GLY A 63 -0.97 -31.88 -4.05
C GLY A 63 -1.19 -32.41 -2.66
N SER A 64 -0.45 -31.91 -1.68
CA SER A 64 -0.63 -32.34 -0.30
C SER A 64 -1.92 -31.79 0.36
N SER A 65 -2.42 -30.64 -0.08
CA SER A 65 -3.59 -30.01 0.56
C SER A 65 -4.81 -30.94 0.74
N PRO A 66 -5.21 -31.67 -0.33
CA PRO A 66 -6.43 -32.46 -0.24
C PRO A 66 -6.26 -33.87 0.34
N ILE A 67 -5.04 -34.26 0.72
CA ILE A 67 -4.84 -35.61 1.22
C ILE A 67 -5.71 -35.92 2.43
N GLY A 68 -5.67 -35.06 3.45
CA GLY A 68 -6.62 -35.16 4.55
C GLY A 68 -8.04 -35.46 4.11
N MET A 69 -8.54 -34.69 3.14
CA MET A 69 -9.94 -34.77 2.73
C MET A 69 -10.23 -36.13 2.13
N TYR A 70 -9.30 -36.57 1.28
CA TYR A 70 -9.34 -37.87 0.63
C TYR A 70 -9.39 -39.01 1.66
N LYS A 71 -8.55 -38.94 2.70
CA LYS A 71 -8.57 -39.92 3.79
C LYS A 71 -9.95 -39.99 4.42
N ASN A 72 -10.48 -38.82 4.80
CA ASN A 72 -11.79 -38.75 5.40
C ASN A 72 -12.91 -39.26 4.50
N LEU A 73 -12.79 -39.00 3.20
CA LEU A 73 -13.85 -39.41 2.28
C LEU A 73 -13.88 -40.91 2.15
N ILE A 74 -12.69 -41.53 2.08
CA ILE A 74 -12.54 -42.98 2.03
C ILE A 74 -13.23 -43.63 3.25
N GLU A 75 -12.94 -43.13 4.46
CA GLU A 75 -13.61 -43.56 5.70
C GLU A 75 -15.13 -43.43 5.64
N LEU A 76 -15.61 -42.26 5.19
CA LEU A 76 -17.03 -42.02 5.06
C LEU A 76 -17.64 -43.02 4.08
N ASN A 77 -16.91 -43.31 3.01
CA ASN A 77 -17.35 -44.23 1.99
C ASN A 77 -17.47 -45.67 2.51
N LYS A 78 -16.46 -46.13 3.27
CA LYS A 78 -16.48 -47.50 3.83
C LYS A 78 -17.71 -47.63 4.72
N ASN A 79 -18.02 -46.56 5.45
CA ASN A 79 -19.15 -46.52 6.38
C ASN A 79 -20.49 -46.14 5.74
N LYS A 80 -20.51 -46.13 4.40
CA LYS A 80 -21.73 -45.95 3.62
C LYS A 80 -22.43 -44.63 3.98
N LYS A 81 -21.62 -43.66 4.39
CA LYS A 81 -22.06 -42.29 4.65
C LYS A 81 -21.98 -41.44 3.37
N ILE A 82 -21.46 -42.03 2.28
CA ILE A 82 -21.41 -41.40 0.95
C ILE A 82 -21.10 -42.47 -0.09
N SER A 83 -21.68 -42.33 -1.27
CA SER A 83 -21.41 -43.23 -2.36
C SER A 83 -20.91 -42.45 -3.55
N PHE A 84 -19.88 -43.01 -4.20
CA PHE A 84 -19.34 -42.46 -5.46
C PHE A 84 -19.78 -43.20 -6.73
N GLN A 85 -20.81 -44.03 -6.64
CA GLN A 85 -21.19 -44.87 -7.77
C GLN A 85 -21.65 -44.01 -8.89
N ASN A 86 -22.46 -43.00 -8.59
CA ASN A 86 -22.93 -42.07 -9.60
C ASN A 86 -22.30 -40.66 -9.51
N VAL A 87 -21.00 -40.66 -9.33
CA VAL A 87 -20.23 -39.44 -9.25
C VAL A 87 -19.24 -39.44 -10.41
N ILE A 88 -19.32 -38.41 -11.24
CA ILE A 88 -18.34 -38.22 -12.31
C ILE A 88 -17.29 -37.18 -11.85
N THR A 89 -16.02 -37.54 -11.98
CA THR A 89 -14.95 -36.68 -11.55
C THR A 89 -14.12 -36.13 -12.71
N PHE A 90 -13.59 -34.92 -12.49
CA PHE A 90 -12.68 -34.28 -13.45
C PHE A 90 -11.54 -33.77 -12.59
N ASN A 91 -10.33 -34.11 -12.95
CA ASN A 91 -9.17 -33.63 -12.29
C ASN A 91 -8.58 -32.36 -12.95
N MET A 92 -7.76 -31.64 -12.21
CA MET A 92 -7.26 -30.34 -12.62
C MET A 92 -6.22 -30.38 -13.73
N ASP A 93 -5.34 -31.37 -13.65
CA ASP A 93 -4.18 -31.30 -14.49
C ASP A 93 -3.49 -32.64 -14.58
N GLU A 94 -2.48 -32.70 -15.46
CA GLU A 94 -1.54 -33.82 -15.55
C GLU A 94 -0.34 -33.34 -16.35
N TYR A 95 0.85 -33.81 -15.97
CA TYR A 95 2.06 -33.61 -16.75
C TYR A 95 1.94 -34.13 -18.17
N ILE A 96 2.66 -33.48 -19.09
CA ILE A 96 2.80 -33.91 -20.48
C ILE A 96 4.01 -34.87 -20.61
N GLY A 97 3.80 -35.97 -21.35
CA GLY A 97 4.87 -36.95 -21.61
C GLY A 97 5.37 -37.78 -20.43
N ILE A 98 4.54 -37.87 -19.39
CA ILE A 98 4.78 -38.82 -18.28
C ILE A 98 3.89 -40.06 -18.49
N GLU A 99 4.44 -41.24 -18.20
CA GLU A 99 3.68 -42.49 -18.34
C GLU A 99 2.64 -42.57 -17.23
N GLU A 100 1.42 -42.96 -17.60
CA GLU A 100 0.32 -43.07 -16.65
C GLU A 100 0.68 -43.89 -15.39
N ASN A 101 1.50 -44.92 -15.59
CA ASN A 101 1.98 -45.79 -14.50
C ASN A 101 3.02 -45.15 -13.60
N HIS A 102 3.73 -44.14 -14.11
CA HIS A 102 4.79 -43.47 -13.36
C HIS A 102 4.28 -43.13 -11.96
N PRO A 103 5.04 -43.49 -10.91
CA PRO A 103 4.63 -43.22 -9.52
C PRO A 103 4.22 -41.79 -9.25
N GLU A 104 4.77 -40.85 -10.01
CA GLU A 104 4.55 -39.44 -9.71
C GLU A 104 3.58 -38.76 -10.68
N SER A 105 3.02 -39.52 -11.62
CA SER A 105 1.98 -38.99 -12.48
C SER A 105 0.78 -38.61 -11.62
N TYR A 106 -0.09 -37.76 -12.15
CA TYR A 106 -1.26 -37.41 -11.38
C TYR A 106 -2.34 -38.49 -11.51
N HIS A 107 -2.36 -39.19 -12.64
CA HIS A 107 -3.18 -40.38 -12.80
C HIS A 107 -2.96 -41.32 -11.60
N SER A 108 -1.69 -41.54 -11.25
CA SER A 108 -1.32 -42.46 -10.18
C SER A 108 -1.55 -41.87 -8.80
N PHE A 109 -1.19 -40.61 -8.61
CA PHE A 109 -1.48 -39.96 -7.37
C PHE A 109 -2.94 -40.17 -7.01
N MET A 110 -3.83 -40.04 -7.99
CA MET A 110 -5.25 -40.08 -7.71
C MET A 110 -5.72 -41.49 -7.41
N TRP A 111 -5.27 -42.46 -8.21
CA TRP A 111 -5.58 -43.88 -7.97
C TRP A 111 -5.08 -44.35 -6.61
N ASN A 112 -3.81 -44.06 -6.34
CA ASN A 112 -3.14 -44.47 -5.10
C ASN A 112 -3.70 -43.81 -3.87
N ASN A 113 -4.06 -42.51 -3.96
CA ASN A 113 -4.58 -41.80 -2.79
C ASN A 113 -6.09 -41.73 -2.72
N PHE A 114 -6.80 -42.03 -3.79
CA PHE A 114 -8.23 -41.87 -3.70
C PHE A 114 -9.05 -42.93 -4.44
N PHE A 115 -8.94 -42.95 -5.76
CA PHE A 115 -9.86 -43.72 -6.60
C PHE A 115 -9.88 -45.25 -6.31
N SER A 116 -8.71 -45.80 -5.96
CA SER A 116 -8.58 -47.22 -5.62
C SER A 116 -9.39 -47.61 -4.40
N HIS A 117 -9.70 -46.63 -3.56
CA HIS A 117 -10.24 -46.94 -2.24
C HIS A 117 -11.73 -46.71 -2.07
N ILE A 118 -12.43 -46.35 -3.15
CA ILE A 118 -13.84 -45.97 -3.05
C ILE A 118 -14.65 -46.72 -4.08
N ASP A 119 -15.97 -46.59 -4.02
CA ASP A 119 -16.84 -47.28 -4.94
C ASP A 119 -17.12 -46.45 -6.20
N ILE A 120 -16.07 -45.89 -6.80
CA ILE A 120 -16.25 -45.06 -8.01
C ILE A 120 -16.24 -45.97 -9.24
N LYS A 121 -17.05 -45.64 -10.25
CA LYS A 121 -16.94 -46.37 -11.50
C LYS A 121 -15.81 -45.81 -12.35
N LYS A 122 -14.92 -46.72 -12.77
CA LYS A 122 -13.74 -46.38 -13.58
C LYS A 122 -14.04 -45.50 -14.80
N GLU A 123 -15.17 -45.75 -15.47
CA GLU A 123 -15.56 -44.95 -16.64
C GLU A 123 -16.09 -43.55 -16.32
N ASN A 124 -16.34 -43.31 -15.03
CA ASN A 124 -16.79 -42.01 -14.54
C ASN A 124 -15.63 -41.07 -14.11
N ILE A 125 -14.39 -41.50 -14.36
CA ILE A 125 -13.19 -40.79 -13.94
C ILE A 125 -12.53 -40.11 -15.14
N ASN A 126 -12.37 -38.79 -15.05
CA ASN A 126 -11.80 -38.01 -16.14
C ASN A 126 -10.56 -37.29 -15.67
N ILE A 127 -9.43 -37.67 -16.26
CA ILE A 127 -8.16 -37.00 -16.01
C ILE A 127 -7.55 -36.67 -17.37
N LEU A 128 -7.03 -35.45 -17.51
CA LEU A 128 -6.38 -35.02 -18.73
C LEU A 128 -5.33 -36.00 -19.24
N ASN A 129 -5.30 -36.21 -20.56
CA ASN A 129 -4.34 -37.14 -21.14
C ASN A 129 -3.07 -36.44 -21.61
N GLY A 130 -2.03 -36.47 -20.79
CA GLY A 130 -0.79 -35.75 -21.09
C GLY A 130 0.10 -36.41 -22.15
N ASN A 131 -0.33 -37.57 -22.64
CA ASN A 131 0.36 -38.33 -23.68
C ASN A 131 -0.47 -38.36 -24.96
N ALA A 132 -1.48 -37.47 -25.06
CA ALA A 132 -2.32 -37.37 -26.25
C ALA A 132 -1.54 -36.77 -27.44
N SER A 133 -1.93 -37.14 -28.66
CA SER A 133 -1.13 -36.79 -29.84
C SER A 133 -1.32 -35.35 -30.22
N ASN A 134 -2.57 -34.92 -30.24
CA ASN A 134 -2.91 -33.53 -30.38
C ASN A 134 -3.31 -32.95 -29.01
N LEU A 135 -2.38 -32.21 -28.40
CA LEU A 135 -2.57 -31.73 -27.03
C LEU A 135 -3.66 -30.66 -26.97
N LYS A 136 -3.73 -29.83 -27.99
CA LYS A 136 -4.76 -28.80 -28.07
C LYS A 136 -6.13 -29.45 -28.13
N LYS A 137 -6.29 -30.48 -28.97
CA LYS A 137 -7.60 -31.15 -29.11
C LYS A 137 -8.02 -31.79 -27.79
N GLU A 138 -7.08 -32.46 -27.13
CA GLU A 138 -7.30 -33.01 -25.81
C GLU A 138 -7.91 -31.97 -24.82
N CYS A 139 -7.27 -30.81 -24.72
CA CYS A 139 -7.80 -29.71 -23.89
C CYS A 139 -9.22 -29.33 -24.29
N GLU A 140 -9.44 -29.24 -25.60
CA GLU A 140 -10.71 -28.81 -26.17
C GLU A 140 -11.81 -29.83 -25.88
N GLU A 141 -11.42 -31.11 -25.89
CA GLU A 141 -12.33 -32.21 -25.69
C GLU A 141 -12.64 -32.34 -24.19
N TYR A 142 -11.64 -32.06 -23.35
CA TYR A 142 -11.85 -31.96 -21.90
C TYR A 142 -12.91 -30.92 -21.54
N GLU A 143 -12.85 -29.72 -22.12
CA GLU A 143 -13.86 -28.68 -21.84
C GLU A 143 -15.26 -29.05 -22.34
N LYS A 144 -15.30 -29.68 -23.52
CA LYS A 144 -16.51 -30.21 -24.10
C LYS A 144 -17.11 -31.27 -23.19
N LYS A 145 -16.30 -32.19 -22.70
CA LYS A 145 -16.84 -33.25 -21.82
C LYS A 145 -17.46 -32.67 -20.55
N ILE A 146 -16.78 -31.68 -19.94
CA ILE A 146 -17.32 -31.04 -18.75
C ILE A 146 -18.71 -30.54 -19.03
N LYS A 147 -18.83 -29.81 -20.15
CA LYS A 147 -20.08 -29.18 -20.58
C LYS A 147 -21.15 -30.17 -20.98
N SER A 148 -20.75 -31.33 -21.50
CA SER A 148 -21.71 -32.39 -21.88
C SER A 148 -22.53 -32.86 -20.70
N PHE A 149 -21.96 -32.78 -19.50
CA PHE A 149 -22.64 -33.12 -18.26
C PHE A 149 -23.35 -31.96 -17.55
N GLY A 150 -23.44 -30.81 -18.21
CA GLY A 150 -24.03 -29.60 -17.61
C GLY A 150 -23.13 -28.76 -16.69
N GLY A 151 -21.85 -29.07 -16.67
CA GLY A 151 -20.89 -28.29 -15.87
C GLY A 151 -20.54 -29.00 -14.57
N ILE A 152 -19.44 -28.58 -13.95
CA ILE A 152 -19.03 -29.10 -12.66
C ILE A 152 -19.89 -28.50 -11.55
N MET A 153 -20.36 -29.35 -10.64
CA MET A 153 -21.23 -28.92 -9.54
C MET A 153 -20.49 -28.40 -8.33
N LEU A 154 -19.38 -29.02 -8.01
CA LEU A 154 -18.52 -28.65 -6.90
C LEU A 154 -17.14 -28.92 -7.37
N PHE A 155 -16.29 -27.89 -7.36
CA PHE A 155 -14.88 -28.07 -7.70
C PHE A 155 -14.07 -27.82 -6.43
N VAL A 156 -13.23 -28.77 -6.07
CA VAL A 156 -12.37 -28.62 -4.91
C VAL A 156 -10.94 -28.29 -5.33
N GLY A 157 -10.33 -27.29 -4.69
CA GLY A 157 -8.95 -26.96 -4.98
C GLY A 157 -8.13 -26.56 -3.78
N GLY A 158 -6.85 -26.34 -4.00
CA GLY A 158 -5.99 -25.76 -2.97
C GLY A 158 -5.27 -24.57 -3.57
N ILE A 159 -4.39 -23.95 -2.81
CA ILE A 159 -3.54 -22.95 -3.40
C ILE A 159 -2.09 -23.00 -2.98
N GLY A 160 -1.22 -22.49 -3.87
CA GLY A 160 0.21 -22.47 -3.63
C GLY A 160 0.58 -21.23 -2.87
N PRO A 161 1.84 -21.13 -2.40
CA PRO A 161 2.26 -19.95 -1.65
C PRO A 161 2.23 -18.65 -2.48
N ASP A 162 2.25 -18.77 -3.80
CA ASP A 162 2.14 -17.59 -4.66
C ASP A 162 0.73 -17.36 -5.20
N GLY A 163 -0.24 -18.02 -4.59
CA GLY A 163 -1.64 -17.86 -4.94
C GLY A 163 -2.11 -18.66 -6.15
N HIS A 164 -1.22 -19.48 -6.71
CA HIS A 164 -1.60 -20.29 -7.87
C HIS A 164 -2.64 -21.36 -7.49
N ILE A 165 -3.43 -21.76 -8.48
CA ILE A 165 -4.22 -22.96 -8.37
C ILE A 165 -4.01 -23.83 -9.61
N ALA A 166 -3.77 -25.12 -9.35
CA ALA A 166 -3.45 -26.07 -10.42
C ALA A 166 -2.19 -25.51 -11.01
N PHE A 167 -2.01 -25.64 -12.33
CA PHE A 167 -0.83 -25.03 -12.94
C PHE A 167 -1.23 -23.65 -13.50
N ASN A 168 -2.27 -23.01 -12.93
CA ASN A 168 -2.58 -21.61 -13.22
C ASN A 168 -1.67 -20.66 -12.41
N GLU A 169 -0.44 -20.58 -12.87
CA GLU A 169 0.63 -19.79 -12.26
C GLU A 169 0.36 -18.28 -12.41
N PRO A 170 1.10 -17.44 -11.65
CA PRO A 170 0.92 -15.99 -11.73
C PRO A 170 1.02 -15.50 -13.18
N GLY A 171 0.16 -14.57 -13.56
CA GLY A 171 0.12 -14.09 -14.94
C GLY A 171 -0.83 -14.88 -15.82
N SER A 172 -1.36 -15.98 -15.29
CA SER A 172 -2.38 -16.74 -16.00
C SER A 172 -3.59 -15.86 -16.12
N SER A 173 -4.21 -15.84 -17.27
CA SER A 173 -5.43 -15.11 -17.44
C SER A 173 -6.53 -15.44 -16.44
N LEU A 174 -7.16 -14.40 -15.93
CA LEU A 174 -8.25 -14.57 -14.96
C LEU A 174 -9.50 -15.24 -15.51
N THR A 175 -9.58 -15.38 -16.84
CA THR A 175 -10.62 -16.12 -17.54
C THR A 175 -10.04 -17.23 -18.39
N SER A 176 -8.88 -17.75 -18.01
CA SER A 176 -8.22 -18.81 -18.78
C SER A 176 -9.04 -20.14 -18.87
N ARG A 177 -8.87 -20.89 -19.95
CA ARG A 177 -9.53 -22.19 -20.13
C ARG A 177 -8.46 -23.28 -20.08
N THR A 178 -8.86 -24.53 -20.33
CA THR A 178 -7.95 -25.67 -20.37
C THR A 178 -6.91 -25.58 -21.50
N ARG A 179 -5.65 -25.86 -21.20
CA ARG A 179 -4.60 -25.52 -22.17
C ARG A 179 -3.27 -26.12 -21.77
N ILE A 180 -2.31 -26.07 -22.69
CA ILE A 180 -0.95 -26.48 -22.41
C ILE A 180 -0.33 -25.40 -21.55
N LYS A 181 0.45 -25.80 -20.55
CA LYS A 181 1.12 -24.86 -19.69
C LYS A 181 2.60 -25.26 -19.63
N THR A 182 3.49 -24.35 -20.01
CA THR A 182 4.90 -24.55 -19.75
C THR A 182 5.16 -24.14 -18.32
N LEU A 183 5.75 -25.04 -17.55
CA LEU A 183 6.06 -24.77 -16.14
C LEU A 183 7.23 -23.81 -15.99
N THR A 184 7.09 -22.89 -15.03
CA THR A 184 8.10 -21.88 -14.73
C THR A 184 9.07 -22.41 -13.69
N GLN A 185 10.19 -21.70 -13.54
CA GLN A 185 11.28 -22.07 -12.62
C GLN A 185 10.84 -22.47 -11.21
N ASP A 186 9.97 -21.69 -10.58
CA ASP A 186 9.56 -22.01 -9.20
C ASP A 186 8.63 -23.23 -9.06
N THR A 187 7.79 -23.47 -10.06
CA THR A 187 6.99 -24.71 -10.10
C THR A 187 7.93 -25.92 -10.26
N ILE A 188 8.85 -25.84 -11.21
CA ILE A 188 9.82 -26.90 -11.42
C ILE A 188 10.64 -27.20 -10.14
N ILE A 189 11.09 -26.15 -9.46
CA ILE A 189 11.86 -26.32 -8.23
C ILE A 189 11.04 -26.96 -7.11
N ALA A 190 9.82 -26.46 -6.90
CA ALA A 190 8.93 -27.00 -5.86
C ALA A 190 8.54 -28.46 -6.10
N ASN A 191 8.39 -28.85 -7.36
CA ASN A 191 8.01 -30.22 -7.67
C ASN A 191 9.21 -31.15 -7.85
N SER A 192 10.41 -30.56 -7.87
CA SER A 192 11.65 -31.34 -7.97
C SER A 192 11.78 -32.38 -6.84
N ARG A 193 11.19 -32.07 -5.67
CA ARG A 193 11.15 -32.98 -4.50
C ARG A 193 10.50 -34.34 -4.79
N PHE A 194 9.59 -34.38 -5.77
CA PHE A 194 8.95 -35.65 -6.20
C PHE A 194 9.67 -36.35 -7.36
N PHE A 195 10.79 -35.80 -7.81
CA PHE A 195 11.48 -36.32 -8.99
C PHE A 195 12.99 -36.47 -8.80
N GLU A 196 13.41 -36.85 -7.58
CA GLU A 196 14.83 -37.17 -7.28
C GLU A 196 15.62 -35.88 -6.97
N GLY A 197 14.89 -34.86 -6.51
CA GLY A 197 15.48 -33.55 -6.24
C GLY A 197 16.21 -32.96 -7.43
N ASP A 198 15.94 -33.48 -8.63
CA ASP A 198 16.61 -33.07 -9.84
C ASP A 198 15.60 -32.34 -10.75
N VAL A 199 15.81 -31.03 -10.90
CA VAL A 199 14.91 -30.16 -11.67
C VAL A 199 14.77 -30.59 -13.13
N ASN A 200 15.79 -31.27 -13.64
CA ASN A 200 15.79 -31.72 -15.04
C ASN A 200 14.99 -33.00 -15.27
N LYS A 201 14.51 -33.59 -14.19
CA LYS A 201 13.62 -34.74 -14.24
C LYS A 201 12.13 -34.34 -14.29
N VAL A 202 11.81 -33.13 -13.77
CA VAL A 202 10.42 -32.61 -13.74
C VAL A 202 9.94 -32.36 -15.18
N PRO A 203 8.77 -32.92 -15.55
CA PRO A 203 8.31 -32.68 -16.92
C PRO A 203 8.11 -31.18 -17.18
N LYS A 204 8.49 -30.72 -18.37
CA LYS A 204 8.57 -29.28 -18.65
C LYS A 204 7.23 -28.60 -18.77
N ASN A 205 6.22 -29.39 -19.15
CA ASN A 205 4.88 -28.92 -19.49
C ASN A 205 3.78 -29.77 -18.86
N ALA A 206 2.56 -29.25 -18.86
CA ALA A 206 1.40 -29.92 -18.26
C ALA A 206 0.16 -29.48 -19.01
N LEU A 207 -0.91 -30.26 -18.93
CA LEU A 207 -2.23 -29.76 -19.36
C LEU A 207 -2.91 -29.34 -18.09
N THR A 208 -3.67 -28.27 -18.13
CA THR A 208 -4.33 -27.80 -16.92
C THR A 208 -5.67 -27.19 -17.25
N VAL A 209 -6.67 -27.42 -16.41
CA VAL A 209 -7.90 -26.63 -16.52
C VAL A 209 -7.55 -25.18 -16.20
N GLY A 210 -8.33 -24.26 -16.74
CA GLY A 210 -8.08 -22.86 -16.49
C GLY A 210 -8.83 -22.30 -15.29
N ILE A 211 -8.58 -21.02 -15.04
CA ILE A 211 -9.29 -20.26 -14.00
C ILE A 211 -10.75 -20.11 -14.39
N GLY A 212 -11.00 -19.79 -15.66
CA GLY A 212 -12.35 -19.75 -16.15
C GLY A 212 -13.03 -21.12 -16.05
N THR A 213 -12.32 -22.20 -16.35
CA THR A 213 -12.87 -23.53 -16.21
C THR A 213 -13.34 -23.83 -14.76
N ILE A 214 -12.48 -23.50 -13.79
CA ILE A 214 -12.81 -23.71 -12.37
C ILE A 214 -14.02 -22.88 -11.94
N MET A 215 -14.01 -21.59 -12.32
CA MET A 215 -15.06 -20.68 -11.94
CA MET A 215 -15.05 -20.61 -12.01
C MET A 215 -16.41 -20.93 -12.63
N ASP A 216 -16.42 -21.70 -13.72
CA ASP A 216 -17.68 -22.15 -14.34
C ASP A 216 -18.45 -23.09 -13.38
N SER A 217 -17.79 -23.61 -12.36
CA SER A 217 -18.46 -24.58 -11.49
C SER A 217 -19.59 -23.91 -10.67
N GLN A 218 -20.65 -24.65 -10.36
CA GLN A 218 -21.70 -24.12 -9.51
C GLN A 218 -21.16 -23.69 -8.13
N GLU A 219 -20.17 -24.43 -7.61
CA GLU A 219 -19.63 -24.16 -6.29
C GLU A 219 -18.12 -24.44 -6.28
N VAL A 220 -17.35 -23.67 -5.54
CA VAL A 220 -15.92 -23.90 -5.44
C VAL A 220 -15.54 -23.97 -3.96
N LEU A 221 -14.76 -24.99 -3.61
CA LEU A 221 -14.32 -25.16 -2.24
C LEU A 221 -12.81 -25.16 -2.21
N ILE A 222 -12.21 -24.25 -1.46
CA ILE A 222 -10.75 -24.14 -1.47
C ILE A 222 -10.25 -24.49 -0.08
N ILE A 223 -9.25 -25.35 -0.03
CA ILE A 223 -8.61 -25.77 1.20
C ILE A 223 -7.25 -25.07 1.30
N VAL A 224 -7.01 -24.37 2.40
CA VAL A 224 -5.75 -23.66 2.61
C VAL A 224 -5.18 -23.96 3.99
N ASN A 225 -3.91 -24.30 4.07
CA ASN A 225 -3.28 -24.47 5.38
C ASN A 225 -1.81 -24.09 5.41
N GLY A 226 -1.37 -23.62 6.56
CA GLY A 226 0.04 -23.42 6.84
C GLY A 226 0.43 -21.99 6.68
N HIS A 227 1.45 -21.59 7.46
CA HIS A 227 1.99 -20.23 7.43
C HIS A 227 2.47 -19.77 6.05
N ASN A 228 2.97 -20.71 5.27
CA ASN A 228 3.52 -20.38 3.97
C ASN A 228 2.44 -20.06 2.94
N LYS A 229 1.16 -20.19 3.32
CA LYS A 229 0.03 -19.80 2.47
C LYS A 229 -0.64 -18.53 2.96
N ALA A 230 -0.15 -17.97 4.09
CA ALA A 230 -0.78 -16.79 4.69
C ALA A 230 -0.80 -15.54 3.78
N ARG A 231 0.31 -15.23 3.13
CA ARG A 231 0.37 -14.11 2.23
C ARG A 231 -0.62 -14.26 1.07
N ALA A 232 -0.71 -15.48 0.51
CA ALA A 232 -1.63 -15.78 -0.59
C ALA A 232 -3.08 -15.67 -0.19
N LEU A 233 -3.43 -16.15 1.00
CA LEU A 233 -4.81 -16.03 1.46
C LEU A 233 -5.24 -14.54 1.63
N LYS A 234 -4.33 -13.71 2.16
CA LYS A 234 -4.58 -12.27 2.27
C LYS A 234 -4.87 -11.70 0.88
N HIS A 235 -4.04 -12.06 -0.10
CA HIS A 235 -4.22 -11.55 -1.45
C HIS A 235 -5.49 -12.12 -2.07
N ALA A 236 -5.87 -13.32 -1.64
CA ALA A 236 -7.15 -13.90 -2.05
C ALA A 236 -8.41 -13.15 -1.53
N ILE A 237 -8.37 -12.74 -0.28
CA ILE A 237 -9.56 -12.35 0.51
C ILE A 237 -9.67 -10.85 0.58
N GLU A 238 -8.53 -10.18 0.77
CA GLU A 238 -8.51 -8.77 1.12
C GLU A 238 -8.10 -7.83 0.00
N LYS A 239 -7.35 -8.33 -0.97
CA LYS A 239 -6.74 -7.47 -1.98
C LYS A 239 -7.56 -7.54 -3.25
N GLY A 240 -7.33 -6.63 -4.17
CA GLY A 240 -8.13 -6.58 -5.38
C GLY A 240 -7.89 -7.73 -6.32
N VAL A 241 -8.84 -8.00 -7.20
CA VAL A 241 -8.67 -9.03 -8.20
C VAL A 241 -7.40 -8.72 -9.00
N ASN A 242 -6.52 -9.72 -9.13
CA ASN A 242 -5.15 -9.53 -9.59
C ASN A 242 -4.58 -10.83 -10.14
N HIS A 243 -4.15 -10.79 -11.40
CA HIS A 243 -3.67 -11.99 -12.11
C HIS A 243 -2.36 -12.56 -11.57
N MET A 244 -1.64 -11.79 -10.75
CA MET A 244 -0.45 -12.31 -10.08
C MET A 244 -0.80 -13.24 -8.89
N TRP A 245 -2.05 -13.18 -8.42
CA TRP A 245 -2.61 -14.06 -7.37
C TRP A 245 -3.92 -14.66 -7.89
N THR A 246 -3.79 -15.72 -8.72
CA THR A 246 -4.88 -16.20 -9.58
C THR A 246 -6.10 -16.65 -8.81
N ILE A 247 -5.89 -17.01 -7.54
CA ILE A 247 -6.98 -17.41 -6.66
C ILE A 247 -7.95 -16.23 -6.36
N SER A 248 -7.46 -15.01 -6.44
CA SER A 248 -8.28 -13.80 -6.18
C SER A 248 -9.49 -13.71 -7.13
N ALA A 249 -9.44 -14.49 -8.21
CA ALA A 249 -10.54 -14.57 -9.18
C ALA A 249 -11.78 -15.13 -8.53
N LEU A 250 -11.62 -15.96 -7.49
CA LEU A 250 -12.81 -16.48 -6.77
C LEU A 250 -13.73 -15.35 -6.30
N GLN A 251 -13.20 -14.14 -6.19
CA GLN A 251 -14.02 -13.01 -5.69
C GLN A 251 -15.17 -12.71 -6.62
N LEU A 252 -15.07 -13.15 -7.88
CA LEU A 252 -16.13 -12.95 -8.87
C LEU A 252 -17.09 -14.14 -8.96
N HIS A 253 -16.74 -15.24 -8.31
CA HIS A 253 -17.60 -16.41 -8.33
C HIS A 253 -18.82 -16.19 -7.40
N LYS A 254 -19.95 -16.78 -7.78
CA LYS A 254 -21.16 -16.65 -6.98
C LYS A 254 -21.26 -17.52 -5.72
N ASN A 255 -20.46 -18.57 -5.61
CA ASN A 255 -20.69 -19.59 -4.59
C ASN A 255 -19.35 -20.22 -4.23
N ALA A 256 -18.53 -19.48 -3.48
CA ALA A 256 -17.17 -19.85 -3.14
C ALA A 256 -16.96 -19.97 -1.61
N ILE A 257 -16.26 -21.03 -1.22
CA ILE A 257 -15.99 -21.29 0.18
C ILE A 257 -14.51 -21.59 0.32
N ILE A 258 -13.87 -20.97 1.32
CA ILE A 258 -12.48 -21.28 1.59
C ILE A 258 -12.44 -21.86 2.98
N VAL A 259 -11.74 -22.97 3.15
CA VAL A 259 -11.57 -23.51 4.49
C VAL A 259 -10.09 -23.43 4.84
N SER A 260 -9.78 -22.78 5.96
CA SER A 260 -8.40 -22.40 6.27
C SER A 260 -8.03 -22.84 7.67
N ASP A 261 -6.80 -23.28 7.88
CA ASP A 261 -6.39 -23.52 9.27
C ASP A 261 -6.02 -22.19 9.91
N LYS A 262 -5.78 -22.19 11.22
CA LYS A 262 -5.49 -20.91 11.85
C LYS A 262 -4.18 -20.31 11.32
N ASN A 263 -3.19 -21.17 11.10
CA ASN A 263 -1.88 -20.69 10.67
C ASN A 263 -1.93 -19.96 9.32
N ALA A 264 -2.82 -20.39 8.41
CA ALA A 264 -2.92 -19.68 7.10
C ALA A 264 -3.58 -18.29 7.21
N THR A 265 -4.16 -17.98 8.39
CA THR A 265 -4.82 -16.68 8.54
C THR A 265 -3.91 -15.57 9.07
N TYR A 266 -2.62 -15.86 9.30
CA TYR A 266 -1.75 -14.88 9.94
C TYR A 266 -1.57 -13.56 9.22
N GLU A 267 -1.84 -13.50 7.93
CA GLU A 267 -1.66 -12.20 7.24
C GLU A 267 -2.95 -11.43 7.06
N LEU A 268 -4.07 -12.05 7.40
CA LEU A 268 -5.37 -11.40 7.39
C LEU A 268 -5.54 -10.45 8.57
N LYS A 269 -6.43 -9.47 8.42
CA LYS A 269 -6.77 -8.58 9.52
C LYS A 269 -7.60 -9.31 10.56
N VAL A 270 -7.41 -8.93 11.81
CA VAL A 270 -8.21 -9.43 12.93
C VAL A 270 -9.68 -9.27 12.58
N GLY A 271 -10.05 -8.09 12.10
CA GLY A 271 -11.42 -7.77 11.72
C GLY A 271 -12.02 -8.64 10.60
N THR A 272 -11.20 -9.06 9.64
CA THR A 272 -11.63 -9.98 8.57
C THR A 272 -12.00 -11.37 9.14
N VAL A 273 -11.12 -11.89 9.98
CA VAL A 273 -11.36 -13.15 10.64
C VAL A 273 -12.61 -13.06 11.52
N GLU A 274 -12.75 -11.98 12.29
CA GLU A 274 -13.94 -11.85 13.16
C GLU A 274 -15.20 -11.76 12.29
N TYR A 275 -15.09 -11.07 11.17
CA TYR A 275 -16.23 -10.84 10.29
C TYR A 275 -16.75 -12.17 9.69
N PHE A 276 -15.83 -12.97 9.14
CA PHE A 276 -16.23 -14.27 8.60
C PHE A 276 -16.60 -15.30 9.69
N ASN A 277 -16.00 -15.20 10.89
CA ASN A 277 -16.42 -16.08 12.00
C ASN A 277 -17.87 -15.81 12.42
N ASP A 278 -18.23 -14.53 12.46
CA ASP A 278 -19.58 -14.14 12.77
C ASP A 278 -20.57 -14.63 11.67
N ILE A 279 -20.21 -14.52 10.40
CA ILE A 279 -21.05 -15.04 9.29
C ILE A 279 -21.41 -16.53 9.55
N GLU A 280 -20.43 -17.34 9.94
CA GLU A 280 -20.68 -18.74 10.31
C GLU A 280 -21.61 -18.98 11.51
N ARG A 281 -21.45 -18.20 12.59
CA ARG A 281 -22.36 -18.28 13.74
C ARG A 281 -23.81 -17.93 13.37
N LYS A 282 -23.98 -16.83 12.64
CA LYS A 282 -25.29 -16.34 12.20
C LYS A 282 -25.90 -17.27 11.15
N ASN A 283 -25.05 -17.89 10.32
CA ASN A 283 -25.49 -18.89 9.34
C ASN A 283 -26.03 -20.11 10.10
N PHE A 284 -25.29 -20.56 11.11
CA PHE A 284 -25.72 -21.70 11.91
C PHE A 284 -27.06 -21.43 12.65
N ASN A 285 -27.19 -20.23 13.21
CA ASN A 285 -28.36 -19.81 14.02
C ASN A 285 -29.50 -19.06 13.29
N ASN A 286 -29.69 -19.32 11.98
CA ASN A 286 -30.59 -18.49 11.14
C ASN A 286 -32.02 -19.01 10.90
N ASP A 287 -32.32 -20.21 11.40
CA ASP A 287 -33.64 -20.84 11.28
C ASP A 287 -34.06 -21.23 9.84
N LEU A 288 -33.05 -21.53 9.01
CA LEU A 288 -33.22 -21.98 7.62
C LEU A 288 -32.32 -23.20 7.35
N LYS A 289 -32.83 -24.14 6.55
CA LYS A 289 -32.09 -25.35 6.15
C LYS A 289 -32.92 -26.13 5.11
N PRO B 19 30.66 7.99 -1.51
CA PRO B 19 29.93 8.54 -2.68
C PRO B 19 29.00 9.73 -2.31
N GLY B 20 28.47 9.68 -1.07
CA GLY B 20 27.54 10.68 -0.52
C GLY B 20 26.19 10.16 -0.01
N SER B 21 26.02 8.83 0.13
CA SER B 21 24.72 8.21 0.51
C SER B 21 24.87 6.75 1.01
N MET B 22 23.80 6.16 1.58
CA MET B 22 23.81 4.71 1.91
C MET B 22 24.15 3.95 0.65
N ARG B 23 24.85 2.84 0.81
CA ARG B 23 25.35 2.10 -0.31
C ARG B 23 24.74 0.73 -0.40
N LEU B 24 24.38 0.33 -1.61
CA LEU B 24 23.89 -1.03 -1.90
C LEU B 24 24.74 -1.68 -2.99
N ILE B 25 25.46 -2.74 -2.61
CA ILE B 25 26.35 -3.46 -3.49
C ILE B 25 25.72 -4.77 -3.83
N ILE B 26 25.43 -4.96 -5.11
CA ILE B 26 24.79 -6.19 -5.57
C ILE B 26 25.77 -6.99 -6.39
N ARG B 27 25.97 -8.24 -5.97
CA ARG B 27 26.82 -9.20 -6.66
C ARG B 27 26.00 -10.48 -6.90
N PRO B 28 26.39 -11.30 -7.91
CA PRO B 28 25.60 -12.49 -8.24
C PRO B 28 25.36 -13.49 -7.14
N THR B 29 26.41 -13.86 -6.40
CA THR B 29 26.30 -15.03 -5.55
C THR B 29 26.73 -14.77 -4.09
N TYR B 30 26.37 -15.70 -3.23
CA TYR B 30 26.82 -15.69 -1.85
C TYR B 30 28.34 -15.58 -1.71
N GLU B 31 29.07 -16.30 -2.56
CA GLU B 31 30.53 -16.31 -2.50
C GLU B 31 31.07 -14.94 -2.88
N ASP B 32 30.50 -14.34 -3.93
CA ASP B 32 30.97 -13.01 -4.37
C ASP B 32 30.77 -11.98 -3.26
N ILE B 33 29.62 -12.01 -2.57
CA ILE B 33 29.35 -11.01 -1.51
C ILE B 33 30.25 -11.22 -0.32
N SER B 34 30.55 -12.48 -0.02
CA SER B 34 31.46 -12.83 1.06
C SER B 34 32.88 -12.29 0.81
N LYS B 35 33.31 -12.35 -0.46
CA LYS B 35 34.60 -11.86 -0.86
C LYS B 35 34.62 -10.34 -0.80
N TRP B 36 33.54 -9.73 -1.29
CA TRP B 36 33.47 -8.27 -1.29
C TRP B 36 33.57 -7.77 0.15
N ALA B 37 32.81 -8.41 1.03
CA ALA B 37 32.78 -8.05 2.45
C ALA B 37 34.15 -8.25 3.14
N ALA B 38 34.77 -9.41 2.94
CA ALA B 38 36.07 -9.70 3.58
C ALA B 38 37.10 -8.66 3.15
N ASN B 39 37.10 -8.34 1.86
CA ASN B 39 37.98 -7.30 1.30
C ASN B 39 37.67 -5.95 1.90
N HIS B 40 36.38 -5.66 2.07
CA HIS B 40 36.00 -4.37 2.61
C HIS B 40 36.48 -4.22 4.08
N VAL B 41 36.37 -5.29 4.85
CA VAL B 41 36.82 -5.29 6.25
C VAL B 41 38.33 -5.14 6.28
N ALA B 42 39.04 -5.87 5.42
CA ALA B 42 40.50 -5.81 5.33
C ALA B 42 40.99 -4.41 4.96
N GLN B 43 40.32 -3.82 3.98
CA GLN B 43 40.64 -2.48 3.50
C GLN B 43 40.47 -1.44 4.63
N LYS B 44 39.38 -1.52 5.40
CA LYS B 44 39.15 -0.55 6.50
C LYS B 44 40.18 -0.61 7.60
N ILE B 45 40.52 -1.83 8.03
CA ILE B 45 41.55 -2.05 9.03
C ILE B 45 42.94 -1.67 8.52
N ASN B 46 43.26 -2.06 7.30
CA ASN B 46 44.57 -1.71 6.75
C ASN B 46 44.78 -0.22 6.59
N GLU B 47 43.76 0.50 6.10
CA GLU B 47 43.83 1.96 6.03
C GLU B 47 43.92 2.57 7.42
N PHE B 48 43.25 1.96 8.40
CA PHE B 48 43.28 2.51 9.75
C PHE B 48 44.66 2.31 10.33
N SER B 49 45.23 1.14 10.05
CA SER B 49 46.56 0.72 10.49
C SER B 49 46.64 0.64 12.00
N PRO B 50 45.90 -0.27 12.61
CA PRO B 50 45.83 -0.29 14.07
C PRO B 50 47.22 -0.47 14.72
N THR B 51 47.34 -0.06 15.99
CA THR B 51 48.54 -0.32 16.83
C THR B 51 48.05 -0.74 18.22
N LYS B 52 48.98 -1.21 19.08
CA LYS B 52 48.71 -1.46 20.51
C LYS B 52 48.00 -0.26 21.18
N GLU B 53 48.42 0.95 20.82
CA GLU B 53 47.86 2.16 21.42
C GLU B 53 46.53 2.60 20.82
N ASN B 54 46.40 2.47 19.49
CA ASN B 54 45.19 2.83 18.79
C ASN B 54 44.73 1.64 17.92
N PRO B 55 44.07 0.66 18.55
CA PRO B 55 43.61 -0.53 17.86
C PRO B 55 42.29 -0.25 17.11
N PHE B 56 41.93 -1.16 16.22
CA PHE B 56 40.71 -1.11 15.42
C PHE B 56 39.63 -1.90 16.16
N ILE B 57 38.44 -1.32 16.22
CA ILE B 57 37.35 -1.90 17.04
C ILE B 57 36.28 -2.50 16.13
N LEU B 58 36.10 -3.81 16.21
CA LEU B 58 35.32 -4.53 15.19
C LEU B 58 34.15 -5.29 15.80
N GLY B 59 32.93 -5.04 15.30
CA GLY B 59 31.73 -5.76 15.75
C GLY B 59 31.36 -6.85 14.75
N LEU B 60 30.99 -8.03 15.26
CA LEU B 60 30.87 -9.20 14.40
C LEU B 60 29.57 -9.92 14.65
N PRO B 61 29.05 -10.61 13.62
CA PRO B 61 27.83 -11.42 13.75
C PRO B 61 28.17 -12.90 13.89
N THR B 62 27.20 -13.71 14.31
CA THR B 62 27.25 -15.16 14.05
C THR B 62 26.23 -15.47 12.94
N GLY B 63 25.84 -16.73 12.81
CA GLY B 63 24.87 -17.15 11.80
C GLY B 63 25.56 -17.70 10.55
N SER B 64 24.76 -18.20 9.63
CA SER B 64 25.31 -18.68 8.38
C SER B 64 25.86 -17.52 7.50
N SER B 65 25.23 -16.36 7.55
CA SER B 65 25.63 -15.20 6.71
C SER B 65 27.12 -14.84 6.64
N PRO B 66 27.79 -14.70 7.81
CA PRO B 66 29.18 -14.22 7.77
C PRO B 66 30.23 -15.30 7.49
N ILE B 67 29.82 -16.56 7.36
CA ILE B 67 30.78 -17.66 7.23
C ILE B 67 31.75 -17.52 6.08
N GLY B 68 31.25 -17.31 4.87
CA GLY B 68 32.09 -17.03 3.71
C GLY B 68 33.07 -15.88 3.96
N MET B 69 32.59 -14.78 4.55
CA MET B 69 33.45 -13.64 4.91
C MET B 69 34.54 -14.09 5.88
N TYR B 70 34.16 -14.89 6.86
CA TYR B 70 35.16 -15.38 7.81
C TYR B 70 36.25 -16.19 7.09
N LYS B 71 35.82 -17.11 6.22
CA LYS B 71 36.77 -17.92 5.48
C LYS B 71 37.73 -17.06 4.67
N ASN B 72 37.22 -16.01 4.02
CA ASN B 72 38.07 -15.18 3.18
C ASN B 72 39.07 -14.37 4.00
N LEU B 73 38.67 -13.97 5.21
CA LEU B 73 39.54 -13.19 6.08
C LEU B 73 40.69 -14.04 6.67
N ILE B 74 40.40 -15.30 6.98
CA ILE B 74 41.39 -16.28 7.41
C ILE B 74 42.46 -16.47 6.32
N GLU B 75 42.00 -16.60 5.08
CA GLU B 75 42.89 -16.71 3.92
C GLU B 75 43.77 -15.46 3.75
N LEU B 76 43.16 -14.27 3.73
CA LEU B 76 43.93 -13.03 3.65
C LEU B 76 44.97 -12.89 4.78
N ASN B 77 44.61 -13.40 5.96
CA ASN B 77 45.48 -13.38 7.13
C ASN B 77 46.68 -14.33 6.94
N LYS B 78 46.43 -15.52 6.38
CA LYS B 78 47.50 -16.47 6.06
C LYS B 78 48.52 -15.91 5.07
N ASN B 79 48.02 -15.20 4.03
CA ASN B 79 48.86 -14.53 3.04
C ASN B 79 49.38 -13.16 3.49
N LYS B 80 49.36 -12.90 4.80
CA LYS B 80 49.83 -11.62 5.38
C LYS B 80 49.30 -10.36 4.69
N LYS B 81 48.07 -10.42 4.20
CA LYS B 81 47.41 -9.23 3.65
C LYS B 81 46.68 -8.45 4.77
N ILE B 82 46.57 -9.06 5.95
CA ILE B 82 45.86 -8.48 7.11
C ILE B 82 46.31 -9.10 8.42
N SER B 83 46.46 -8.29 9.46
CA SER B 83 46.78 -8.83 10.77
C SER B 83 45.70 -8.38 11.77
N PHE B 84 45.31 -9.30 12.65
CA PHE B 84 44.33 -9.03 13.71
C PHE B 84 44.96 -8.76 15.06
N GLN B 85 46.28 -8.50 15.08
CA GLN B 85 46.99 -8.39 16.36
C GLN B 85 46.43 -7.27 17.20
N ASN B 86 46.07 -6.19 16.52
CA ASN B 86 45.55 -5.01 17.18
C ASN B 86 44.10 -4.66 16.79
N VAL B 87 43.30 -5.71 16.67
CA VAL B 87 41.89 -5.58 16.37
C VAL B 87 41.15 -6.06 17.59
N ILE B 88 40.27 -5.22 18.11
CA ILE B 88 39.48 -5.60 19.27
C ILE B 88 38.07 -5.91 18.75
N THR B 89 37.51 -7.06 19.13
CA THR B 89 36.20 -7.48 18.66
C THR B 89 35.11 -7.48 19.72
N PHE B 90 33.91 -7.07 19.32
CA PHE B 90 32.71 -7.26 20.12
C PHE B 90 31.72 -8.00 19.27
N ASN B 91 31.18 -9.07 19.83
CA ASN B 91 30.13 -9.84 19.24
C ASN B 91 28.72 -9.39 19.65
N MET B 92 27.73 -9.65 18.80
CA MET B 92 26.38 -9.16 19.01
C MET B 92 25.67 -9.69 20.26
N ASP B 93 25.81 -10.99 20.50
CA ASP B 93 24.95 -11.68 21.42
C ASP B 93 25.50 -13.03 21.86
N GLU B 94 24.82 -13.62 22.84
CA GLU B 94 25.09 -14.96 23.34
C GLU B 94 23.85 -15.41 24.12
N TYR B 95 23.63 -16.71 24.19
CA TYR B 95 22.53 -17.23 24.96
C TYR B 95 22.84 -17.04 26.47
N ILE B 96 21.79 -16.95 27.27
CA ILE B 96 21.91 -16.95 28.73
C ILE B 96 21.85 -18.40 29.22
N GLY B 97 22.82 -18.80 30.04
CA GLY B 97 22.80 -20.11 30.70
C GLY B 97 23.30 -21.28 29.86
N ILE B 98 24.14 -21.00 28.88
CA ILE B 98 24.82 -22.05 28.11
C ILE B 98 26.30 -22.03 28.42
N GLU B 99 26.87 -23.21 28.65
CA GLU B 99 28.28 -23.34 28.93
C GLU B 99 29.06 -22.79 27.74
N GLU B 100 30.08 -21.98 28.00
CA GLU B 100 30.97 -21.46 26.94
C GLU B 100 31.53 -22.54 26.01
N ASN B 101 31.67 -23.77 26.53
CA ASN B 101 32.20 -24.89 25.75
C ASN B 101 31.15 -25.73 25.02
N HIS B 102 29.87 -25.40 25.19
CA HIS B 102 28.81 -26.05 24.40
C HIS B 102 29.05 -25.74 22.92
N PRO B 103 29.03 -26.76 22.04
CA PRO B 103 29.29 -26.47 20.62
C PRO B 103 28.35 -25.43 19.97
N GLU B 104 27.18 -25.17 20.58
CA GLU B 104 26.18 -24.26 19.97
C GLU B 104 26.17 -22.90 20.63
N SER B 105 27.07 -22.70 21.59
CA SER B 105 27.26 -21.40 22.19
C SER B 105 27.85 -20.47 21.13
N TYR B 106 27.57 -19.19 21.23
CA TYR B 106 28.18 -18.26 20.29
C TYR B 106 29.69 -18.02 20.58
N HIS B 107 30.14 -18.24 21.83
CA HIS B 107 31.57 -18.34 22.12
C HIS B 107 32.23 -19.40 21.19
N SER B 108 31.67 -20.60 21.15
CA SER B 108 32.19 -21.70 20.31
C SER B 108 32.06 -21.39 18.84
N PHE B 109 30.91 -20.82 18.46
CA PHE B 109 30.71 -20.48 17.07
C PHE B 109 31.90 -19.63 16.60
N MET B 110 32.16 -18.55 17.31
CA MET B 110 33.24 -17.62 16.94
C MET B 110 34.65 -18.23 16.92
N TRP B 111 35.02 -18.97 17.96
CA TRP B 111 36.31 -19.67 18.02
C TRP B 111 36.53 -20.63 16.86
N ASN B 112 35.55 -21.51 16.63
CA ASN B 112 35.67 -22.55 15.61
C ASN B 112 35.56 -22.02 14.20
N ASN B 113 34.88 -20.91 14.02
CA ASN B 113 34.68 -20.37 12.68
C ASN B 113 35.70 -19.30 12.35
N PHE B 114 36.27 -18.67 13.36
CA PHE B 114 37.12 -17.54 13.08
C PHE B 114 38.36 -17.38 13.97
N PHE B 115 38.15 -17.21 15.27
CA PHE B 115 39.20 -16.78 16.16
C PHE B 115 40.40 -17.75 16.26
N SER B 116 40.14 -19.04 16.08
CA SER B 116 41.19 -20.08 16.13
C SER B 116 42.17 -20.02 14.95
N HIS B 117 41.80 -19.26 13.93
CA HIS B 117 42.51 -19.39 12.66
C HIS B 117 43.23 -18.12 12.28
N ILE B 118 43.15 -17.13 13.16
CA ILE B 118 43.74 -15.83 12.89
C ILE B 118 44.66 -15.40 14.04
N ASP B 119 45.50 -14.41 13.77
CA ASP B 119 46.43 -13.90 14.78
C ASP B 119 45.81 -12.84 15.70
N ILE B 120 44.61 -13.13 16.18
CA ILE B 120 43.93 -12.25 17.13
C ILE B 120 44.43 -12.51 18.56
N LYS B 121 44.50 -11.48 19.39
CA LYS B 121 44.87 -11.65 20.81
C LYS B 121 43.69 -12.04 21.68
N LYS B 122 43.80 -13.18 22.37
CA LYS B 122 42.69 -13.69 23.16
C LYS B 122 42.05 -12.62 24.04
N GLU B 123 42.86 -11.68 24.54
CA GLU B 123 42.33 -10.66 25.44
C GLU B 123 41.63 -9.51 24.71
N ASN B 124 41.82 -9.44 23.39
CA ASN B 124 41.10 -8.46 22.55
C ASN B 124 39.69 -8.93 22.09
N ILE B 125 39.31 -10.15 22.42
CA ILE B 125 38.02 -10.70 22.05
C ILE B 125 36.95 -10.40 23.09
N ASN B 126 35.85 -9.77 22.68
CA ASN B 126 34.75 -9.50 23.61
C ASN B 126 33.46 -10.14 23.17
N ILE B 127 32.94 -10.98 24.05
CA ILE B 127 31.67 -11.66 23.86
C ILE B 127 30.88 -11.57 25.17
N LEU B 128 29.57 -11.33 25.04
CA LEU B 128 28.70 -11.27 26.20
C LEU B 128 28.68 -12.59 26.97
N ASN B 129 28.84 -12.46 28.29
CA ASN B 129 28.86 -13.58 29.22
C ASN B 129 27.43 -13.89 29.69
N GLY B 130 26.84 -14.89 29.07
CA GLY B 130 25.46 -15.27 29.33
C GLY B 130 25.29 -16.04 30.64
N ASN B 131 26.39 -16.18 31.36
CA ASN B 131 26.41 -16.87 32.64
C ASN B 131 26.72 -15.91 33.78
N ALA B 132 26.72 -14.60 33.51
CA ALA B 132 27.08 -13.64 34.53
C ALA B 132 26.06 -13.66 35.65
N SER B 133 26.51 -13.30 36.86
CA SER B 133 25.66 -13.32 38.06
C SER B 133 24.57 -12.30 37.90
N ASN B 134 24.97 -11.10 37.50
CA ASN B 134 24.04 -10.04 37.31
C ASN B 134 24.00 -9.74 35.80
N LEU B 135 22.97 -10.25 35.12
CA LEU B 135 22.90 -10.10 33.68
C LEU B 135 22.72 -8.65 33.29
N LYS B 136 21.98 -7.91 34.10
CA LYS B 136 21.74 -6.49 33.82
C LYS B 136 23.05 -5.64 33.83
N LYS B 137 23.94 -5.93 34.77
CA LYS B 137 25.24 -5.26 34.84
C LYS B 137 26.13 -5.70 33.70
N GLU B 138 26.15 -7.00 33.41
CA GLU B 138 26.94 -7.56 32.30
C GLU B 138 26.67 -6.77 31.01
N CYS B 139 25.39 -6.47 30.77
CA CYS B 139 24.95 -5.67 29.63
C CYS B 139 25.49 -4.27 29.72
N GLU B 140 25.27 -3.62 30.88
CA GLU B 140 25.74 -2.25 31.08
C GLU B 140 27.26 -2.17 30.93
N GLU B 141 27.97 -3.19 31.40
CA GLU B 141 29.45 -3.23 31.30
C GLU B 141 29.97 -3.36 29.86
N TYR B 142 29.29 -4.17 29.04
CA TYR B 142 29.57 -4.32 27.61
C TYR B 142 29.46 -2.96 26.92
N GLU B 143 28.37 -2.25 27.20
CA GLU B 143 28.17 -0.93 26.65
C GLU B 143 29.28 0.04 27.08
N LYS B 144 29.70 -0.04 28.35
CA LYS B 144 30.82 0.77 28.88
C LYS B 144 32.14 0.37 28.21
N LYS B 145 32.38 -0.93 28.10
CA LYS B 145 33.60 -1.38 27.44
C LYS B 145 33.70 -0.85 25.99
N ILE B 146 32.67 -1.08 25.17
CA ILE B 146 32.62 -0.49 23.82
C ILE B 146 32.98 1.01 23.82
N LYS B 147 32.26 1.79 24.63
CA LYS B 147 32.50 3.24 24.73
C LYS B 147 33.89 3.62 25.32
N SER B 148 34.50 2.72 26.10
CA SER B 148 35.85 2.92 26.64
C SER B 148 36.90 2.89 25.53
N PHE B 149 36.61 2.14 24.46
CA PHE B 149 37.51 2.07 23.33
C PHE B 149 37.27 3.13 22.28
N GLY B 150 36.32 4.03 22.54
CA GLY B 150 35.91 5.05 21.56
C GLY B 150 34.71 4.72 20.67
N GLY B 151 34.08 3.56 20.88
CA GLY B 151 32.98 3.10 19.99
C GLY B 151 33.47 2.10 18.91
N ILE B 152 32.57 1.27 18.40
CA ILE B 152 32.88 0.30 17.34
C ILE B 152 33.19 1.06 16.09
N MET B 153 34.23 0.64 15.37
CA MET B 153 34.60 1.33 14.13
C MET B 153 33.83 0.79 12.94
N LEU B 154 33.67 -0.52 12.92
CA LEU B 154 32.94 -1.18 11.90
C LEU B 154 32.20 -2.33 12.55
N PHE B 155 30.89 -2.35 12.35
CA PHE B 155 30.07 -3.46 12.80
C PHE B 155 29.60 -4.20 11.57
N VAL B 156 29.87 -5.49 11.49
CA VAL B 156 29.36 -6.32 10.41
C VAL B 156 28.14 -7.10 10.94
N GLY B 157 27.05 -7.13 10.17
CA GLY B 157 25.89 -7.92 10.53
C GLY B 157 25.17 -8.60 9.39
N GLY B 158 24.10 -9.29 9.74
CA GLY B 158 23.24 -9.95 8.74
C GLY B 158 21.80 -9.78 9.16
N ILE B 159 20.86 -10.11 8.28
CA ILE B 159 19.44 -9.99 8.62
C ILE B 159 18.65 -11.27 8.51
N GLY B 160 17.57 -11.34 9.29
CA GLY B 160 16.69 -12.47 9.22
C GLY B 160 15.65 -12.19 8.15
N PRO B 161 14.85 -13.21 7.80
CA PRO B 161 13.77 -13.04 6.83
C PRO B 161 12.76 -12.02 7.28
N ASP B 162 12.64 -11.80 8.61
CA ASP B 162 11.70 -10.78 9.10
C ASP B 162 12.39 -9.43 9.34
N GLY B 163 13.62 -9.29 8.88
CA GLY B 163 14.34 -8.03 9.04
C GLY B 163 15.02 -7.84 10.41
N HIS B 164 15.03 -8.86 11.27
CA HIS B 164 15.68 -8.72 12.56
C HIS B 164 17.20 -8.69 12.34
N ILE B 165 17.92 -8.03 13.25
CA ILE B 165 19.38 -8.25 13.36
C ILE B 165 19.78 -8.64 14.81
N ALA B 166 20.67 -9.63 14.96
CA ALA B 166 20.93 -10.24 16.28
C ALA B 166 19.64 -10.79 16.88
N PHE B 167 19.40 -10.49 18.15
CA PHE B 167 18.13 -10.84 18.78
C PHE B 167 17.25 -9.61 18.92
N ASN B 168 17.52 -8.58 18.11
CA ASN B 168 16.59 -7.47 17.96
C ASN B 168 15.48 -7.83 16.99
N GLU B 169 14.45 -8.45 17.54
CA GLU B 169 13.33 -8.99 16.81
C GLU B 169 12.30 -7.88 16.51
N PRO B 170 11.31 -8.14 15.64
CA PRO B 170 10.30 -7.10 15.31
C PRO B 170 9.74 -6.48 16.60
N GLY B 171 9.52 -5.17 16.62
CA GLY B 171 9.02 -4.51 17.84
C GLY B 171 10.12 -4.03 18.77
N SER B 172 11.36 -4.43 18.49
CA SER B 172 12.54 -3.92 19.18
C SER B 172 12.64 -2.45 18.87
N SER B 173 12.93 -1.67 19.89
CA SER B 173 13.02 -0.25 19.77
C SER B 173 14.14 0.15 18.82
N LEU B 174 13.87 1.16 18.02
CA LEU B 174 14.84 1.61 17.04
C LEU B 174 16.04 2.26 17.70
N THR B 175 15.96 2.47 19.02
CA THR B 175 17.05 3.06 19.84
C THR B 175 17.45 2.18 21.02
N SER B 176 17.18 0.87 20.92
CA SER B 176 17.45 -0.04 22.01
C SER B 176 18.94 -0.22 22.24
N ARG B 177 19.30 -0.67 23.45
CA ARG B 177 20.67 -0.84 23.87
C ARG B 177 20.87 -2.30 24.23
N THR B 178 22.05 -2.63 24.75
CA THR B 178 22.37 -4.00 25.14
C THR B 178 21.51 -4.38 26.32
N ARG B 179 20.98 -5.59 26.30
CA ARG B 179 19.89 -5.94 27.19
C ARG B 179 19.63 -7.44 27.17
N ILE B 180 18.78 -7.87 28.10
CA ILE B 180 18.25 -9.22 28.16
C ILE B 180 17.14 -9.39 27.15
N LYS B 181 17.11 -10.54 26.48
CA LYS B 181 16.09 -10.78 25.47
C LYS B 181 15.49 -12.15 25.64
N THR B 182 14.19 -12.21 25.85
CA THR B 182 13.46 -13.47 25.83
C THR B 182 13.13 -13.78 24.38
N LEU B 183 13.51 -14.97 23.91
CA LEU B 183 13.32 -15.35 22.51
C LEU B 183 11.85 -15.71 22.18
N THR B 184 11.30 -15.05 21.15
CA THR B 184 9.95 -15.30 20.65
C THR B 184 9.91 -16.64 19.91
N GLN B 185 8.69 -17.15 19.71
CA GLN B 185 8.44 -18.48 19.07
C GLN B 185 9.14 -18.71 17.73
N ASP B 186 9.17 -17.68 16.89
CA ASP B 186 9.82 -17.72 15.58
C ASP B 186 11.32 -18.00 15.67
N THR B 187 11.99 -17.34 16.62
CA THR B 187 13.42 -17.52 16.88
C THR B 187 13.74 -18.89 17.49
N ILE B 188 12.94 -19.33 18.46
CA ILE B 188 13.15 -20.66 19.04
C ILE B 188 13.01 -21.74 17.96
N ILE B 189 11.95 -21.63 17.14
CA ILE B 189 11.73 -22.53 16.01
C ILE B 189 12.93 -22.50 15.06
N ALA B 190 13.29 -21.32 14.56
CA ALA B 190 14.36 -21.22 13.58
C ALA B 190 15.70 -21.74 14.14
N ASN B 191 15.99 -21.39 15.38
CA ASN B 191 17.23 -21.84 16.01
C ASN B 191 17.15 -23.29 16.54
N SER B 192 15.98 -23.93 16.44
CA SER B 192 15.81 -25.26 17.05
C SER B 192 16.61 -26.35 16.35
N ARG B 193 16.94 -26.12 15.08
CA ARG B 193 17.72 -27.06 14.27
C ARG B 193 19.15 -27.29 14.78
N PHE B 194 19.68 -26.31 15.53
CA PHE B 194 21.01 -26.40 16.16
C PHE B 194 20.99 -27.22 17.45
N PHE B 195 19.80 -27.42 18.00
CA PHE B 195 19.62 -28.15 19.26
C PHE B 195 18.73 -29.39 19.06
N GLU B 196 19.12 -30.22 18.10
CA GLU B 196 18.43 -31.47 17.70
C GLU B 196 16.90 -31.38 17.53
N GLY B 197 16.48 -30.41 16.73
CA GLY B 197 15.07 -30.20 16.38
C GLY B 197 14.13 -29.99 17.55
N ASP B 198 14.71 -29.71 18.72
CA ASP B 198 13.99 -29.70 19.99
C ASP B 198 13.87 -28.27 20.52
N VAL B 199 12.63 -27.76 20.51
CA VAL B 199 12.31 -26.42 21.03
C VAL B 199 12.68 -26.25 22.51
N ASN B 200 12.63 -27.36 23.26
CA ASN B 200 12.87 -27.36 24.72
C ASN B 200 14.34 -27.20 25.07
N LYS B 201 15.20 -27.33 24.07
CA LYS B 201 16.66 -27.33 24.25
C LYS B 201 17.36 -26.01 23.83
N VAL B 202 16.63 -25.16 23.10
CA VAL B 202 17.11 -23.81 22.77
C VAL B 202 16.97 -22.94 24.03
N PRO B 203 18.07 -22.38 24.55
CA PRO B 203 17.95 -21.50 25.73
C PRO B 203 16.90 -20.42 25.53
N LYS B 204 16.11 -20.17 26.57
CA LYS B 204 14.96 -19.25 26.48
C LYS B 204 15.32 -17.78 26.29
N ASN B 205 16.54 -17.42 26.68
CA ASN B 205 16.95 -16.03 26.75
C ASN B 205 18.36 -15.84 26.21
N ALA B 206 18.70 -14.59 25.96
CA ALA B 206 19.96 -14.21 25.38
C ALA B 206 20.27 -12.81 25.87
N LEU B 207 21.56 -12.45 25.82
CA LEU B 207 22.02 -11.07 25.90
C LEU B 207 22.30 -10.63 24.50
N THR B 208 21.92 -9.39 24.15
CA THR B 208 22.12 -8.91 22.81
C THR B 208 22.41 -7.42 22.84
N VAL B 209 23.31 -6.98 21.96
CA VAL B 209 23.47 -5.55 21.74
C VAL B 209 22.18 -5.01 21.13
N GLY B 210 21.94 -3.72 21.31
CA GLY B 210 20.73 -3.12 20.74
C GLY B 210 20.93 -2.58 19.33
N ILE B 211 19.82 -2.24 18.68
CA ILE B 211 19.85 -1.49 17.43
C ILE B 211 20.66 -0.20 17.63
N GLY B 212 20.43 0.48 18.76
CA GLY B 212 21.19 1.70 19.12
C GLY B 212 22.69 1.47 19.26
N THR B 213 23.06 0.37 19.91
CA THR B 213 24.45 -0.06 20.02
C THR B 213 25.08 -0.19 18.64
N ILE B 214 24.39 -0.88 17.74
CA ILE B 214 24.91 -1.12 16.42
C ILE B 214 25.01 0.21 15.69
N MET B 215 23.97 1.04 15.87
CA MET B 215 23.90 2.37 15.23
CA MET B 215 23.92 2.35 15.20
C MET B 215 24.97 3.32 15.74
N ASP B 216 25.45 3.09 16.95
CA ASP B 216 26.56 3.92 17.44
C ASP B 216 27.85 3.73 16.65
N SER B 217 28.02 2.59 15.97
CA SER B 217 29.22 2.33 15.15
C SER B 217 29.47 3.43 14.14
N GLN B 218 30.74 3.68 13.83
CA GLN B 218 31.06 4.65 12.82
C GLN B 218 30.65 4.19 11.41
N GLU B 219 30.61 2.88 11.19
CA GLU B 219 30.26 2.31 9.89
C GLU B 219 29.58 0.98 10.15
N VAL B 220 28.59 0.64 9.33
CA VAL B 220 27.82 -0.59 9.46
C VAL B 220 27.79 -1.34 8.14
N LEU B 221 28.18 -2.62 8.14
CA LEU B 221 28.09 -3.41 6.89
C LEU B 221 27.16 -4.59 7.11
N ILE B 222 26.19 -4.74 6.23
CA ILE B 222 25.23 -5.81 6.35
C ILE B 222 25.37 -6.72 5.17
N ILE B 223 25.43 -8.02 5.44
CA ILE B 223 25.50 -9.03 4.38
C ILE B 223 24.14 -9.70 4.29
N VAL B 224 23.55 -9.75 3.08
CA VAL B 224 22.22 -10.36 2.87
C VAL B 224 22.23 -11.29 1.65
N ASN B 225 21.68 -12.48 1.78
CA ASN B 225 21.58 -13.34 0.62
C ASN B 225 20.37 -14.23 0.60
N GLY B 226 19.96 -14.59 -0.63
CA GLY B 226 18.88 -15.53 -0.85
C GLY B 226 17.51 -14.88 -0.92
N HIS B 227 16.64 -15.56 -1.67
CA HIS B 227 15.27 -15.19 -1.89
C HIS B 227 14.50 -14.99 -0.61
N ASN B 228 14.85 -15.75 0.42
CA ASN B 228 14.10 -15.66 1.66
C ASN B 228 14.29 -14.36 2.45
N LYS B 229 15.23 -13.51 2.01
CA LYS B 229 15.46 -12.23 2.65
C LYS B 229 15.03 -11.10 1.74
N ALA B 230 14.40 -11.45 0.62
CA ALA B 230 14.10 -10.42 -0.37
C ALA B 230 13.09 -9.41 0.17
N ARG B 231 12.01 -9.90 0.76
CA ARG B 231 10.97 -9.03 1.34
C ARG B 231 11.58 -8.05 2.40
N ALA B 232 12.42 -8.59 3.27
CA ALA B 232 13.14 -7.81 4.26
C ALA B 232 14.06 -6.77 3.65
N LEU B 233 14.73 -7.11 2.56
CA LEU B 233 15.61 -6.12 1.94
C LEU B 233 14.80 -4.98 1.33
N LYS B 234 13.64 -5.32 0.78
CA LYS B 234 12.67 -4.31 0.34
C LYS B 234 12.33 -3.39 1.52
N HIS B 235 12.00 -3.96 2.68
CA HIS B 235 11.63 -3.11 3.82
C HIS B 235 12.77 -2.26 4.35
N ALA B 236 13.99 -2.80 4.29
CA ALA B 236 15.19 -2.04 4.67
C ALA B 236 15.44 -0.83 3.78
N ILE B 237 15.22 -1.00 2.47
CA ILE B 237 15.71 -0.05 1.47
C ILE B 237 14.65 0.94 1.01
N GLU B 238 13.45 0.44 0.78
CA GLU B 238 12.50 1.22 0.03
C GLU B 238 11.36 1.72 0.88
N LYS B 239 11.10 1.05 2.02
CA LYS B 239 9.97 1.45 2.86
C LYS B 239 10.44 2.35 4.00
N GLY B 240 9.48 2.97 4.69
CA GLY B 240 9.81 3.85 5.81
C GLY B 240 10.34 3.11 7.02
N VAL B 241 11.04 3.84 7.86
CA VAL B 241 11.58 3.33 9.09
C VAL B 241 10.45 2.79 9.95
N ASN B 242 10.65 1.58 10.46
CA ASN B 242 9.55 0.77 10.97
C ASN B 242 10.10 -0.28 11.91
N HIS B 243 9.64 -0.29 13.15
CA HIS B 243 10.19 -1.20 14.17
C HIS B 243 9.78 -2.64 13.97
N MET B 244 8.85 -2.92 13.05
CA MET B 244 8.60 -4.32 12.68
C MET B 244 9.70 -4.87 11.74
N TRP B 245 10.49 -4.00 11.13
CA TRP B 245 11.62 -4.39 10.26
C TRP B 245 12.87 -3.69 10.75
N THR B 246 13.49 -4.18 11.83
CA THR B 246 14.44 -3.35 12.59
C THR B 246 15.69 -2.95 11.82
N ILE B 247 16.07 -3.75 10.82
CA ILE B 247 17.07 -3.35 9.83
C ILE B 247 16.77 -1.96 9.19
N SER B 248 15.49 -1.55 9.08
CA SER B 248 15.16 -0.23 8.51
C SER B 248 15.77 0.93 9.29
N ALA B 249 16.16 0.67 10.54
CA ALA B 249 16.84 1.70 11.36
C ALA B 249 18.10 2.23 10.68
N LEU B 250 18.69 1.42 9.81
CA LEU B 250 19.92 1.76 9.13
C LEU B 250 19.82 2.95 8.23
N GLN B 251 18.59 3.29 7.85
CA GLN B 251 18.33 4.45 7.03
C GLN B 251 18.77 5.73 7.72
N LEU B 252 18.78 5.71 9.05
CA LEU B 252 19.23 6.85 9.86
C LEU B 252 20.75 6.94 10.07
N HIS B 253 21.48 5.88 9.74
CA HIS B 253 22.93 5.84 9.97
C HIS B 253 23.69 6.69 8.94
N LYS B 254 24.81 7.30 9.34
CA LYS B 254 25.57 8.20 8.45
C LYS B 254 26.47 7.48 7.43
N ASN B 255 26.75 6.20 7.68
CA ASN B 255 27.68 5.43 6.84
C ASN B 255 27.37 3.93 6.92
N ALA B 256 26.37 3.51 6.14
CA ALA B 256 25.88 2.14 6.14
C ALA B 256 26.02 1.54 4.74
N ILE B 257 26.34 0.26 4.70
CA ILE B 257 26.53 -0.45 3.44
C ILE B 257 25.85 -1.77 3.56
N ILE B 258 25.09 -2.10 2.51
CA ILE B 258 24.45 -3.41 2.41
C ILE B 258 25.01 -4.10 1.19
N VAL B 259 25.57 -5.30 1.39
CA VAL B 259 26.03 -6.13 0.28
CA VAL B 259 26.01 -6.12 0.28
C VAL B 259 25.02 -7.26 0.12
N SER B 260 24.44 -7.35 -1.07
CA SER B 260 23.39 -8.32 -1.31
C SER B 260 23.69 -9.18 -2.53
N ASP B 261 23.33 -10.46 -2.47
CA ASP B 261 23.34 -11.23 -3.70
C ASP B 261 22.15 -10.88 -4.59
N LYS B 262 22.17 -11.34 -5.83
CA LYS B 262 21.11 -11.01 -6.76
C LYS B 262 19.75 -11.51 -6.25
N ASN B 263 19.71 -12.71 -5.67
CA ASN B 263 18.46 -13.29 -5.25
C ASN B 263 17.72 -12.49 -4.16
N ALA B 264 18.48 -11.89 -3.22
CA ALA B 264 17.84 -11.04 -2.17
C ALA B 264 17.31 -9.73 -2.70
N THR B 265 17.52 -9.44 -3.97
CA THR B 265 16.95 -8.22 -4.59
C THR B 265 15.62 -8.39 -5.27
N TYR B 266 15.05 -9.61 -5.28
CA TYR B 266 13.88 -9.87 -6.09
C TYR B 266 12.69 -9.01 -5.73
N GLU B 267 12.64 -8.44 -4.52
CA GLU B 267 11.48 -7.56 -4.25
C GLU B 267 11.82 -6.11 -4.42
N LEU B 268 13.03 -5.77 -4.82
CA LEU B 268 13.35 -4.37 -5.07
C LEU B 268 12.80 -4.02 -6.42
N LYS B 269 12.50 -2.73 -6.64
CA LYS B 269 12.15 -2.25 -7.97
C LYS B 269 13.36 -2.28 -8.84
N VAL B 270 13.16 -2.68 -10.09
CA VAL B 270 14.19 -2.50 -11.11
C VAL B 270 14.96 -1.15 -10.95
N GLY B 271 14.25 -0.05 -10.82
CA GLY B 271 14.86 1.28 -10.77
C GLY B 271 15.77 1.51 -9.56
N THR B 272 15.50 0.80 -8.46
CA THR B 272 16.27 0.90 -7.24
C THR B 272 17.62 0.22 -7.44
N VAL B 273 17.55 -0.99 -7.97
CA VAL B 273 18.76 -1.69 -8.42
C VAL B 273 19.61 -0.87 -9.40
N GLU B 274 18.98 -0.24 -10.38
CA GLU B 274 19.74 0.49 -11.38
C GLU B 274 20.39 1.71 -10.70
N TYR B 275 19.59 2.33 -9.84
CA TYR B 275 20.03 3.51 -9.13
C TYR B 275 21.29 3.21 -8.33
N PHE B 276 21.26 2.21 -7.45
CA PHE B 276 22.45 1.84 -6.64
C PHE B 276 23.57 1.23 -7.51
N ASN B 277 23.24 0.50 -8.58
CA ASN B 277 24.30 0.07 -9.53
C ASN B 277 25.09 1.22 -10.18
N ASP B 278 24.39 2.27 -10.58
CA ASP B 278 25.01 3.48 -11.11
C ASP B 278 25.89 4.19 -10.07
N ILE B 279 25.43 4.34 -8.83
CA ILE B 279 26.27 4.92 -7.78
C ILE B 279 27.61 4.20 -7.71
N GLU B 280 27.58 2.87 -7.71
CA GLU B 280 28.85 2.13 -7.72
C GLU B 280 29.75 2.41 -8.97
N ARG B 281 29.18 2.26 -10.19
CA ARG B 281 29.88 2.73 -11.43
C ARG B 281 30.43 4.19 -11.35
N LYS B 282 29.57 5.17 -11.03
CA LYS B 282 29.96 6.60 -10.93
C LYS B 282 31.05 6.88 -9.86
N ASN B 283 30.93 6.22 -8.72
CA ASN B 283 31.93 6.33 -7.65
C ASN B 283 33.23 5.57 -7.98
N PHE B 284 33.22 4.84 -9.09
CA PHE B 284 34.43 4.18 -9.62
C PHE B 284 35.23 5.14 -10.51
N ASN B 285 34.52 5.84 -11.41
CA ASN B 285 35.10 6.79 -12.39
C ASN B 285 35.09 8.27 -11.93
N ASN B 286 35.06 8.52 -10.62
CA ASN B 286 34.87 9.88 -10.06
C ASN B 286 36.10 10.82 -10.02
N ASP B 287 37.29 10.26 -10.26
CA ASP B 287 38.58 10.99 -10.25
C ASP B 287 39.01 11.54 -8.86
N LEU B 288 38.34 11.07 -7.80
CA LEU B 288 38.73 11.37 -6.41
C LEU B 288 38.99 10.10 -5.60
N PRO C 19 2.84 -20.40 -23.85
CA PRO C 19 3.17 -20.93 -22.53
C PRO C 19 1.96 -20.99 -21.58
N GLY C 20 0.82 -20.46 -22.01
CA GLY C 20 -0.41 -20.46 -21.22
C GLY C 20 -0.49 -19.40 -20.12
N SER C 21 0.26 -18.31 -20.27
CA SER C 21 0.09 -17.14 -19.44
C SER C 21 0.34 -15.89 -20.23
N MET C 22 0.00 -14.74 -19.65
CA MET C 22 0.47 -13.47 -20.20
C MET C 22 1.98 -13.56 -20.43
N ARG C 23 2.45 -12.87 -21.47
CA ARG C 23 3.87 -12.68 -21.72
C ARG C 23 4.25 -11.24 -21.66
N LEU C 24 5.43 -10.99 -21.12
CA LEU C 24 6.10 -9.69 -21.12
C LEU C 24 7.50 -9.85 -21.73
N ILE C 25 7.71 -9.24 -22.89
CA ILE C 25 8.91 -9.39 -23.64
C ILE C 25 9.67 -8.10 -23.44
N ILE C 26 10.84 -8.19 -22.82
CA ILE C 26 11.62 -6.99 -22.48
C ILE C 26 12.89 -6.90 -23.33
N ARG C 27 13.12 -5.73 -23.93
CA ARG C 27 14.30 -5.53 -24.77
C ARG C 27 14.93 -4.18 -24.48
N PRO C 28 16.22 -4.01 -24.84
CA PRO C 28 16.87 -2.73 -24.48
C PRO C 28 16.15 -1.46 -24.94
N THR C 29 15.80 -1.36 -26.24
CA THR C 29 15.35 -0.09 -26.79
C THR C 29 13.99 -0.12 -27.50
N TYR C 30 13.48 1.08 -27.77
CA TYR C 30 12.30 1.28 -28.59
C TYR C 30 12.45 0.61 -29.99
N GLU C 31 13.65 0.73 -30.58
CA GLU C 31 13.98 0.07 -31.88
C GLU C 31 13.85 -1.45 -31.81
N ASP C 32 14.32 -2.03 -30.71
CA ASP C 32 14.24 -3.48 -30.51
C ASP C 32 12.81 -3.97 -30.42
N ILE C 33 12.02 -3.36 -29.54
CA ILE C 33 10.60 -3.73 -29.40
C ILE C 33 9.78 -3.47 -30.68
N SER C 34 10.07 -2.40 -31.40
CA SER C 34 9.37 -2.13 -32.69
C SER C 34 9.56 -3.27 -33.68
N LYS C 35 10.81 -3.64 -33.91
CA LYS C 35 11.17 -4.80 -34.72
C LYS C 35 10.53 -6.09 -34.21
N TRP C 36 10.58 -6.32 -32.89
CA TRP C 36 10.01 -7.53 -32.29
C TRP C 36 8.51 -7.57 -32.58
N ALA C 37 7.84 -6.43 -32.35
CA ALA C 37 6.40 -6.34 -32.62
C ALA C 37 6.10 -6.55 -34.14
N ALA C 38 6.87 -5.92 -35.01
CA ALA C 38 6.68 -6.13 -36.47
C ALA C 38 6.77 -7.60 -36.84
N ASN C 39 7.82 -8.27 -36.34
CA ASN C 39 7.99 -9.69 -36.64
C ASN C 39 6.86 -10.54 -36.12
N HIS C 40 6.34 -10.18 -34.94
CA HIS C 40 5.27 -10.93 -34.33
C HIS C 40 4.02 -10.84 -35.19
N VAL C 41 3.72 -9.62 -35.62
CA VAL C 41 2.60 -9.41 -36.51
C VAL C 41 2.81 -10.20 -37.82
N ALA C 42 3.98 -10.06 -38.43
CA ALA C 42 4.30 -10.79 -39.65
C ALA C 42 4.08 -12.29 -39.43
N GLN C 43 4.62 -12.82 -38.32
CA GLN C 43 4.43 -14.23 -37.99
C GLN C 43 2.95 -14.66 -37.88
N LYS C 44 2.14 -13.93 -37.12
CA LYS C 44 0.74 -14.34 -36.95
C LYS C 44 0.03 -14.35 -38.31
N ILE C 45 0.31 -13.36 -39.14
CA ILE C 45 -0.30 -13.29 -40.46
C ILE C 45 0.17 -14.43 -41.39
N ASN C 46 1.47 -14.62 -41.49
CA ASN C 46 2.04 -15.68 -42.33
C ASN C 46 1.60 -17.07 -41.93
N GLU C 47 1.50 -17.34 -40.64
CA GLU C 47 1.07 -18.66 -40.17
C GLU C 47 -0.41 -18.87 -40.42
N PHE C 48 -1.16 -17.77 -40.50
CA PHE C 48 -2.58 -17.88 -40.78
C PHE C 48 -2.75 -18.08 -42.26
N SER C 49 -1.90 -17.42 -43.05
CA SER C 49 -1.89 -17.55 -44.52
C SER C 49 -3.25 -17.17 -45.11
N PRO C 50 -3.62 -15.88 -45.08
CA PRO C 50 -4.99 -15.50 -45.45
C PRO C 50 -5.29 -15.52 -46.95
N THR C 51 -6.56 -15.68 -47.31
CA THR C 51 -7.06 -15.64 -48.69
C THR C 51 -8.23 -14.64 -48.72
N LYS C 52 -8.73 -14.30 -49.92
CA LYS C 52 -9.88 -13.38 -50.08
C LYS C 52 -11.13 -13.89 -49.34
N GLU C 53 -11.24 -15.20 -49.28
CA GLU C 53 -12.37 -15.87 -48.66
C GLU C 53 -12.16 -15.91 -47.15
N ASN C 54 -10.89 -16.02 -46.73
CA ASN C 54 -10.51 -16.15 -45.32
C ASN C 54 -9.41 -15.15 -44.91
N PRO C 55 -9.75 -13.86 -44.77
CA PRO C 55 -8.74 -12.86 -44.54
C PRO C 55 -8.29 -12.77 -43.08
N PHE C 56 -7.15 -12.17 -42.82
CA PHE C 56 -6.68 -11.97 -41.46
C PHE C 56 -7.27 -10.66 -40.95
N ILE C 57 -7.82 -10.66 -39.73
CA ILE C 57 -8.42 -9.44 -39.16
C ILE C 57 -7.50 -8.82 -38.09
N LEU C 58 -6.96 -7.63 -38.40
CA LEU C 58 -5.95 -6.96 -37.57
C LEU C 58 -6.42 -5.61 -36.99
N GLY C 59 -6.35 -5.44 -35.67
CA GLY C 59 -6.66 -4.12 -35.05
C GLY C 59 -5.39 -3.31 -34.86
N LEU C 60 -5.45 -2.00 -35.08
CA LEU C 60 -4.25 -1.17 -35.12
C LEU C 60 -4.45 0.10 -34.32
N PRO C 61 -3.38 0.65 -33.73
CA PRO C 61 -3.50 1.94 -33.06
C PRO C 61 -2.79 3.05 -33.86
N THR C 62 -2.95 4.28 -33.40
CA THR C 62 -2.15 5.43 -33.84
C THR C 62 -1.28 5.89 -32.65
N GLY C 63 -0.86 7.16 -32.64
CA GLY C 63 0.03 7.64 -31.64
C GLY C 63 1.45 7.31 -32.04
N SER C 64 2.41 7.69 -31.23
CA SER C 64 3.78 7.50 -31.60
C SER C 64 4.34 6.10 -31.32
N SER C 65 3.74 5.35 -30.37
CA SER C 65 4.18 3.99 -30.00
C SER C 65 4.39 3.03 -31.18
N PRO C 66 3.41 2.94 -32.11
CA PRO C 66 3.52 1.96 -33.17
C PRO C 66 4.28 2.41 -34.43
N ILE C 67 4.76 3.66 -34.48
CA ILE C 67 5.52 4.13 -35.66
C ILE C 67 6.71 3.18 -36.00
N GLY C 68 7.53 2.84 -35.00
CA GLY C 68 8.62 1.89 -35.24
C GLY C 68 8.11 0.61 -35.90
N MET C 69 7.09 0.00 -35.30
CA MET C 69 6.49 -1.24 -35.82
C MET C 69 6.04 -1.04 -37.28
N TYR C 70 5.40 0.10 -37.55
CA TYR C 70 4.90 0.40 -38.92
C TYR C 70 6.03 0.45 -39.94
N LYS C 71 7.08 1.17 -39.60
CA LYS C 71 8.30 1.23 -40.43
C LYS C 71 8.90 -0.13 -40.70
N ASN C 72 9.04 -0.94 -39.66
CA ASN C 72 9.49 -2.30 -39.84
C ASN C 72 8.52 -3.11 -40.68
N LEU C 73 7.23 -2.93 -40.46
CA LEU C 73 6.30 -3.69 -41.30
C LEU C 73 6.38 -3.29 -42.80
N ILE C 74 6.63 -2.02 -43.08
CA ILE C 74 6.83 -1.59 -44.45
C ILE C 74 8.03 -2.28 -45.09
N GLU C 75 9.17 -2.32 -44.40
CA GLU C 75 10.38 -2.95 -44.92
C GLU C 75 10.14 -4.43 -45.18
N LEU C 76 9.48 -5.10 -44.23
CA LEU C 76 9.19 -6.53 -44.41
C LEU C 76 8.36 -6.72 -45.68
N ASN C 77 7.44 -5.77 -45.93
CA ASN C 77 6.54 -5.82 -47.07
C ASN C 77 7.32 -5.64 -48.36
N LYS C 78 8.11 -4.56 -48.42
CA LYS C 78 9.02 -4.31 -49.54
C LYS C 78 9.92 -5.52 -49.82
N ASN C 79 10.38 -6.19 -48.77
CA ASN C 79 11.26 -7.36 -48.93
C ASN C 79 10.51 -8.69 -49.02
N LYS C 80 9.22 -8.65 -49.34
CA LYS C 80 8.42 -9.86 -49.64
C LYS C 80 8.29 -10.89 -48.52
N LYS C 81 8.35 -10.45 -47.25
CA LYS C 81 8.27 -11.37 -46.11
C LYS C 81 6.85 -11.38 -45.52
N ILE C 82 6.01 -10.52 -46.07
CA ILE C 82 4.62 -10.41 -45.64
C ILE C 82 3.85 -9.68 -46.74
N SER C 83 2.59 -10.07 -46.93
CA SER C 83 1.72 -9.33 -47.83
C SER C 83 0.45 -8.93 -47.09
N PHE C 84 -0.09 -7.75 -47.42
CA PHE C 84 -1.34 -7.24 -46.85
C PHE C 84 -2.57 -7.36 -47.77
N GLN C 85 -2.46 -8.12 -48.87
CA GLN C 85 -3.57 -8.20 -49.85
C GLN C 85 -4.85 -8.68 -49.22
N ASN C 86 -4.73 -9.65 -48.32
CA ASN C 86 -5.90 -10.22 -47.65
C ASN C 86 -5.96 -9.94 -46.14
N VAL C 87 -5.50 -8.75 -45.74
CA VAL C 87 -5.56 -8.30 -44.34
C VAL C 87 -6.58 -7.20 -44.24
N ILE C 88 -7.51 -7.36 -43.32
CA ILE C 88 -8.52 -6.37 -43.08
C ILE C 88 -8.19 -5.71 -41.74
N THR C 89 -8.14 -4.37 -41.73
CA THR C 89 -7.79 -3.64 -40.51
C THR C 89 -8.97 -2.90 -39.91
N PHE C 90 -8.94 -2.75 -38.59
CA PHE C 90 -9.85 -1.88 -37.88
C PHE C 90 -9.00 -1.01 -36.98
N ASN C 91 -9.15 0.31 -37.10
CA ASN C 91 -8.40 1.18 -36.19
C ASN C 91 -9.20 1.42 -34.94
N MET C 92 -8.50 1.82 -33.89
CA MET C 92 -9.10 2.04 -32.58
C MET C 92 -10.07 3.22 -32.51
N ASP C 93 -9.71 4.32 -33.20
CA ASP C 93 -10.38 5.60 -32.95
C ASP C 93 -10.18 6.61 -34.05
N GLU C 94 -10.94 7.68 -33.96
CA GLU C 94 -10.78 8.82 -34.84
C GLU C 94 -11.48 9.95 -34.11
N TYR C 95 -10.99 11.17 -34.29
CA TYR C 95 -11.64 12.36 -33.71
C TYR C 95 -12.95 12.68 -34.40
N ILE C 96 -13.89 13.28 -33.67
CA ILE C 96 -15.14 13.74 -34.26
C ILE C 96 -14.93 15.12 -34.90
N GLY C 97 -15.38 15.26 -36.13
CA GLY C 97 -15.46 16.56 -36.82
C GLY C 97 -14.18 17.06 -37.45
N ILE C 98 -13.16 16.22 -37.52
CA ILE C 98 -11.95 16.60 -38.23
C ILE C 98 -12.05 16.14 -39.68
N GLU C 99 -11.47 16.94 -40.57
CA GLU C 99 -11.46 16.62 -41.99
C GLU C 99 -10.65 15.35 -42.26
N GLU C 100 -11.30 14.32 -42.79
CA GLU C 100 -10.61 13.08 -43.17
C GLU C 100 -9.25 13.30 -43.82
N ASN C 101 -9.11 14.30 -44.68
CA ASN C 101 -7.83 14.50 -45.38
C ASN C 101 -6.84 15.47 -44.69
N HIS C 102 -7.23 16.06 -43.56
CA HIS C 102 -6.26 16.85 -42.80
C HIS C 102 -5.17 15.95 -42.17
N PRO C 103 -3.90 16.35 -42.26
CA PRO C 103 -2.79 15.54 -41.75
C PRO C 103 -2.89 15.15 -40.26
N GLU C 104 -3.70 15.87 -39.50
CA GLU C 104 -3.82 15.64 -38.07
C GLU C 104 -4.83 14.55 -37.71
N SER C 105 -5.62 14.11 -38.69
CA SER C 105 -6.60 13.05 -38.44
C SER C 105 -5.93 11.67 -38.36
N TYR C 106 -6.62 10.72 -37.74
CA TYR C 106 -6.10 9.35 -37.63
C TYR C 106 -6.18 8.63 -39.00
N HIS C 107 -7.21 8.96 -39.79
CA HIS C 107 -7.26 8.57 -41.21
C HIS C 107 -5.94 8.91 -41.89
N SER C 108 -5.53 10.18 -41.86
CA SER C 108 -4.26 10.60 -42.45
C SER C 108 -3.05 9.97 -41.77
N PHE C 109 -3.05 9.90 -40.43
CA PHE C 109 -1.92 9.29 -39.73
C PHE C 109 -1.70 7.90 -40.29
N MET C 110 -2.77 7.14 -40.41
CA MET C 110 -2.65 5.75 -40.85
C MET C 110 -2.16 5.62 -42.29
N TRP C 111 -2.66 6.50 -43.15
CA TRP C 111 -2.27 6.47 -44.56
C TRP C 111 -0.84 6.90 -44.73
N ASN C 112 -0.44 7.94 -44.02
CA ASN C 112 0.90 8.52 -44.18
C ASN C 112 2.02 7.64 -43.60
N ASN C 113 1.79 7.13 -42.39
CA ASN C 113 2.72 6.24 -41.69
C ASN C 113 2.68 4.76 -42.07
N PHE C 114 1.58 4.32 -42.68
CA PHE C 114 1.44 2.89 -42.92
C PHE C 114 0.76 2.49 -44.23
N PHE C 115 -0.55 2.72 -44.35
CA PHE C 115 -1.33 2.17 -45.48
C PHE C 115 -0.85 2.60 -46.88
N SER C 116 -0.28 3.81 -46.99
CA SER C 116 0.27 4.30 -48.28
C SER C 116 1.44 3.48 -48.75
N HIS C 117 2.06 2.72 -47.87
CA HIS C 117 3.35 2.15 -48.19
C HIS C 117 3.36 0.63 -48.23
N ILE C 118 2.18 0.05 -48.20
CA ILE C 118 2.04 -1.42 -48.23
C ILE C 118 0.98 -1.86 -49.20
N ASP C 119 0.96 -3.15 -49.49
CA ASP C 119 0.06 -3.71 -50.52
C ASP C 119 -1.32 -4.02 -49.98
N ILE C 120 -1.88 -3.08 -49.24
CA ILE C 120 -3.20 -3.28 -48.65
C ILE C 120 -4.30 -2.86 -49.67
N LYS C 121 -5.47 -3.49 -49.61
CA LYS C 121 -6.59 -3.03 -50.44
C LYS C 121 -7.41 -2.00 -49.69
N LYS C 122 -7.65 -0.88 -50.37
CA LYS C 122 -8.38 0.24 -49.84
C LYS C 122 -9.69 -0.18 -49.17
N GLU C 123 -10.42 -1.10 -49.79
CA GLU C 123 -11.72 -1.49 -49.27
C GLU C 123 -11.62 -2.38 -48.03
N ASN C 124 -10.42 -2.86 -47.74
CA ASN C 124 -10.19 -3.67 -46.56
C ASN C 124 -9.75 -2.85 -45.35
N ILE C 125 -9.60 -1.55 -45.54
CA ILE C 125 -9.26 -0.66 -44.43
C ILE C 125 -10.52 -0.18 -43.70
N ASN C 126 -10.59 -0.36 -42.39
CA ASN C 126 -11.72 0.17 -41.62
C ASN C 126 -11.25 1.13 -40.55
N ILE C 127 -11.86 2.32 -40.56
CA ILE C 127 -11.57 3.39 -39.60
C ILE C 127 -12.88 4.05 -39.17
N LEU C 128 -13.03 4.42 -37.90
CA LEU C 128 -14.24 5.04 -37.42
C LEU C 128 -14.50 6.39 -38.12
N ASN C 129 -15.73 6.61 -38.56
CA ASN C 129 -16.09 7.83 -39.30
C ASN C 129 -16.57 8.92 -38.34
N GLY C 130 -15.64 9.82 -37.98
CA GLY C 130 -15.94 10.87 -37.00
C GLY C 130 -16.86 11.97 -37.53
N ASN C 131 -17.26 11.82 -38.79
CA ASN C 131 -18.05 12.80 -39.53
C ASN C 131 -19.41 12.21 -39.90
N ALA C 132 -19.73 11.03 -39.37
CA ALA C 132 -21.03 10.40 -39.61
C ALA C 132 -22.19 11.20 -39.02
N SER C 133 -23.37 11.11 -39.64
CA SER C 133 -24.59 11.88 -39.24
C SER C 133 -25.03 11.45 -37.86
N ASN C 134 -25.06 10.14 -37.68
CA ASN C 134 -25.47 9.53 -36.46
C ASN C 134 -24.24 8.82 -35.91
N LEU C 135 -23.59 9.44 -34.93
CA LEU C 135 -22.33 8.91 -34.38
C LEU C 135 -22.60 7.62 -33.60
N LYS C 136 -23.70 7.60 -32.84
CA LYS C 136 -24.06 6.42 -32.05
C LYS C 136 -24.26 5.21 -32.97
N LYS C 137 -24.85 5.44 -34.14
CA LYS C 137 -25.08 4.34 -35.08
C LYS C 137 -23.76 3.95 -35.72
N GLU C 138 -22.91 4.93 -36.03
CA GLU C 138 -21.56 4.63 -36.50
C GLU C 138 -20.82 3.66 -35.54
N CYS C 139 -20.86 3.92 -34.24
CA CYS C 139 -20.22 3.03 -33.29
C CYS C 139 -20.80 1.61 -33.35
N GLU C 140 -22.13 1.52 -33.31
CA GLU C 140 -22.83 0.22 -33.36
C GLU C 140 -22.52 -0.56 -34.64
N GLU C 141 -22.49 0.14 -35.76
CA GLU C 141 -22.07 -0.43 -37.02
C GLU C 141 -20.63 -0.92 -37.02
N TYR C 142 -19.74 -0.16 -36.36
CA TYR C 142 -18.36 -0.58 -36.24
C TYR C 142 -18.27 -1.94 -35.53
N GLU C 143 -18.89 -2.08 -34.35
CA GLU C 143 -18.93 -3.34 -33.64
C GLU C 143 -19.53 -4.47 -34.49
N LYS C 144 -20.62 -4.19 -35.19
CA LYS C 144 -21.23 -5.21 -36.08
C LYS C 144 -20.31 -5.61 -37.21
N LYS C 145 -19.61 -4.65 -37.80
CA LYS C 145 -18.67 -4.99 -38.86
C LYS C 145 -17.53 -5.88 -38.34
N ILE C 146 -17.03 -5.58 -37.14
CA ILE C 146 -16.00 -6.47 -36.57
C ILE C 146 -16.52 -7.93 -36.42
N LYS C 147 -17.70 -8.07 -35.83
CA LYS C 147 -18.34 -9.36 -35.64
C LYS C 147 -18.65 -10.04 -36.95
N SER C 148 -18.97 -9.26 -37.96
CA SER C 148 -19.28 -9.80 -39.31
C SER C 148 -18.12 -10.58 -39.93
N PHE C 149 -16.89 -10.26 -39.52
CA PHE C 149 -15.72 -10.97 -40.04
C PHE C 149 -15.26 -12.04 -39.09
N GLY C 150 -16.00 -12.25 -38.00
CA GLY C 150 -15.63 -13.24 -36.99
C GLY C 150 -14.71 -12.73 -35.89
N GLY C 151 -14.60 -11.40 -35.76
CA GLY C 151 -13.84 -10.81 -34.66
C GLY C 151 -12.42 -10.44 -35.07
N ILE C 152 -11.75 -9.64 -34.24
CA ILE C 152 -10.36 -9.32 -34.50
C ILE C 152 -9.44 -10.46 -34.04
N MET C 153 -8.51 -10.86 -34.90
CA MET C 153 -7.55 -11.94 -34.55
C MET C 153 -6.35 -11.44 -33.74
N LEU C 154 -5.85 -10.26 -34.10
CA LEU C 154 -4.77 -9.65 -33.33
C LEU C 154 -5.05 -8.16 -33.23
N PHE C 155 -5.09 -7.64 -32.00
CA PHE C 155 -5.21 -6.21 -31.81
C PHE C 155 -3.87 -5.70 -31.27
N VAL C 156 -3.30 -4.73 -31.97
CA VAL C 156 -2.12 -4.06 -31.44
C VAL C 156 -2.51 -2.74 -30.78
N GLY C 157 -2.04 -2.50 -29.57
CA GLY C 157 -2.25 -1.20 -28.94
C GLY C 157 -1.04 -0.58 -28.25
N GLY C 158 -1.20 0.64 -27.75
CA GLY C 158 -0.16 1.26 -26.94
C GLY C 158 -0.81 1.65 -25.64
N ILE C 159 0.00 2.10 -24.69
CA ILE C 159 -0.58 2.73 -23.53
C ILE C 159 -0.02 4.09 -23.22
N GLY C 160 -0.83 4.88 -22.54
CA GLY C 160 -0.36 6.19 -22.09
C GLY C 160 0.23 6.12 -20.70
N PRO C 161 0.86 7.22 -20.28
CA PRO C 161 1.47 7.37 -18.97
C PRO C 161 0.47 7.13 -17.85
N ASP C 162 -0.82 7.34 -18.12
CA ASP C 162 -1.84 7.05 -17.08
C ASP C 162 -2.55 5.71 -17.32
N GLY C 163 -1.95 4.85 -18.14
CA GLY C 163 -2.51 3.53 -18.34
C GLY C 163 -3.63 3.46 -19.39
N HIS C 164 -3.95 4.60 -20.01
CA HIS C 164 -5.02 4.66 -21.03
C HIS C 164 -4.69 3.85 -22.29
N ILE C 165 -5.70 3.28 -22.92
CA ILE C 165 -5.54 2.76 -24.28
C ILE C 165 -6.66 3.33 -25.17
N ALA C 166 -6.32 3.59 -26.45
CA ALA C 166 -7.15 4.39 -27.39
C ALA C 166 -7.62 5.67 -26.64
N PHE C 167 -8.92 5.96 -26.67
CA PHE C 167 -9.44 7.05 -25.88
C PHE C 167 -10.15 6.54 -24.64
N ASN C 168 -9.85 5.30 -24.26
CA ASN C 168 -10.32 4.73 -22.99
C ASN C 168 -9.47 5.24 -21.83
N GLU C 169 -9.85 6.42 -21.36
CA GLU C 169 -9.12 7.18 -20.34
C GLU C 169 -9.49 6.62 -18.97
N PRO C 170 -8.70 6.98 -17.91
CA PRO C 170 -9.04 6.54 -16.53
C PRO C 170 -10.51 6.80 -16.20
N GLY C 171 -11.19 5.82 -15.60
CA GLY C 171 -12.61 5.94 -15.34
C GLY C 171 -13.47 5.35 -16.43
N SER C 172 -12.87 4.94 -17.54
CA SER C 172 -13.60 4.22 -18.60
C SER C 172 -14.00 2.85 -18.06
N SER C 173 -15.21 2.42 -18.37
CA SER C 173 -15.65 1.14 -17.87
C SER C 173 -14.74 0.03 -18.34
N LEU C 174 -14.42 -0.88 -17.44
CA LEU C 174 -13.63 -2.07 -17.81
C LEU C 174 -14.33 -2.99 -18.83
N THR C 175 -15.63 -2.79 -19.05
CA THR C 175 -16.34 -3.52 -20.10
C THR C 175 -16.90 -2.62 -21.21
N SER C 176 -16.41 -1.39 -21.33
CA SER C 176 -16.91 -0.42 -22.31
C SER C 176 -16.94 -0.94 -23.75
N ARG C 177 -17.90 -0.46 -24.54
CA ARG C 177 -17.92 -0.73 -25.97
C ARG C 177 -17.54 0.49 -26.79
N THR C 178 -17.59 0.37 -28.13
CA THR C 178 -17.31 1.51 -29.01
C THR C 178 -18.33 2.60 -28.77
N ARG C 179 -17.87 3.83 -28.59
CA ARG C 179 -18.76 4.89 -28.12
C ARG C 179 -18.19 6.28 -28.41
N ILE C 180 -19.02 7.30 -28.18
CA ILE C 180 -18.60 8.69 -28.20
C ILE C 180 -17.84 8.96 -26.93
N LYS C 181 -16.73 9.65 -27.06
CA LYS C 181 -15.89 9.94 -25.96
C LYS C 181 -15.57 11.42 -25.96
N THR C 182 -15.82 12.06 -24.83
CA THR C 182 -15.46 13.45 -24.60
C THR C 182 -14.06 13.51 -23.95
N LEU C 183 -13.12 14.15 -24.65
CA LEU C 183 -11.72 14.15 -24.19
C LEU C 183 -11.52 15.00 -22.95
N THR C 184 -10.67 14.52 -22.04
CA THR C 184 -10.32 15.29 -20.84
C THR C 184 -9.20 16.30 -21.18
N GLN C 185 -9.06 17.36 -20.39
CA GLN C 185 -7.92 18.33 -20.53
C GLN C 185 -6.54 17.66 -20.68
N ASP C 186 -6.28 16.63 -19.87
CA ASP C 186 -5.03 15.88 -19.88
C ASP C 186 -4.69 15.29 -21.25
N THR C 187 -5.68 14.68 -21.88
CA THR C 187 -5.56 14.09 -23.22
C THR C 187 -5.38 15.17 -24.30
N ILE C 188 -6.11 16.26 -24.18
CA ILE C 188 -5.98 17.40 -25.07
C ILE C 188 -4.54 17.98 -24.96
N ILE C 189 -4.04 18.13 -23.74
CA ILE C 189 -2.69 18.61 -23.54
C ILE C 189 -1.68 17.67 -24.19
N ALA C 190 -1.75 16.37 -23.85
CA ALA C 190 -0.89 15.36 -24.47
C ALA C 190 -1.01 15.30 -26.00
N ASN C 191 -2.22 15.30 -26.55
CA ASN C 191 -2.36 15.10 -27.98
C ASN C 191 -2.09 16.40 -28.75
N SER C 192 -1.99 17.51 -28.02
CA SER C 192 -1.67 18.78 -28.67
C SER C 192 -0.30 18.72 -29.36
N ARG C 193 0.58 17.83 -28.87
CA ARG C 193 1.89 17.58 -29.55
C ARG C 193 1.64 17.19 -31.02
N PHE C 194 0.43 16.75 -31.33
CA PHE C 194 0.07 16.35 -32.69
C PHE C 194 -0.70 17.43 -33.45
N PHE C 195 -0.86 18.60 -32.84
CA PHE C 195 -1.63 19.68 -33.46
C PHE C 195 -0.82 20.94 -33.26
N GLU C 196 0.47 20.80 -33.54
CA GLU C 196 1.44 21.89 -33.45
C GLU C 196 1.53 22.56 -32.14
N GLY C 197 1.24 21.83 -31.06
CA GLY C 197 1.31 22.38 -29.71
C GLY C 197 0.15 23.28 -29.38
N ASP C 198 -0.89 23.27 -30.20
CA ASP C 198 -2.00 24.19 -30.03
C ASP C 198 -3.17 23.48 -29.36
N VAL C 199 -3.32 23.71 -28.05
CA VAL C 199 -4.35 22.96 -27.27
C VAL C 199 -5.77 23.12 -27.77
N ASN C 200 -6.08 24.27 -28.36
CA ASN C 200 -7.43 24.54 -28.90
C ASN C 200 -7.67 23.98 -30.28
N LYS C 201 -6.64 23.43 -30.91
CA LYS C 201 -6.82 22.82 -32.25
C LYS C 201 -7.31 21.38 -32.09
N VAL C 202 -6.98 20.74 -30.96
CA VAL C 202 -7.43 19.37 -30.70
C VAL C 202 -8.96 19.31 -30.68
N PRO C 203 -9.55 18.41 -31.48
CA PRO C 203 -10.98 18.18 -31.40
C PRO C 203 -11.43 17.78 -29.99
N LYS C 204 -12.62 18.22 -29.61
CA LYS C 204 -13.13 18.04 -28.27
C LYS C 204 -13.60 16.62 -28.00
N ASN C 205 -14.00 15.93 -29.07
CA ASN C 205 -14.62 14.63 -28.97
C ASN C 205 -14.05 13.63 -29.97
N ALA C 206 -14.16 12.36 -29.61
CA ALA C 206 -13.67 11.27 -30.45
C ALA C 206 -14.63 10.09 -30.51
N LEU C 207 -14.49 9.26 -31.54
CA LEU C 207 -15.09 7.93 -31.50
C LEU C 207 -13.99 6.96 -31.15
N THR C 208 -14.30 5.98 -30.29
CA THR C 208 -13.29 5.02 -29.87
C THR C 208 -13.87 3.64 -29.62
N VAL C 209 -13.13 2.59 -29.98
CA VAL C 209 -13.50 1.25 -29.50
C VAL C 209 -13.36 1.24 -28.00
N GLY C 210 -14.11 0.35 -27.38
CA GLY C 210 -14.08 0.20 -25.94
C GLY C 210 -13.04 -0.80 -25.51
N ILE C 211 -12.89 -0.90 -24.17
CA ILE C 211 -12.04 -1.91 -23.54
C ILE C 211 -12.58 -3.31 -23.83
N GLY C 212 -13.88 -3.52 -23.61
CA GLY C 212 -14.59 -4.74 -24.06
C GLY C 212 -14.32 -5.09 -25.52
N THR C 213 -14.46 -4.12 -26.41
CA THR C 213 -14.17 -4.33 -27.83
C THR C 213 -12.75 -4.93 -27.99
N ILE C 214 -11.77 -4.30 -27.34
CA ILE C 214 -10.40 -4.79 -27.40
C ILE C 214 -10.29 -6.19 -26.82
N MET C 215 -10.91 -6.43 -25.68
CA MET C 215 -10.86 -7.73 -25.02
CA MET C 215 -10.88 -7.73 -25.00
C MET C 215 -11.53 -8.87 -25.80
N ASP C 216 -12.35 -8.52 -26.79
CA ASP C 216 -13.00 -9.54 -27.63
C ASP C 216 -12.00 -10.14 -28.64
N SER C 217 -10.87 -9.46 -28.83
CA SER C 217 -9.84 -9.91 -29.77
C SER C 217 -9.30 -11.27 -29.40
N GLN C 218 -8.98 -12.09 -30.38
CA GLN C 218 -8.33 -13.38 -30.09
C GLN C 218 -6.99 -13.18 -29.38
N GLU C 219 -6.29 -12.10 -29.70
CA GLU C 219 -4.94 -11.88 -29.19
C GLU C 219 -4.75 -10.41 -29.09
N VAL C 220 -4.04 -9.97 -28.06
CA VAL C 220 -3.73 -8.59 -27.90
C VAL C 220 -2.21 -8.42 -27.74
N LEU C 221 -1.65 -7.47 -28.49
CA LEU C 221 -0.24 -7.11 -28.36
C LEU C 221 -0.12 -5.63 -28.00
N ILE C 222 0.57 -5.36 -26.90
CA ILE C 222 0.73 -4.00 -26.41
C ILE C 222 2.20 -3.60 -26.47
N ILE C 223 2.47 -2.46 -27.06
CA ILE C 223 3.83 -1.89 -27.11
C ILE C 223 3.94 -0.82 -26.03
N VAL C 224 5.01 -0.88 -25.22
CA VAL C 224 5.26 0.11 -24.15
C VAL C 224 6.75 0.53 -24.15
N ASN C 225 7.03 1.82 -24.11
CA ASN C 225 8.41 2.30 -24.00
C ASN C 225 8.53 3.54 -23.14
N GLY C 226 9.69 3.69 -22.50
CA GLY C 226 10.08 4.91 -21.82
C GLY C 226 9.77 4.92 -20.34
N HIS C 227 10.58 5.70 -19.62
CA HIS C 227 10.45 5.92 -18.20
C HIS C 227 9.09 6.47 -17.86
N ASN C 228 8.55 7.35 -18.72
CA ASN C 228 7.27 7.96 -18.43
C ASN C 228 6.08 7.00 -18.48
N LYS C 229 6.31 5.75 -18.93
CA LYS C 229 5.28 4.70 -18.85
C LYS C 229 5.54 3.66 -17.78
N ALA C 230 6.67 3.77 -17.07
CA ALA C 230 7.02 2.80 -16.02
C ALA C 230 5.90 2.60 -14.98
N ARG C 231 5.32 3.68 -14.48
CA ARG C 231 4.27 3.59 -13.47
C ARG C 231 3.03 2.87 -14.02
N ALA C 232 2.69 3.17 -15.26
CA ALA C 232 1.59 2.49 -15.95
C ALA C 232 1.80 0.96 -16.12
N LEU C 233 3.02 0.57 -16.43
CA LEU C 233 3.36 -0.84 -16.64
C LEU C 233 3.25 -1.62 -15.31
N LYS C 234 3.74 -1.03 -14.22
CA LYS C 234 3.49 -1.59 -12.90
C LYS C 234 2.00 -1.81 -12.60
N HIS C 235 1.17 -0.79 -12.85
CA HIS C 235 -0.27 -0.92 -12.65
C HIS C 235 -0.89 -1.88 -13.65
N ALA C 236 -0.28 -2.06 -14.81
CA ALA C 236 -0.77 -3.07 -15.74
C ALA C 236 -0.50 -4.52 -15.27
N ILE C 237 0.67 -4.74 -14.69
CA ILE C 237 1.18 -6.07 -14.45
C ILE C 237 1.01 -6.51 -13.01
N GLU C 238 1.36 -5.63 -12.08
CA GLU C 238 1.52 -6.01 -10.64
C GLU C 238 0.35 -5.67 -9.73
N LYS C 239 -0.45 -4.68 -10.11
CA LYS C 239 -1.54 -4.19 -9.28
C LYS C 239 -2.86 -4.75 -9.76
N GLY C 240 -3.89 -4.64 -8.94
CA GLY C 240 -5.15 -5.29 -9.26
C GLY C 240 -5.94 -4.56 -10.34
N VAL C 241 -6.84 -5.28 -11.01
CA VAL C 241 -7.71 -4.72 -12.02
C VAL C 241 -8.41 -3.45 -11.50
N ASN C 242 -8.25 -2.36 -12.24
CA ASN C 242 -8.57 -1.01 -11.74
C ASN C 242 -8.91 -0.10 -12.90
N HIS C 243 -10.11 0.49 -12.87
CA HIS C 243 -10.58 1.36 -13.98
C HIS C 243 -9.80 2.65 -14.15
N MET C 244 -8.99 3.03 -13.16
CA MET C 244 -8.12 4.22 -13.32
C MET C 244 -6.89 3.91 -14.22
N TRP C 245 -6.56 2.61 -14.35
CA TRP C 245 -5.48 2.13 -15.22
C TRP C 245 -6.07 1.11 -16.21
N THR C 246 -6.68 1.61 -17.28
CA THR C 246 -7.57 0.75 -18.10
C THR C 246 -6.81 -0.41 -18.74
N ILE C 247 -5.51 -0.20 -18.95
CA ILE C 247 -4.65 -1.28 -19.43
C ILE C 247 -4.75 -2.51 -18.50
N SER C 248 -4.98 -2.31 -17.21
CA SER C 248 -5.03 -3.44 -16.25
C SER C 248 -6.10 -4.45 -16.64
N ALA C 249 -7.04 -4.02 -17.49
CA ALA C 249 -8.06 -4.93 -17.99
C ALA C 249 -7.48 -6.16 -18.70
N LEU C 250 -6.25 -6.07 -19.22
CA LEU C 250 -5.69 -7.19 -19.98
C LEU C 250 -5.49 -8.43 -19.11
N GLN C 251 -5.46 -8.26 -17.79
CA GLN C 251 -5.35 -9.39 -16.87
C GLN C 251 -6.49 -10.39 -17.09
N LEU C 252 -7.59 -9.90 -17.65
CA LEU C 252 -8.80 -10.69 -17.93
C LEU C 252 -8.80 -11.26 -19.35
N HIS C 253 -7.84 -10.83 -20.16
CA HIS C 253 -7.75 -11.34 -21.52
C HIS C 253 -7.05 -12.71 -21.58
N LYS C 254 -7.53 -13.56 -22.50
CA LYS C 254 -7.06 -14.94 -22.63
C LYS C 254 -5.65 -15.06 -23.23
N ASN C 255 -5.20 -14.04 -23.96
CA ASN C 255 -4.03 -14.18 -24.80
C ASN C 255 -3.40 -12.80 -25.04
N ALA C 256 -2.73 -12.28 -24.02
CA ALA C 256 -2.16 -10.93 -24.07
C ALA C 256 -0.65 -10.98 -24.03
N ILE C 257 -0.03 -10.12 -24.82
CA ILE C 257 1.42 -9.98 -24.85
C ILE C 257 1.77 -8.52 -24.69
N ILE C 258 2.71 -8.22 -23.80
CA ILE C 258 3.24 -6.89 -23.74
C ILE C 258 4.71 -6.90 -24.11
N VAL C 259 5.10 -6.04 -25.04
CA VAL C 259 6.51 -5.87 -25.34
C VAL C 259 6.98 -4.50 -24.81
N SER C 260 8.03 -4.49 -24.00
CA SER C 260 8.48 -3.29 -23.29
C SER C 260 9.98 -3.06 -23.48
N ASP C 261 10.39 -1.80 -23.62
CA ASP C 261 11.85 -1.54 -23.57
C ASP C 261 12.29 -1.62 -22.09
N LYS C 262 13.57 -1.46 -21.81
CA LYS C 262 14.03 -1.57 -20.43
C LYS C 262 13.50 -0.47 -19.53
N ASN C 263 13.52 0.76 -20.05
CA ASN C 263 13.13 1.95 -19.29
C ASN C 263 11.73 1.88 -18.73
N ALA C 264 10.80 1.27 -19.46
CA ALA C 264 9.45 1.16 -19.02
C ALA C 264 9.29 0.17 -17.88
N THR C 265 10.34 -0.63 -17.58
CA THR C 265 10.27 -1.65 -16.51
C THR C 265 10.74 -1.16 -15.15
N TYR C 266 11.12 0.12 -15.05
CA TYR C 266 11.77 0.65 -13.82
C TYR C 266 10.94 0.61 -12.56
N GLU C 267 9.63 0.47 -12.69
CA GLU C 267 8.79 0.40 -11.51
C GLU C 267 8.35 -1.03 -11.19
N LEU C 268 8.69 -1.99 -12.06
CA LEU C 268 8.40 -3.40 -11.79
C LEU C 268 9.39 -3.90 -10.74
N LYS C 269 8.98 -4.92 -9.97
CA LYS C 269 9.94 -5.62 -9.10
C LYS C 269 10.96 -6.37 -9.96
N VAL C 270 12.21 -6.37 -9.52
CA VAL C 270 13.23 -7.26 -10.10
C VAL C 270 12.62 -8.66 -10.35
N GLY C 271 11.95 -9.20 -9.33
CA GLY C 271 11.36 -10.54 -9.41
C GLY C 271 10.29 -10.72 -10.52
N THR C 272 9.57 -9.65 -10.84
CA THR C 272 8.56 -9.67 -11.91
C THR C 272 9.23 -9.81 -13.29
N VAL C 273 10.26 -9.03 -13.51
CA VAL C 273 11.08 -9.10 -14.72
C VAL C 273 11.71 -10.47 -14.84
N GLU C 274 12.32 -10.95 -13.75
CA GLU C 274 12.99 -12.25 -13.76
C GLU C 274 11.97 -13.37 -14.11
N TYR C 275 10.78 -13.26 -13.56
CA TYR C 275 9.66 -14.20 -13.76
C TYR C 275 9.19 -14.25 -15.21
N PHE C 276 9.03 -13.09 -15.85
CA PHE C 276 8.57 -13.08 -17.25
C PHE C 276 9.69 -13.40 -18.23
N ASN C 277 10.92 -12.98 -17.91
CA ASN C 277 12.10 -13.45 -18.66
C ASN C 277 12.18 -14.98 -18.67
N ASP C 278 11.99 -15.60 -17.51
CA ASP C 278 12.10 -17.06 -17.42
C ASP C 278 10.98 -17.75 -18.23
N ILE C 279 9.78 -17.14 -18.24
CA ILE C 279 8.69 -17.67 -19.04
C ILE C 279 9.09 -17.70 -20.54
N GLU C 280 9.74 -16.65 -21.01
CA GLU C 280 10.21 -16.62 -22.40
C GLU C 280 11.24 -17.70 -22.68
N ARG C 281 12.15 -17.89 -21.73
CA ARG C 281 13.21 -18.88 -21.79
CA ARG C 281 13.19 -18.90 -21.87
C ARG C 281 12.61 -20.29 -21.84
N LYS C 282 11.73 -20.58 -20.86
CA LYS C 282 11.03 -21.87 -20.77
C LYS C 282 10.13 -22.14 -22.01
N ASN C 283 9.35 -21.14 -22.39
CA ASN C 283 8.47 -21.22 -23.56
C ASN C 283 9.24 -21.68 -24.78
N PHE C 284 10.42 -21.08 -25.05
CA PHE C 284 11.19 -21.47 -26.25
C PHE C 284 11.83 -22.87 -26.15
N ASN C 285 12.24 -23.25 -24.95
CA ASN C 285 12.94 -24.51 -24.75
C ASN C 285 12.04 -25.64 -24.25
N ASN C 286 10.75 -25.60 -24.58
CA ASN C 286 9.75 -26.50 -23.99
C ASN C 286 9.47 -27.78 -24.78
N ASP C 287 10.27 -28.03 -25.83
CA ASP C 287 10.24 -29.27 -26.63
C ASP C 287 8.89 -29.51 -27.28
N LEU C 288 8.11 -28.45 -27.46
CA LEU C 288 6.81 -28.55 -28.10
C LEU C 288 6.74 -27.77 -29.42
N LYS C 289 5.66 -28.00 -30.16
CA LYS C 289 5.46 -27.45 -31.50
C LYS C 289 5.20 -25.94 -31.49
N PRO D 19 10.86 -8.12 28.51
CA PRO D 19 11.23 -9.07 27.45
C PRO D 19 12.25 -8.51 26.45
N GLY D 20 12.38 -7.17 26.41
CA GLY D 20 13.28 -6.45 25.51
C GLY D 20 12.71 -6.01 24.15
N SER D 21 11.43 -5.63 24.12
CA SER D 21 10.77 -5.05 22.94
C SER D 21 9.56 -4.20 23.39
N MET D 22 8.96 -3.45 22.46
CA MET D 22 7.64 -2.89 22.70
C MET D 22 6.72 -4.02 23.11
N ARG D 23 5.80 -3.73 24.02
CA ARG D 23 4.83 -4.71 24.42
C ARG D 23 3.47 -4.24 24.02
N LEU D 24 2.65 -5.18 23.58
CA LEU D 24 1.24 -4.89 23.27
C LEU D 24 0.42 -5.87 24.06
N ILE D 25 -0.32 -5.35 25.02
CA ILE D 25 -1.10 -6.14 25.94
C ILE D 25 -2.53 -6.00 25.47
N ILE D 26 -3.12 -7.12 25.09
CA ILE D 26 -4.46 -7.08 24.56
C ILE D 26 -5.40 -7.76 25.55
N ARG D 27 -6.50 -7.09 25.88
CA ARG D 27 -7.51 -7.63 26.80
C ARG D 27 -8.88 -7.43 26.21
N PRO D 28 -9.88 -8.18 26.70
CA PRO D 28 -11.16 -8.14 26.01
C PRO D 28 -11.87 -6.79 25.99
N THR D 29 -11.99 -6.14 27.16
CA THR D 29 -12.84 -4.97 27.31
C THR D 29 -12.07 -3.75 27.85
N TYR D 30 -12.70 -2.58 27.76
CA TYR D 30 -12.19 -1.33 28.29
C TYR D 30 -11.96 -1.43 29.81
N GLU D 31 -12.79 -2.20 30.48
CA GLU D 31 -12.66 -2.43 31.92
C GLU D 31 -11.42 -3.26 32.24
N ASP D 32 -11.10 -4.22 31.37
CA ASP D 32 -9.93 -5.05 31.60
C ASP D 32 -8.65 -4.21 31.44
N ILE D 33 -8.60 -3.36 30.41
CA ILE D 33 -7.38 -2.59 30.18
C ILE D 33 -7.21 -1.52 31.24
N SER D 34 -8.31 -0.95 31.70
CA SER D 34 -8.33 0.03 32.78
C SER D 34 -7.70 -0.54 34.03
N LYS D 35 -8.11 -1.76 34.38
CA LYS D 35 -7.55 -2.50 35.51
C LYS D 35 -6.11 -2.84 35.27
N TRP D 36 -5.79 -3.35 34.07
CA TRP D 36 -4.42 -3.69 33.75
C TRP D 36 -3.53 -2.48 33.94
N ALA D 37 -3.95 -1.34 33.40
CA ALA D 37 -3.15 -0.15 33.47
C ALA D 37 -3.00 0.32 34.91
N ALA D 38 -4.09 0.34 35.69
CA ALA D 38 -3.99 0.75 37.10
C ALA D 38 -2.99 -0.13 37.85
N ASN D 39 -3.09 -1.43 37.63
CA ASN D 39 -2.20 -2.37 38.32
C ASN D 39 -0.74 -2.16 37.96
N HIS D 40 -0.49 -1.76 36.71
CA HIS D 40 0.86 -1.53 36.21
C HIS D 40 1.47 -0.28 36.87
N VAL D 41 0.65 0.77 36.96
CA VAL D 41 1.06 2.02 37.55
C VAL D 41 1.37 1.75 39.03
N ALA D 42 0.42 1.08 39.70
CA ALA D 42 0.59 0.70 41.11
C ALA D 42 1.84 -0.11 41.31
N GLN D 43 2.03 -1.13 40.49
CA GLN D 43 3.22 -1.96 40.49
C GLN D 43 4.54 -1.16 40.37
N LYS D 44 4.66 -0.27 39.38
CA LYS D 44 5.89 0.54 39.24
C LYS D 44 6.16 1.49 40.44
N ILE D 45 5.11 2.13 40.98
CA ILE D 45 5.25 3.00 42.19
C ILE D 45 5.65 2.18 43.42
N ASN D 46 4.90 1.12 43.74
CA ASN D 46 5.25 0.23 44.87
C ASN D 46 6.67 -0.37 44.85
N GLU D 47 7.17 -0.78 43.68
CA GLU D 47 8.53 -1.34 43.57
C GLU D 47 9.64 -0.30 43.69
N PHE D 48 9.37 0.91 43.22
CA PHE D 48 10.30 2.01 43.37
C PHE D 48 10.30 2.47 44.84
N SER D 49 9.13 2.38 45.47
CA SER D 49 8.94 2.72 46.89
CA SER D 49 8.93 2.72 46.89
C SER D 49 9.40 4.16 47.16
N PRO D 50 8.61 5.14 46.70
CA PRO D 50 9.10 6.52 46.77
C PRO D 50 9.09 7.11 48.20
N THR D 51 10.01 8.02 48.45
CA THR D 51 10.11 8.76 49.72
C THR D 51 10.13 10.28 49.45
N LYS D 52 10.19 11.09 50.51
CA LYS D 52 10.23 12.56 50.34
C LYS D 52 11.50 13.00 49.61
N GLU D 53 12.59 12.29 49.85
CA GLU D 53 13.85 12.62 49.18
C GLU D 53 13.92 12.03 47.78
N ASN D 54 13.24 10.88 47.59
CA ASN D 54 13.24 10.18 46.29
C ASN D 54 11.83 9.87 45.78
N PRO D 55 11.13 10.89 45.28
CA PRO D 55 9.74 10.69 44.90
C PRO D 55 9.61 10.03 43.52
N PHE D 56 8.44 9.46 43.24
CA PHE D 56 8.17 8.86 41.94
C PHE D 56 7.61 9.93 41.03
N ILE D 57 8.15 10.03 39.82
CA ILE D 57 7.68 11.05 38.89
C ILE D 57 6.75 10.46 37.83
N LEU D 58 5.51 11.00 37.76
CA LEU D 58 4.42 10.40 37.01
C LEU D 58 3.81 11.38 36.02
N GLY D 59 3.76 11.02 34.74
CA GLY D 59 3.10 11.84 33.72
C GLY D 59 1.68 11.32 33.50
N LEU D 60 0.70 12.20 33.32
CA LEU D 60 -0.70 11.75 33.25
C LEU D 60 -1.42 12.34 32.06
N PRO D 61 -2.50 11.69 31.62
CA PRO D 61 -3.31 12.22 30.51
C PRO D 61 -4.70 12.66 30.97
N THR D 62 -5.41 13.38 30.10
CA THR D 62 -6.86 13.57 30.28
C THR D 62 -7.64 12.84 29.20
N GLY D 63 -8.89 13.24 28.97
CA GLY D 63 -9.76 12.55 28.05
C GLY D 63 -10.53 11.42 28.74
N SER D 64 -11.38 10.74 27.99
CA SER D 64 -12.10 9.59 28.53
C SER D 64 -11.30 8.25 28.61
N SER D 65 -10.29 8.10 27.77
CA SER D 65 -9.33 6.97 27.89
C SER D 65 -8.94 6.54 29.31
N PRO D 66 -8.31 7.44 30.10
CA PRO D 66 -7.77 7.02 31.40
C PRO D 66 -8.77 6.99 32.55
N ILE D 67 -10.00 7.43 32.31
CA ILE D 67 -11.02 7.46 33.37
C ILE D 67 -11.10 6.15 34.15
N GLY D 68 -11.26 5.04 33.44
CA GLY D 68 -11.28 3.72 34.10
C GLY D 68 -10.02 3.49 34.94
N MET D 69 -8.86 3.84 34.40
CA MET D 69 -7.60 3.66 35.14
C MET D 69 -7.65 4.46 36.46
N TYR D 70 -8.11 5.70 36.36
CA TYR D 70 -8.21 6.59 37.52
C TYR D 70 -9.17 6.03 38.57
N LYS D 71 -10.32 5.53 38.11
CA LYS D 71 -11.27 4.91 39.01
C LYS D 71 -10.64 3.75 39.74
N ASN D 72 -9.87 2.93 39.03
CA ASN D 72 -9.22 1.77 39.67
C ASN D 72 -8.12 2.20 40.64
N LEU D 73 -7.39 3.26 40.29
CA LEU D 73 -6.29 3.72 41.14
C LEU D 73 -6.86 4.31 42.43
N ILE D 74 -7.98 4.99 42.30
CA ILE D 74 -8.73 5.49 43.44
C ILE D 74 -9.12 4.36 44.41
N GLU D 75 -9.77 3.32 43.90
CA GLU D 75 -10.09 2.15 44.74
C GLU D 75 -8.86 1.50 45.38
N LEU D 76 -7.78 1.33 44.62
CA LEU D 76 -6.57 0.75 45.17
C LEU D 76 -5.98 1.62 46.28
N ASN D 77 -6.20 2.93 46.17
CA ASN D 77 -5.71 3.86 47.15
C ASN D 77 -6.56 3.76 48.43
N LYS D 78 -7.88 3.72 48.26
CA LYS D 78 -8.81 3.48 49.37
C LYS D 78 -8.52 2.16 50.11
N ASN D 79 -8.13 1.11 49.37
CA ASN D 79 -7.77 -0.18 50.01
C ASN D 79 -6.31 -0.24 50.43
N LYS D 80 -5.68 0.93 50.49
CA LYS D 80 -4.31 1.08 50.98
C LYS D 80 -3.29 0.19 50.26
N LYS D 81 -3.52 -0.06 48.97
CA LYS D 81 -2.58 -0.88 48.18
C LYS D 81 -1.56 -0.01 47.42
N ILE D 82 -1.71 1.31 47.59
CA ILE D 82 -0.79 2.29 47.03
C ILE D 82 -1.00 3.65 47.73
N SER D 83 0.08 4.41 47.90
CA SER D 83 -0.07 5.81 48.34
C SER D 83 0.51 6.80 47.33
N PHE D 84 -0.14 7.94 47.19
CA PHE D 84 0.32 9.01 46.30
C PHE D 84 1.00 10.15 47.07
N GLN D 85 1.41 9.84 48.31
CA GLN D 85 1.94 10.84 49.20
C GLN D 85 3.28 11.37 48.67
N ASN D 86 4.07 10.46 48.11
CA ASN D 86 5.37 10.79 47.51
C ASN D 86 5.42 10.58 45.99
N VAL D 87 4.33 10.92 45.32
CA VAL D 87 4.27 10.84 43.87
C VAL D 87 4.07 12.24 43.36
N ILE D 88 4.88 12.61 42.37
CA ILE D 88 4.86 13.93 41.73
C ILE D 88 4.30 13.74 40.32
N THR D 89 3.29 14.52 39.99
CA THR D 89 2.61 14.33 38.73
C THR D 89 2.83 15.55 37.83
N PHE D 90 2.87 15.30 36.53
CA PHE D 90 2.90 16.34 35.51
C PHE D 90 1.80 16.00 34.55
N ASN D 91 1.01 16.99 34.16
CA ASN D 91 -0.02 16.75 33.16
C ASN D 91 0.43 17.13 31.74
N MET D 92 -0.26 16.60 30.74
CA MET D 92 0.11 16.86 29.34
C MET D 92 -0.17 18.26 28.88
N ASP D 93 -1.30 18.81 29.32
CA ASP D 93 -1.80 20.03 28.70
C ASP D 93 -2.77 20.85 29.54
N GLU D 94 -3.04 22.07 29.07
CA GLU D 94 -4.15 22.89 29.54
C GLU D 94 -4.51 23.93 28.48
N TYR D 95 -5.76 24.38 28.48
CA TYR D 95 -6.18 25.42 27.56
C TYR D 95 -5.54 26.74 27.95
N ILE D 96 -5.24 27.58 26.96
CA ILE D 96 -4.82 28.94 27.23
C ILE D 96 -6.05 29.84 27.40
N GLY D 97 -6.11 30.53 28.53
CA GLY D 97 -7.14 31.55 28.80
C GLY D 97 -8.45 31.04 29.35
N ILE D 98 -8.41 29.87 29.99
CA ILE D 98 -9.55 29.38 30.75
C ILE D 98 -9.30 29.55 32.27
N GLU D 99 -10.29 30.03 33.02
CA GLU D 99 -10.14 30.20 34.46
C GLU D 99 -9.89 28.84 35.08
N GLU D 100 -8.90 28.80 35.96
CA GLU D 100 -8.39 27.55 36.53
C GLU D 100 -9.52 26.70 37.07
N ASN D 101 -10.48 27.36 37.70
CA ASN D 101 -11.60 26.70 38.34
C ASN D 101 -12.77 26.45 37.40
N HIS D 102 -12.71 26.96 36.16
CA HIS D 102 -13.73 26.64 35.14
C HIS D 102 -13.91 25.13 35.11
N PRO D 103 -15.17 24.66 35.06
CA PRO D 103 -15.42 23.21 35.14
C PRO D 103 -14.87 22.38 33.96
N GLU D 104 -14.49 23.06 32.86
CA GLU D 104 -13.98 22.42 31.64
C GLU D 104 -12.46 22.50 31.43
N SER D 105 -11.79 23.28 32.28
CA SER D 105 -10.34 23.32 32.33
C SER D 105 -9.82 21.94 32.68
N TYR D 106 -8.57 21.70 32.30
CA TYR D 106 -7.96 20.42 32.65
CA TYR D 106 -7.88 20.45 32.62
C TYR D 106 -7.51 20.37 34.12
N HIS D 107 -7.29 21.51 34.76
CA HIS D 107 -7.07 21.57 36.23
C HIS D 107 -8.30 20.96 36.87
N SER D 108 -9.49 21.41 36.49
CA SER D 108 -10.73 20.84 37.04
C SER D 108 -10.91 19.38 36.68
N PHE D 109 -10.69 19.01 35.41
CA PHE D 109 -10.77 17.61 35.03
C PHE D 109 -9.97 16.76 36.00
N MET D 110 -8.72 17.13 36.22
CA MET D 110 -7.83 16.27 36.98
C MET D 110 -8.24 16.18 38.45
N TRP D 111 -8.64 17.30 39.02
CA TRP D 111 -9.05 17.34 40.42
C TRP D 111 -10.29 16.51 40.63
N ASN D 112 -11.31 16.75 39.82
CA ASN D 112 -12.60 16.07 39.94
C ASN D 112 -12.62 14.59 39.62
N ASN D 113 -11.78 14.14 38.67
CA ASN D 113 -11.79 12.74 38.26
C ASN D 113 -10.73 11.95 39.01
N PHE D 114 -9.75 12.65 39.59
CA PHE D 114 -8.63 11.93 40.18
C PHE D 114 -8.05 12.47 41.51
N PHE D 115 -7.49 13.67 41.44
CA PHE D 115 -6.68 14.22 42.54
C PHE D 115 -7.49 14.49 43.84
N SER D 116 -8.75 14.83 43.70
CA SER D 116 -9.68 14.97 44.82
C SER D 116 -9.88 13.69 45.62
N HIS D 117 -9.45 12.56 45.07
CA HIS D 117 -9.92 11.28 45.59
C HIS D 117 -8.76 10.45 46.11
N ILE D 118 -7.53 10.92 45.92
CA ILE D 118 -6.33 10.18 46.38
C ILE D 118 -5.52 11.00 47.40
N ASP D 119 -4.64 10.32 48.15
CA ASP D 119 -3.76 10.97 49.16
C ASP D 119 -2.54 11.62 48.51
N ILE D 120 -2.78 12.42 47.48
CA ILE D 120 -1.72 13.16 46.80
C ILE D 120 -1.52 14.53 47.48
N LYS D 121 -0.28 14.96 47.65
CA LYS D 121 -0.02 16.32 48.18
C LYS D 121 -0.19 17.32 47.06
N LYS D 122 -0.92 18.39 47.32
CA LYS D 122 -1.23 19.40 46.31
C LYS D 122 -0.01 20.13 45.71
N GLU D 123 1.07 20.26 46.47
CA GLU D 123 2.26 20.94 45.92
C GLU D 123 3.09 19.98 45.03
N ASN D 124 2.70 18.70 45.03
CA ASN D 124 3.32 17.73 44.18
C ASN D 124 2.67 17.67 42.80
N ILE D 125 1.55 18.38 42.61
CA ILE D 125 0.82 18.35 41.33
C ILE D 125 1.32 19.44 40.40
N ASN D 126 1.64 19.08 39.16
CA ASN D 126 2.10 20.05 38.19
C ASN D 126 1.20 19.98 36.98
N ILE D 127 0.59 21.10 36.66
CA ILE D 127 -0.23 21.26 35.46
C ILE D 127 0.21 22.57 34.82
N LEU D 128 0.30 22.61 33.48
CA LEU D 128 0.68 23.83 32.77
C LEU D 128 -0.36 24.91 33.09
N ASN D 129 0.13 26.15 33.24
CA ASN D 129 -0.68 27.33 33.54
C ASN D 129 -0.95 28.10 32.26
N GLY D 130 -2.15 27.92 31.72
CA GLY D 130 -2.51 28.59 30.47
C GLY D 130 -2.84 30.08 30.58
N ASN D 131 -2.71 30.62 31.80
CA ASN D 131 -2.97 32.03 32.11
C ASN D 131 -1.69 32.79 32.42
N ALA D 132 -0.54 32.14 32.22
CA ALA D 132 0.73 32.78 32.54
C ALA D 132 1.01 33.90 31.56
N SER D 133 1.66 34.96 32.06
CA SER D 133 1.88 36.17 31.27
C SER D 133 2.75 35.89 30.06
N ASN D 134 3.82 35.13 30.29
CA ASN D 134 4.72 34.71 29.24
C ASN D 134 4.58 33.20 29.04
N LEU D 135 3.75 32.84 28.07
CA LEU D 135 3.43 31.46 27.75
C LEU D 135 4.64 30.66 27.26
N LYS D 136 5.44 31.24 26.36
CA LYS D 136 6.66 30.59 25.90
C LYS D 136 7.60 30.20 27.07
N LYS D 137 7.60 31.03 28.12
CA LYS D 137 8.44 30.81 29.30
C LYS D 137 7.84 29.70 30.20
N GLU D 138 6.53 29.74 30.41
CA GLU D 138 5.79 28.71 31.15
C GLU D 138 6.18 27.32 30.60
N CYS D 139 6.21 27.20 29.27
CA CYS D 139 6.57 25.96 28.61
C CYS D 139 8.03 25.59 28.90
N GLU D 140 8.95 26.54 28.74
CA GLU D 140 10.37 26.32 29.06
C GLU D 140 10.58 25.86 30.51
N GLU D 141 9.89 26.53 31.41
CA GLU D 141 9.88 26.23 32.85
C GLU D 141 9.33 24.84 33.20
N TYR D 142 8.29 24.42 32.48
CA TYR D 142 7.67 23.11 32.71
C TYR D 142 8.66 22.04 32.33
N GLU D 143 9.33 22.25 31.19
CA GLU D 143 10.40 21.36 30.75
C GLU D 143 11.57 21.33 31.74
N LYS D 144 11.90 22.49 32.30
CA LYS D 144 12.96 22.59 33.31
C LYS D 144 12.54 21.94 34.62
N LYS D 145 11.29 22.13 35.03
CA LYS D 145 10.81 21.45 36.22
C LYS D 145 10.85 19.93 36.09
N ILE D 146 10.43 19.38 34.92
CA ILE D 146 10.51 17.92 34.70
C ILE D 146 11.96 17.45 34.88
N LYS D 147 12.90 18.16 34.26
CA LYS D 147 14.32 17.78 34.34
C LYS D 147 14.88 17.96 35.77
N SER D 148 14.35 18.91 36.51
CA SER D 148 14.81 19.14 37.90
C SER D 148 14.60 17.88 38.73
N PHE D 149 13.56 17.12 38.43
CA PHE D 149 13.31 15.87 39.17
C PHE D 149 14.10 14.67 38.63
N GLY D 150 14.82 14.89 37.52
CA GLY D 150 15.50 13.82 36.81
C GLY D 150 14.64 13.16 35.74
N GLY D 151 13.52 13.78 35.37
CA GLY D 151 12.66 13.26 34.30
C GLY D 151 11.46 12.45 34.76
N ILE D 152 10.48 12.28 33.88
CA ILE D 152 9.28 11.47 34.16
C ILE D 152 9.69 9.99 34.17
N MET D 153 9.22 9.25 35.16
CA MET D 153 9.59 7.84 35.23
C MET D 153 8.56 6.98 34.48
N LEU D 154 7.31 7.44 34.43
CA LEU D 154 6.26 6.74 33.73
C LEU D 154 5.31 7.79 33.24
N PHE D 155 5.14 7.85 31.92
CA PHE D 155 4.12 8.70 31.35
C PHE D 155 2.98 7.81 30.86
N VAL D 156 1.76 8.10 31.29
CA VAL D 156 0.62 7.37 30.80
C VAL D 156 -0.05 8.27 29.81
N GLY D 157 -0.39 7.71 28.64
CA GLY D 157 -1.10 8.46 27.60
C GLY D 157 -2.22 7.69 26.92
N GLY D 158 -2.98 8.37 26.09
CA GLY D 158 -4.13 7.80 25.36
C GLY D 158 -3.94 8.29 23.95
N ILE D 159 -4.62 7.73 22.96
CA ILE D 159 -4.47 8.26 21.60
C ILE D 159 -5.79 8.65 21.00
N GLY D 160 -5.78 9.52 19.99
CA GLY D 160 -7.01 9.87 19.28
C GLY D 160 -7.28 8.95 18.09
N PRO D 161 -8.49 9.06 17.50
CA PRO D 161 -8.75 8.23 16.32
C PRO D 161 -7.79 8.50 15.19
N ASP D 162 -7.25 9.72 15.13
CA ASP D 162 -6.27 10.08 14.08
C ASP D 162 -4.80 9.94 14.52
N GLY D 163 -4.57 9.24 15.65
CA GLY D 163 -3.21 8.97 16.11
C GLY D 163 -2.59 10.03 17.00
N HIS D 164 -3.32 11.10 17.33
CA HIS D 164 -2.76 12.18 18.12
C HIS D 164 -2.66 11.74 19.57
N ILE D 165 -1.65 12.27 20.26
CA ILE D 165 -1.58 12.18 21.70
C ILE D 165 -1.64 13.59 22.27
N ALA D 166 -2.62 13.84 23.13
CA ALA D 166 -2.72 15.16 23.77
C ALA D 166 -3.01 16.11 22.63
N PHE D 167 -2.39 17.28 22.62
CA PHE D 167 -2.56 18.21 21.51
C PHE D 167 -1.42 18.10 20.47
N ASN D 168 -0.66 17.02 20.47
CA ASN D 168 0.24 16.73 19.35
C ASN D 168 -0.56 16.10 18.24
N GLU D 169 -1.10 16.94 17.40
CA GLU D 169 -2.06 16.57 16.35
C GLU D 169 -1.24 16.15 15.13
N PRO D 170 -1.87 15.49 14.12
CA PRO D 170 -1.12 15.15 12.90
C PRO D 170 -0.28 16.33 12.40
N GLY D 171 0.96 16.04 12.03
CA GLY D 171 1.86 17.09 11.54
C GLY D 171 2.64 17.79 12.62
N SER D 172 2.40 17.42 13.89
CA SER D 172 3.30 17.74 15.00
C SER D 172 4.62 17.02 14.78
N SER D 173 5.71 17.73 15.02
CA SER D 173 7.05 17.26 14.84
C SER D 173 7.31 16.08 15.75
N LEU D 174 7.99 15.06 15.21
CA LEU D 174 8.19 13.85 15.97
C LEU D 174 9.23 14.04 17.06
N THR D 175 9.81 15.25 17.17
CA THR D 175 10.70 15.62 18.28
C THR D 175 10.23 16.95 18.97
N SER D 176 8.94 17.27 18.83
CA SER D 176 8.39 18.48 19.41
C SER D 176 8.56 18.55 20.93
N ARG D 177 8.75 19.77 21.43
CA ARG D 177 8.84 20.05 22.86
C ARG D 177 7.55 20.70 23.36
N THR D 178 7.50 21.05 24.64
CA THR D 178 6.37 21.78 25.23
C THR D 178 6.25 23.15 24.52
N ARG D 179 5.04 23.52 24.16
CA ARG D 179 4.83 24.67 23.29
C ARG D 179 3.36 25.10 23.25
N ILE D 180 3.14 26.30 22.74
CA ILE D 180 1.81 26.80 22.46
C ILE D 180 1.28 26.04 21.25
N LYS D 181 0.02 25.65 21.29
CA LYS D 181 -0.62 24.96 20.17
C LYS D 181 -1.97 25.59 19.91
N THR D 182 -2.16 25.99 18.65
CA THR D 182 -3.44 26.42 18.10
C THR D 182 -4.27 25.17 17.72
N LEU D 183 -5.48 25.08 18.24
CA LEU D 183 -6.34 23.91 17.99
C LEU D 183 -6.94 23.93 16.57
N THR D 184 -6.98 22.74 15.94
CA THR D 184 -7.59 22.52 14.61
C THR D 184 -9.08 22.23 14.75
N GLN D 185 -9.85 22.45 13.67
CA GLN D 185 -11.31 22.23 13.69
C GLN D 185 -11.73 20.90 14.32
N ASP D 186 -11.15 19.80 13.84
CA ASP D 186 -11.52 18.47 14.33
C ASP D 186 -11.44 18.37 15.87
N THR D 187 -10.46 19.04 16.46
CA THR D 187 -10.29 19.10 17.93
C THR D 187 -11.35 19.98 18.58
N ILE D 188 -11.58 21.15 17.99
CA ILE D 188 -12.59 22.11 18.44
C ILE D 188 -14.01 21.51 18.38
N ILE D 189 -14.36 20.93 17.22
CA ILE D 189 -15.59 20.17 17.02
C ILE D 189 -15.70 19.07 18.07
N ALA D 190 -14.73 18.17 18.16
CA ALA D 190 -14.78 17.11 19.18
C ALA D 190 -14.89 17.65 20.60
N ASN D 191 -14.07 18.62 20.98
CA ASN D 191 -14.17 19.22 22.32
C ASN D 191 -15.38 20.14 22.55
N SER D 192 -16.09 20.50 21.48
CA SER D 192 -17.30 21.34 21.59
C SER D 192 -18.44 20.71 22.40
N ARG D 193 -18.52 19.38 22.46
CA ARG D 193 -19.49 18.66 23.28
C ARG D 193 -19.49 19.12 24.75
N PHE D 194 -18.31 19.44 25.28
CA PHE D 194 -18.12 19.93 26.67
C PHE D 194 -18.28 21.46 26.88
N PHE D 195 -18.56 22.18 25.80
CA PHE D 195 -18.86 23.60 25.89
C PHE D 195 -20.20 23.79 25.22
N GLU D 196 -21.18 23.01 25.69
CA GLU D 196 -22.54 22.92 25.15
C GLU D 196 -22.67 22.94 23.63
N GLY D 197 -21.88 22.10 22.94
CA GLY D 197 -21.97 21.93 21.48
C GLY D 197 -21.71 23.18 20.66
N ASP D 198 -21.10 24.18 21.29
CA ASP D 198 -20.70 25.42 20.63
C ASP D 198 -19.19 25.33 20.35
N VAL D 199 -18.82 25.45 19.08
CA VAL D 199 -17.40 25.50 18.69
C VAL D 199 -16.72 26.80 19.14
N ASN D 200 -17.48 27.90 19.19
CA ASN D 200 -16.95 29.20 19.61
C ASN D 200 -16.65 29.41 21.11
N LYS D 201 -17.21 28.55 21.97
CA LYS D 201 -16.91 28.60 23.41
C LYS D 201 -15.64 27.82 23.78
N VAL D 202 -15.13 27.02 22.83
CA VAL D 202 -13.85 26.31 23.00
C VAL D 202 -12.67 27.29 22.94
N PRO D 203 -11.78 27.26 23.95
CA PRO D 203 -10.56 28.04 23.89
C PRO D 203 -9.76 27.65 22.63
N LYS D 204 -9.12 28.64 22.01
CA LYS D 204 -8.52 28.47 20.68
C LYS D 204 -7.15 27.80 20.73
N ASN D 205 -6.42 28.09 21.79
CA ASN D 205 -5.06 27.59 21.99
C ASN D 205 -4.94 26.84 23.29
N ALA D 206 -3.88 26.04 23.37
CA ALA D 206 -3.54 25.27 24.55
C ALA D 206 -2.04 25.23 24.71
N LEU D 207 -1.58 24.91 25.91
CA LEU D 207 -0.17 24.53 26.10
C LEU D 207 -0.10 23.03 26.21
N THR D 208 0.90 22.43 25.57
CA THR D 208 1.00 20.99 25.58
C THR D 208 2.45 20.59 25.63
N VAL D 209 2.73 19.48 26.33
CA VAL D 209 4.04 18.82 26.22
C VAL D 209 4.20 18.31 24.78
N GLY D 210 5.44 18.19 24.31
CA GLY D 210 5.67 17.75 22.93
C GLY D 210 5.79 16.26 22.88
N ILE D 211 5.94 15.71 21.66
CA ILE D 211 6.24 14.29 21.48
C ILE D 211 7.59 13.93 22.12
N GLY D 212 8.61 14.76 21.90
CA GLY D 212 9.94 14.55 22.51
C GLY D 212 9.87 14.53 24.03
N THR D 213 9.05 15.41 24.59
CA THR D 213 8.84 15.47 26.03
C THR D 213 8.33 14.16 26.58
N ILE D 214 7.35 13.57 25.89
CA ILE D 214 6.84 12.27 26.33
C ILE D 214 7.90 11.20 26.13
N MET D 215 8.61 11.26 25.01
CA MET D 215 9.68 10.32 24.66
CA MET D 215 9.68 10.32 24.66
C MET D 215 10.85 10.36 25.63
N ASP D 216 11.03 11.47 26.33
CA ASP D 216 12.11 11.57 27.32
C ASP D 216 11.86 10.66 28.52
N SER D 217 10.60 10.22 28.73
CA SER D 217 10.24 9.42 29.90
C SER D 217 10.99 8.11 29.90
N GLN D 218 11.27 7.57 31.08
CA GLN D 218 11.90 6.26 31.14
C GLN D 218 11.01 5.18 30.57
N GLU D 219 9.69 5.35 30.72
CA GLU D 219 8.72 4.35 30.34
C GLU D 219 7.46 5.07 29.93
N VAL D 220 6.85 4.61 28.84
CA VAL D 220 5.57 5.18 28.37
C VAL D 220 4.50 4.08 28.28
N LEU D 221 3.32 4.35 28.80
CA LEU D 221 2.22 3.41 28.69
C LEU D 221 1.05 4.09 27.99
N ILE D 222 0.60 3.50 26.89
CA ILE D 222 -0.52 4.05 26.14
C ILE D 222 -1.73 3.14 26.26
N ILE D 223 -2.87 3.75 26.53
CA ILE D 223 -4.15 3.07 26.60
C ILE D 223 -4.94 3.31 25.33
N VAL D 224 -5.43 2.23 24.70
CA VAL D 224 -6.19 2.33 23.44
C VAL D 224 -7.47 1.49 23.50
N ASN D 225 -8.62 2.09 23.24
CA ASN D 225 -9.85 1.29 23.25
C ASN D 225 -10.77 1.61 22.12
N GLY D 226 -11.45 0.58 21.63
CA GLY D 226 -12.60 0.77 20.76
C GLY D 226 -12.27 0.74 19.29
N HIS D 227 -13.30 0.41 18.50
CA HIS D 227 -13.19 0.29 17.05
C HIS D 227 -12.69 1.55 16.39
N ASN D 228 -13.03 2.70 16.95
CA ASN D 228 -12.67 3.92 16.24
C ASN D 228 -11.21 4.32 16.42
N LYS D 229 -10.49 3.56 17.24
CA LYS D 229 -9.05 3.69 17.34
C LYS D 229 -8.28 2.61 16.61
N ALA D 230 -8.99 1.70 15.91
CA ALA D 230 -8.34 0.53 15.29
C ALA D 230 -7.33 0.94 14.22
N ARG D 231 -7.74 1.89 13.38
CA ARG D 231 -6.89 2.40 12.29
C ARG D 231 -5.60 3.03 12.85
N ALA D 232 -5.75 3.83 13.91
CA ALA D 232 -4.63 4.49 14.59
C ALA D 232 -3.64 3.52 15.24
N LEU D 233 -4.16 2.46 15.89
CA LEU D 233 -3.33 1.40 16.46
C LEU D 233 -2.51 0.66 15.36
N LYS D 234 -3.15 0.39 14.22
CA LYS D 234 -2.43 -0.17 13.06
C LYS D 234 -1.24 0.71 12.66
N HIS D 235 -1.50 2.01 12.43
CA HIS D 235 -0.43 2.95 12.10
C HIS D 235 0.65 3.05 13.19
N ALA D 236 0.25 2.96 14.46
CA ALA D 236 1.18 2.92 15.57
C ALA D 236 2.14 1.73 15.61
N ILE D 237 1.61 0.55 15.31
CA ILE D 237 2.34 -0.71 15.50
C ILE D 237 2.96 -1.25 14.21
N GLU D 238 2.21 -1.19 13.10
CA GLU D 238 2.65 -1.89 11.87
C GLU D 238 3.19 -1.03 10.77
N LYS D 239 2.90 0.27 10.80
CA LYS D 239 3.26 1.15 9.71
C LYS D 239 4.52 1.92 10.11
N GLY D 240 5.23 2.53 9.16
CA GLY D 240 6.47 3.23 9.52
C GLY D 240 6.27 4.49 10.36
N VAL D 241 7.31 4.93 11.07
CA VAL D 241 7.30 6.23 11.73
C VAL D 241 6.81 7.38 10.80
N ASN D 242 5.81 8.13 11.27
CA ASN D 242 5.04 9.06 10.43
C ASN D 242 4.38 10.19 11.24
N HIS D 243 4.71 11.45 10.94
CA HIS D 243 4.23 12.58 11.76
C HIS D 243 2.73 12.81 11.59
N MET D 244 2.09 12.13 10.64
CA MET D 244 0.64 12.20 10.59
C MET D 244 -0.04 11.34 11.69
N TRP D 245 0.69 10.37 12.23
CA TRP D 245 0.14 9.44 13.23
C TRP D 245 1.12 9.50 14.37
N THR D 246 1.00 10.56 15.16
CA THR D 246 2.10 10.92 16.06
CA THR D 246 1.96 10.99 16.17
C THR D 246 2.40 9.84 17.09
N ILE D 247 1.42 9.01 17.41
CA ILE D 247 1.66 7.85 18.27
C ILE D 247 2.79 6.95 17.70
N SER D 248 2.98 6.95 16.37
CA SER D 248 4.00 6.07 15.75
C SER D 248 5.40 6.38 16.25
N ALA D 249 5.61 7.58 16.75
CA ALA D 249 6.91 7.92 17.33
C ALA D 249 7.36 6.98 18.45
N LEU D 250 6.41 6.29 19.11
CA LEU D 250 6.76 5.36 20.19
C LEU D 250 7.61 4.21 19.72
N GLN D 251 7.71 4.02 18.40
CA GLN D 251 8.59 3.01 17.83
C GLN D 251 10.03 3.24 18.21
N LEU D 252 10.40 4.50 18.36
CA LEU D 252 11.75 4.93 18.75
C LEU D 252 12.01 4.91 20.26
N HIS D 253 10.95 4.78 21.06
CA HIS D 253 11.10 4.75 22.52
C HIS D 253 11.70 3.43 23.02
N LYS D 254 12.62 3.52 23.99
CA LYS D 254 13.27 2.32 24.62
C LYS D 254 12.34 1.41 25.44
N ASN D 255 11.26 1.96 25.95
CA ASN D 255 10.45 1.23 26.93
C ASN D 255 8.98 1.68 26.82
N ALA D 256 8.29 1.13 25.83
CA ALA D 256 6.92 1.49 25.53
C ALA D 256 6.06 0.27 25.65
N ILE D 257 4.86 0.50 26.18
CA ILE D 257 3.85 -0.54 26.30
C ILE D 257 2.56 0.05 25.77
N ILE D 258 1.81 -0.75 25.04
CA ILE D 258 0.48 -0.32 24.63
C ILE D 258 -0.45 -1.36 25.20
N VAL D 259 -1.50 -0.91 25.86
CA VAL D 259 -2.55 -1.78 26.36
C VAL D 259 -3.83 -1.47 25.57
N SER D 260 -4.43 -2.48 24.96
CA SER D 260 -5.55 -2.28 24.03
C SER D 260 -6.71 -3.25 24.31
N ASP D 261 -7.95 -2.81 24.09
CA ASP D 261 -9.04 -3.80 24.12
C ASP D 261 -9.04 -4.56 22.78
N LYS D 262 -9.81 -5.65 22.71
CA LYS D 262 -9.86 -6.41 21.48
C LYS D 262 -10.36 -5.55 20.30
N ASN D 263 -11.39 -4.73 20.51
CA ASN D 263 -11.99 -3.93 19.45
C ASN D 263 -10.99 -3.01 18.74
N ALA D 264 -10.02 -2.47 19.48
CA ALA D 264 -9.01 -1.60 18.86
C ALA D 264 -7.96 -2.36 18.03
N THR D 265 -7.95 -3.68 18.11
CA THR D 265 -7.02 -4.52 17.34
C THR D 265 -7.54 -4.91 15.96
N TYR D 266 -8.76 -4.53 15.61
CA TYR D 266 -9.41 -5.04 14.37
C TYR D 266 -8.67 -4.76 13.08
N GLU D 267 -7.83 -3.74 13.03
CA GLU D 267 -7.13 -3.47 11.80
C GLU D 267 -5.68 -3.96 11.81
N LEU D 268 -5.25 -4.58 12.91
CA LEU D 268 -3.97 -5.32 12.94
C LEU D 268 -4.10 -6.68 12.24
N LYS D 269 -2.96 -7.22 11.86
CA LYS D 269 -2.91 -8.54 11.29
C LYS D 269 -3.02 -9.52 12.43
N VAL D 270 -3.69 -10.64 12.17
CA VAL D 270 -3.72 -11.78 13.05
C VAL D 270 -2.34 -12.12 13.61
N GLY D 271 -1.35 -12.15 12.71
CA GLY D 271 0.01 -12.53 13.09
C GLY D 271 0.65 -11.55 14.06
N THR D 272 0.22 -10.28 14.00
CA THR D 272 0.73 -9.22 14.89
C THR D 272 0.24 -9.44 16.34
N VAL D 273 -1.06 -9.61 16.49
CA VAL D 273 -1.67 -9.95 17.76
C VAL D 273 -1.04 -11.22 18.40
N GLU D 274 -0.89 -12.27 17.60
CA GLU D 274 -0.33 -13.54 18.06
C GLU D 274 1.14 -13.34 18.46
N TYR D 275 1.88 -12.60 17.64
CA TYR D 275 3.27 -12.25 17.97
C TYR D 275 3.36 -11.57 19.35
N PHE D 276 2.60 -10.50 19.57
CA PHE D 276 2.66 -9.84 20.87
C PHE D 276 2.03 -10.66 22.01
N ASN D 277 0.99 -11.46 21.74
CA ASN D 277 0.52 -12.40 22.77
C ASN D 277 1.60 -13.42 23.21
N ASP D 278 2.29 -13.99 22.25
CA ASP D 278 3.39 -14.91 22.49
C ASP D 278 4.50 -14.27 23.31
N ILE D 279 4.86 -13.03 23.01
CA ILE D 279 5.88 -12.34 23.82
C ILE D 279 5.48 -12.36 25.32
N GLU D 280 4.23 -12.01 25.58
CA GLU D 280 3.71 -12.00 26.92
C GLU D 280 3.85 -13.35 27.59
N ARG D 281 3.46 -14.41 26.88
CA ARG D 281 3.51 -15.77 27.47
C ARG D 281 4.96 -16.23 27.72
N LYS D 282 5.85 -15.96 26.77
CA LYS D 282 7.29 -16.21 26.93
C LYS D 282 7.85 -15.46 28.14
N ASN D 283 7.47 -14.19 28.28
CA ASN D 283 7.91 -13.35 29.38
C ASN D 283 7.62 -14.01 30.71
N PHE D 284 6.36 -14.39 30.90
CA PHE D 284 5.90 -15.18 32.04
C PHE D 284 6.65 -16.52 32.26
N ASN D 285 7.13 -17.15 31.19
CA ASN D 285 7.78 -18.45 31.29
C ASN D 285 9.30 -18.49 31.04
N ASN D 286 9.97 -17.35 31.20
CA ASN D 286 11.41 -17.26 30.88
C ASN D 286 12.37 -17.66 32.00
N ASP D 287 11.83 -17.89 33.20
CA ASP D 287 12.60 -18.30 34.38
C ASP D 287 13.44 -17.16 34.98
N LEU D 288 12.99 -15.92 34.82
CA LEU D 288 13.74 -14.72 35.31
C LEU D 288 12.96 -13.80 36.27
N PRO E 19 -20.18 11.31 -21.51
CA PRO E 19 -18.74 11.45 -21.75
C PRO E 19 -17.98 10.14 -22.07
N GLY E 20 -18.60 8.99 -21.80
CA GLY E 20 -18.01 7.67 -22.05
C GLY E 20 -17.04 7.18 -20.97
N SER E 21 -17.15 7.74 -19.78
CA SER E 21 -16.48 7.23 -18.59
C SER E 21 -17.48 7.35 -17.44
N MET E 22 -17.14 6.73 -16.30
CA MET E 22 -17.81 6.97 -15.05
C MET E 22 -17.78 8.47 -14.79
N ARG E 23 -18.81 8.97 -14.11
CA ARG E 23 -18.84 10.36 -13.67
C ARG E 23 -18.82 10.41 -12.15
N LEU E 24 -18.12 11.40 -11.61
CA LEU E 24 -18.20 11.71 -10.19
C LEU E 24 -18.60 13.18 -10.05
N ILE E 25 -19.80 13.38 -9.50
CA ILE E 25 -20.39 14.70 -9.32
C ILE E 25 -20.22 15.07 -7.88
N ILE E 26 -19.49 16.15 -7.61
CA ILE E 26 -19.19 16.60 -6.25
C ILE E 26 -19.91 17.91 -5.96
N ARG E 27 -20.67 17.96 -4.88
CA ARG E 27 -21.36 19.17 -4.49
C ARG E 27 -21.07 19.41 -3.03
N PRO E 28 -21.19 20.67 -2.57
CA PRO E 28 -20.77 20.94 -1.18
C PRO E 28 -21.45 20.08 -0.08
N THR E 29 -22.77 19.90 -0.15
CA THR E 29 -23.55 19.36 0.99
C THR E 29 -24.53 18.25 0.60
N TYR E 30 -25.03 17.57 1.62
CA TYR E 30 -26.06 16.53 1.50
C TYR E 30 -27.30 17.03 0.76
N GLU E 31 -27.77 18.22 1.12
CA GLU E 31 -28.93 18.86 0.47
C GLU E 31 -28.67 19.11 -1.02
N ASP E 32 -27.46 19.57 -1.36
CA ASP E 32 -27.07 19.76 -2.76
C ASP E 32 -27.07 18.47 -3.57
N ILE E 33 -26.51 17.39 -3.02
CA ILE E 33 -26.46 16.16 -3.80
C ILE E 33 -27.86 15.52 -3.90
N SER E 34 -28.72 15.73 -2.90
CA SER E 34 -30.11 15.19 -2.93
C SER E 34 -30.88 15.87 -4.02
N LYS E 35 -30.68 17.18 -4.13
CA LYS E 35 -31.29 17.96 -5.17
C LYS E 35 -30.77 17.53 -6.53
N TRP E 36 -29.44 17.42 -6.68
CA TRP E 36 -28.84 16.91 -7.92
C TRP E 36 -29.38 15.51 -8.31
N ALA E 37 -29.43 14.57 -7.37
CA ALA E 37 -29.98 13.23 -7.66
C ALA E 37 -31.43 13.25 -8.11
N ALA E 38 -32.27 14.02 -7.40
CA ALA E 38 -33.68 14.18 -7.78
C ALA E 38 -33.84 14.71 -9.21
N ASN E 39 -33.08 15.74 -9.55
CA ASN E 39 -33.20 16.33 -10.90
C ASN E 39 -32.70 15.36 -11.96
N HIS E 40 -31.66 14.61 -11.62
CA HIS E 40 -31.16 13.60 -12.53
C HIS E 40 -32.21 12.54 -12.78
N VAL E 41 -32.88 12.09 -11.75
CA VAL E 41 -33.96 11.11 -11.97
C VAL E 41 -35.12 11.70 -12.81
N ALA E 42 -35.56 12.91 -12.48
CA ALA E 42 -36.63 13.58 -13.25
C ALA E 42 -36.20 13.79 -14.70
N GLN E 43 -34.95 14.17 -14.91
CA GLN E 43 -34.37 14.32 -16.25
C GLN E 43 -34.42 13.04 -17.07
N LYS E 44 -33.97 11.91 -16.49
CA LYS E 44 -34.01 10.65 -17.24
C LYS E 44 -35.45 10.25 -17.54
N ILE E 45 -36.33 10.41 -16.56
CA ILE E 45 -37.73 10.02 -16.75
C ILE E 45 -38.35 10.89 -17.87
N ASN E 46 -38.25 12.21 -17.74
CA ASN E 46 -38.84 13.14 -18.73
C ASN E 46 -38.33 12.97 -20.18
N GLU E 47 -37.04 12.70 -20.32
CA GLU E 47 -36.42 12.46 -21.63
C GLU E 47 -36.92 11.19 -22.26
N PHE E 48 -37.17 10.16 -21.44
CA PHE E 48 -37.76 8.91 -21.93
C PHE E 48 -39.23 9.10 -22.32
N SER E 49 -39.90 10.04 -21.63
CA SER E 49 -41.31 10.34 -21.84
C SER E 49 -42.17 9.06 -21.79
N PRO E 50 -42.37 8.50 -20.59
CA PRO E 50 -43.06 7.21 -20.50
C PRO E 50 -44.57 7.29 -20.70
N THR E 51 -45.11 6.25 -21.35
CA THR E 51 -46.54 6.00 -21.52
C THR E 51 -46.87 4.65 -20.86
N LYS E 52 -48.16 4.30 -20.74
CA LYS E 52 -48.57 3.02 -20.15
C LYS E 52 -48.03 1.83 -20.94
N GLU E 53 -47.90 2.02 -22.26
CA GLU E 53 -47.38 1.01 -23.15
C GLU E 53 -45.85 0.86 -23.09
N ASN E 54 -45.15 1.98 -22.94
CA ASN E 54 -43.68 2.02 -22.73
C ASN E 54 -43.36 2.70 -21.40
N PRO E 55 -43.52 2.00 -20.28
CA PRO E 55 -43.26 2.66 -18.99
C PRO E 55 -41.74 2.83 -18.72
N PHE E 56 -41.40 3.69 -17.75
CA PHE E 56 -40.02 3.83 -17.28
C PHE E 56 -39.78 2.87 -16.09
N ILE E 57 -38.68 2.13 -16.15
CA ILE E 57 -38.39 1.13 -15.11
C ILE E 57 -37.25 1.63 -14.18
N LEU E 58 -37.59 1.78 -12.91
CA LEU E 58 -36.75 2.48 -11.97
C LEU E 58 -36.41 1.61 -10.78
N GLY E 59 -35.13 1.47 -10.46
CA GLY E 59 -34.76 0.74 -9.26
C GLY E 59 -34.45 1.71 -8.16
N LEU E 60 -34.76 1.35 -6.91
CA LEU E 60 -34.69 2.32 -5.80
C LEU E 60 -34.06 1.77 -4.52
N PRO E 61 -33.46 2.66 -3.71
CA PRO E 61 -32.81 2.36 -2.45
C PRO E 61 -33.64 2.71 -1.21
N THR E 62 -33.26 2.15 -0.05
CA THR E 62 -33.71 2.67 1.24
C THR E 62 -32.51 3.14 2.08
N GLY E 63 -32.68 3.23 3.39
CA GLY E 63 -31.66 3.82 4.28
C GLY E 63 -31.81 5.32 4.36
N SER E 64 -30.96 5.97 5.14
CA SER E 64 -31.04 7.43 5.26
C SER E 64 -30.58 8.24 4.01
N SER E 65 -29.68 7.67 3.20
CA SER E 65 -29.08 8.33 2.01
C SER E 65 -30.03 8.99 1.05
N PRO E 66 -31.07 8.26 0.58
CA PRO E 66 -31.94 8.81 -0.43
C PRO E 66 -33.08 9.69 0.13
N ILE E 67 -33.20 9.85 1.44
CA ILE E 67 -34.31 10.64 2.02
C ILE E 67 -34.39 12.02 1.36
N GLY E 68 -33.29 12.78 1.47
CA GLY E 68 -33.11 14.01 0.68
C GLY E 68 -33.64 13.92 -0.75
N MET E 69 -33.23 12.89 -1.49
CA MET E 69 -33.65 12.74 -2.90
C MET E 69 -35.18 12.49 -3.00
N TYR E 70 -35.70 11.68 -2.08
CA TYR E 70 -37.11 11.37 -2.05
C TYR E 70 -37.91 12.66 -1.74
N LYS E 71 -37.47 13.46 -0.77
CA LYS E 71 -38.15 14.72 -0.45
C LYS E 71 -38.19 15.65 -1.63
N ASN E 72 -37.09 15.73 -2.37
CA ASN E 72 -37.01 16.61 -3.55
C ASN E 72 -37.86 16.14 -4.71
N LEU E 73 -37.95 14.83 -4.89
CA LEU E 73 -38.80 14.25 -5.93
C LEU E 73 -40.30 14.40 -5.60
N ILE E 74 -40.63 14.42 -4.31
CA ILE E 74 -42.01 14.69 -3.89
C ILE E 74 -42.37 16.15 -4.29
N GLU E 75 -41.52 17.10 -3.87
CA GLU E 75 -41.62 18.52 -4.27
C GLU E 75 -41.75 18.72 -5.76
N LEU E 76 -40.92 18.02 -6.55
CA LEU E 76 -40.97 18.11 -8.02
C LEU E 76 -42.28 17.56 -8.58
N ASN E 77 -42.82 16.55 -7.92
CA ASN E 77 -44.07 15.93 -8.35
C ASN E 77 -45.27 16.85 -8.10
N LYS E 78 -45.29 17.52 -6.96
CA LYS E 78 -46.37 18.45 -6.64
C LYS E 78 -46.30 19.72 -7.53
N ASN E 79 -45.09 20.13 -7.92
CA ASN E 79 -44.86 21.26 -8.82
C ASN E 79 -45.01 20.89 -10.30
N LYS E 80 -45.68 19.76 -10.53
CA LYS E 80 -45.94 19.17 -11.85
C LYS E 80 -44.72 19.10 -12.80
N LYS E 81 -43.53 18.91 -12.23
CA LYS E 81 -42.31 18.81 -13.03
C LYS E 81 -41.92 17.38 -13.41
N ILE E 82 -42.77 16.41 -13.03
CA ILE E 82 -42.57 14.97 -13.28
C ILE E 82 -43.83 14.24 -12.79
N SER E 83 -44.19 13.14 -13.46
CA SER E 83 -45.32 12.30 -13.06
C SER E 83 -44.90 10.82 -12.95
N PHE E 84 -45.33 10.14 -11.91
CA PHE E 84 -44.94 8.75 -11.67
C PHE E 84 -45.99 7.73 -12.14
N GLN E 85 -47.03 8.22 -12.82
CA GLN E 85 -48.13 7.38 -13.31
C GLN E 85 -47.63 6.20 -14.16
N ASN E 86 -46.63 6.45 -15.01
CA ASN E 86 -46.08 5.39 -15.86
C ASN E 86 -44.60 5.05 -15.50
N VAL E 87 -44.30 5.10 -14.21
CA VAL E 87 -43.02 4.62 -13.70
C VAL E 87 -43.21 3.35 -12.87
N ILE E 88 -42.60 2.25 -13.32
CA ILE E 88 -42.57 0.98 -12.57
C ILE E 88 -41.29 0.96 -11.74
N THR E 89 -41.41 0.68 -10.45
CA THR E 89 -40.29 0.71 -9.55
C THR E 89 -39.97 -0.70 -9.06
N PHE E 90 -38.69 -0.92 -8.75
CA PHE E 90 -38.23 -2.13 -8.07
C PHE E 90 -37.37 -1.70 -6.89
N ASN E 91 -37.64 -2.25 -5.70
CA ASN E 91 -36.77 -2.04 -4.55
C ASN E 91 -35.72 -3.15 -4.35
N MET E 92 -34.71 -2.85 -3.52
CA MET E 92 -33.57 -3.74 -3.42
C MET E 92 -33.78 -4.94 -2.52
N ASP E 93 -34.65 -4.83 -1.51
CA ASP E 93 -34.65 -5.86 -0.49
C ASP E 93 -35.91 -5.84 0.37
N GLU E 94 -36.01 -6.80 1.27
CA GLU E 94 -37.03 -6.75 2.29
C GLU E 94 -36.68 -7.87 3.26
N TYR E 95 -37.07 -7.70 4.54
CA TYR E 95 -36.85 -8.68 5.59
C TYR E 95 -37.68 -9.93 5.43
N ILE E 96 -37.12 -11.06 5.84
CA ILE E 96 -37.88 -12.30 5.82
C ILE E 96 -38.70 -12.44 7.12
N GLY E 97 -40.00 -12.71 6.98
CA GLY E 97 -40.87 -12.96 8.14
C GLY E 97 -41.23 -11.74 8.97
N ILE E 98 -41.34 -10.59 8.30
CA ILE E 98 -41.92 -9.39 8.89
C ILE E 98 -43.27 -9.08 8.19
N GLU E 99 -44.25 -8.61 8.98
CA GLU E 99 -45.51 -8.15 8.41
C GLU E 99 -45.16 -6.94 7.54
N GLU E 100 -45.72 -6.90 6.34
CA GLU E 100 -45.54 -5.74 5.48
C GLU E 100 -46.04 -4.49 6.15
N ASN E 101 -47.05 -4.66 7.01
CA ASN E 101 -47.66 -3.54 7.74
C ASN E 101 -46.80 -3.09 8.93
N HIS E 102 -45.82 -3.92 9.32
CA HIS E 102 -44.88 -3.54 10.40
C HIS E 102 -44.26 -2.21 10.03
N PRO E 103 -44.15 -1.27 10.99
CA PRO E 103 -43.56 0.04 10.74
C PRO E 103 -42.09 0.02 10.29
N GLU E 104 -41.35 -1.02 10.68
CA GLU E 104 -39.93 -1.21 10.31
C GLU E 104 -39.67 -2.06 9.05
N SER E 105 -40.73 -2.54 8.38
CA SER E 105 -40.58 -3.33 7.15
C SER E 105 -40.13 -2.40 6.04
N TYR E 106 -39.49 -2.95 5.02
CA TYR E 106 -39.08 -2.15 3.87
C TYR E 106 -40.28 -1.59 3.07
N HIS E 107 -41.32 -2.40 2.89
CA HIS E 107 -42.65 -1.93 2.41
C HIS E 107 -43.09 -0.59 3.06
N SER E 108 -43.13 -0.55 4.39
CA SER E 108 -43.57 0.65 5.12
C SER E 108 -42.65 1.84 4.94
N PHE E 109 -41.34 1.58 4.83
CA PHE E 109 -40.37 2.66 4.63
C PHE E 109 -40.68 3.35 3.31
N MET E 110 -40.86 2.57 2.24
CA MET E 110 -41.09 3.15 0.93
C MET E 110 -42.43 3.89 0.84
N TRP E 111 -43.48 3.24 1.30
CA TRP E 111 -44.81 3.86 1.39
C TRP E 111 -44.77 5.17 2.17
N ASN E 112 -44.33 5.12 3.42
CA ASN E 112 -44.28 6.30 4.26
C ASN E 112 -43.31 7.39 3.81
N ASN E 113 -42.18 7.02 3.20
CA ASN E 113 -41.20 8.04 2.80
C ASN E 113 -41.31 8.48 1.34
N PHE E 114 -42.05 7.73 0.51
CA PHE E 114 -42.15 8.07 -0.90
C PHE E 114 -43.49 7.79 -1.54
N PHE E 115 -43.90 6.52 -1.56
CA PHE E 115 -45.00 6.13 -2.43
C PHE E 115 -46.36 6.82 -2.10
N SER E 116 -46.57 7.20 -0.83
CA SER E 116 -47.83 7.81 -0.36
C SER E 116 -48.00 9.24 -0.84
N HIS E 117 -46.92 9.81 -1.38
CA HIS E 117 -46.87 11.24 -1.57
C HIS E 117 -46.76 11.59 -3.02
N ILE E 118 -46.91 10.58 -3.88
CA ILE E 118 -46.67 10.79 -5.29
C ILE E 118 -47.69 10.04 -6.11
N ASP E 119 -47.92 10.51 -7.32
CA ASP E 119 -48.91 9.90 -8.21
C ASP E 119 -48.39 8.64 -8.88
N ILE E 120 -47.92 7.69 -8.06
CA ILE E 120 -47.52 6.37 -8.56
C ILE E 120 -48.74 5.47 -8.53
N LYS E 121 -48.82 4.54 -9.47
CA LYS E 121 -49.85 3.51 -9.48
C LYS E 121 -49.42 2.37 -8.59
N LYS E 122 -50.34 1.92 -7.74
CA LYS E 122 -50.09 0.86 -6.77
C LYS E 122 -49.56 -0.42 -7.42
N GLU E 123 -50.13 -0.80 -8.56
CA GLU E 123 -49.72 -2.01 -9.27
C GLU E 123 -48.37 -1.89 -10.02
N ASN E 124 -47.83 -0.69 -10.12
CA ASN E 124 -46.56 -0.45 -10.81
C ASN E 124 -45.38 -0.62 -9.84
N ILE E 125 -45.68 -0.96 -8.58
CA ILE E 125 -44.71 -1.01 -7.50
C ILE E 125 -44.28 -2.44 -7.16
N ASN E 126 -42.95 -2.67 -7.14
CA ASN E 126 -42.42 -4.00 -6.87
C ASN E 126 -41.42 -4.00 -5.73
N ILE E 127 -41.69 -4.88 -4.78
CA ILE E 127 -40.88 -5.02 -3.59
C ILE E 127 -40.88 -6.53 -3.34
N LEU E 128 -39.73 -7.09 -2.97
CA LEU E 128 -39.64 -8.50 -2.67
C LEU E 128 -40.60 -8.91 -1.55
N ASN E 129 -41.26 -10.04 -1.75
CA ASN E 129 -42.14 -10.58 -0.73
C ASN E 129 -41.38 -11.54 0.22
N GLY E 130 -41.04 -11.02 1.39
CA GLY E 130 -40.24 -11.78 2.35
C GLY E 130 -41.08 -12.79 3.11
N ASN E 131 -42.35 -12.89 2.72
CA ASN E 131 -43.25 -13.91 3.24
C ASN E 131 -43.73 -14.89 2.21
N ALA E 132 -43.19 -14.81 0.99
CA ALA E 132 -43.36 -15.91 0.03
C ALA E 132 -43.11 -17.30 0.66
N SER E 133 -43.91 -18.28 0.25
CA SER E 133 -43.80 -19.65 0.77
CA SER E 133 -43.81 -19.66 0.74
C SER E 133 -42.58 -20.39 0.21
N ASN E 134 -42.18 -20.04 -1.00
CA ASN E 134 -40.92 -20.51 -1.55
C ASN E 134 -40.04 -19.29 -1.87
N LEU E 135 -39.13 -19.01 -0.94
CA LEU E 135 -38.25 -17.84 -0.98
C LEU E 135 -37.32 -17.81 -2.21
N LYS E 136 -36.82 -18.98 -2.59
CA LYS E 136 -35.94 -19.09 -3.75
C LYS E 136 -36.69 -18.79 -5.04
N LYS E 137 -37.96 -19.22 -5.10
CA LYS E 137 -38.81 -18.98 -6.26
C LYS E 137 -39.13 -17.49 -6.33
N GLU E 138 -39.41 -16.91 -5.17
CA GLU E 138 -39.63 -15.45 -5.07
C GLU E 138 -38.46 -14.66 -5.68
N CYS E 139 -37.23 -15.01 -5.32
CA CYS E 139 -36.01 -14.37 -5.88
C CYS E 139 -35.90 -14.56 -7.41
N GLU E 140 -36.09 -15.79 -7.89
CA GLU E 140 -36.12 -16.09 -9.33
C GLU E 140 -37.22 -15.32 -10.05
N GLU E 141 -38.40 -15.24 -9.44
CA GLU E 141 -39.54 -14.55 -10.03
C GLU E 141 -39.33 -13.04 -10.10
N TYR E 142 -38.65 -12.49 -9.09
CA TYR E 142 -38.28 -11.08 -9.08
C TYR E 142 -37.32 -10.76 -10.25
N GLU E 143 -36.29 -11.62 -10.41
CA GLU E 143 -35.36 -11.53 -11.55
C GLU E 143 -36.10 -11.57 -12.90
N LYS E 144 -36.95 -12.57 -13.08
CA LYS E 144 -37.80 -12.67 -14.28
C LYS E 144 -38.67 -11.43 -14.50
N LYS E 145 -39.23 -10.87 -13.42
CA LYS E 145 -40.09 -9.70 -13.64
C LYS E 145 -39.29 -8.52 -14.18
N ILE E 146 -38.07 -8.33 -13.67
CA ILE E 146 -37.21 -7.25 -14.15
C ILE E 146 -36.97 -7.40 -15.64
N LYS E 147 -36.66 -8.62 -16.06
CA LYS E 147 -36.40 -8.91 -17.46
C LYS E 147 -37.67 -8.75 -18.30
N SER E 148 -38.81 -9.17 -17.75
CA SER E 148 -40.13 -9.06 -18.41
C SER E 148 -40.39 -7.61 -18.82
N PHE E 149 -39.94 -6.67 -18.01
CA PHE E 149 -40.05 -5.29 -18.42
C PHE E 149 -38.91 -4.83 -19.33
N GLY E 150 -38.00 -5.74 -19.67
CA GLY E 150 -36.86 -5.37 -20.52
C GLY E 150 -35.68 -4.75 -19.74
N GLY E 151 -35.68 -4.88 -18.41
CA GLY E 151 -34.58 -4.36 -17.57
C GLY E 151 -34.87 -3.04 -16.84
N ILE E 152 -34.08 -2.78 -15.80
CA ILE E 152 -34.11 -1.49 -15.11
C ILE E 152 -33.36 -0.46 -15.96
N MET E 153 -33.96 0.72 -16.10
CA MET E 153 -33.34 1.75 -16.93
C MET E 153 -32.40 2.61 -16.09
N LEU E 154 -32.78 2.83 -14.84
CA LEU E 154 -31.97 3.56 -13.90
C LEU E 154 -32.14 2.96 -12.52
N PHE E 155 -31.03 2.56 -11.88
CA PHE E 155 -31.10 2.06 -10.52
C PHE E 155 -30.39 3.07 -9.63
N VAL E 156 -31.04 3.50 -8.55
CA VAL E 156 -30.43 4.44 -7.60
C VAL E 156 -30.07 3.67 -6.34
N GLY E 157 -28.83 3.85 -5.87
CA GLY E 157 -28.39 3.23 -4.65
C GLY E 157 -27.59 4.15 -3.75
N GLY E 158 -27.20 3.61 -2.61
CA GLY E 158 -26.41 4.34 -1.63
C GLY E 158 -25.37 3.32 -1.21
N ILE E 159 -24.38 3.76 -0.45
CA ILE E 159 -23.39 2.86 0.10
C ILE E 159 -23.23 3.02 1.60
N GLY E 160 -22.80 1.96 2.27
CA GLY E 160 -22.40 2.10 3.67
C GLY E 160 -20.93 2.47 3.84
N PRO E 161 -20.50 2.66 5.09
CA PRO E 161 -19.10 2.99 5.38
C PRO E 161 -18.13 1.89 4.97
N ASP E 162 -18.63 0.64 4.91
CA ASP E 162 -17.77 -0.47 4.52
C ASP E 162 -17.91 -0.83 3.04
N GLY E 163 -18.56 0.03 2.27
CA GLY E 163 -18.67 -0.13 0.80
C GLY E 163 -19.84 -0.98 0.34
N HIS E 164 -20.60 -1.50 1.30
CA HIS E 164 -21.74 -2.36 1.01
C HIS E 164 -22.82 -1.60 0.25
N ILE E 165 -23.62 -2.31 -0.52
CA ILE E 165 -24.79 -1.71 -1.15
C ILE E 165 -25.97 -2.48 -0.63
N ALA E 166 -26.73 -1.82 0.24
CA ALA E 166 -27.78 -2.50 1.03
C ALA E 166 -27.20 -3.81 1.62
N PHE E 167 -27.82 -4.94 1.29
CA PHE E 167 -27.44 -6.23 1.85
C PHE E 167 -26.34 -6.98 1.08
N ASN E 168 -25.80 -6.34 0.06
CA ASN E 168 -24.66 -6.86 -0.68
C ASN E 168 -23.40 -6.37 0.06
N GLU E 169 -22.93 -7.17 1.01
CA GLU E 169 -21.96 -6.72 1.98
C GLU E 169 -20.57 -7.26 1.66
N PRO E 170 -19.52 -6.81 2.41
CA PRO E 170 -18.17 -7.27 2.15
C PRO E 170 -18.15 -8.75 2.01
N GLY E 171 -17.50 -9.23 0.97
CA GLY E 171 -17.40 -10.64 0.74
C GLY E 171 -18.52 -11.16 -0.12
N SER E 172 -19.50 -10.31 -0.48
CA SER E 172 -20.53 -10.70 -1.48
C SER E 172 -19.89 -10.80 -2.85
N SER E 173 -20.41 -11.71 -3.67
CA SER E 173 -19.87 -11.96 -4.98
C SER E 173 -20.05 -10.74 -5.81
N LEU E 174 -18.96 -10.34 -6.46
CA LEU E 174 -18.99 -9.17 -7.33
C LEU E 174 -19.99 -9.36 -8.49
N THR E 175 -20.60 -10.55 -8.62
CA THR E 175 -21.66 -10.81 -9.65
C THR E 175 -22.90 -11.48 -9.02
N SER E 176 -23.11 -11.27 -7.71
CA SER E 176 -24.26 -11.88 -7.02
C SER E 176 -25.62 -11.55 -7.67
N ARG E 177 -26.62 -12.39 -7.46
CA ARG E 177 -27.97 -12.18 -8.01
C ARG E 177 -28.96 -12.08 -6.81
N THR E 178 -30.27 -11.99 -7.10
CA THR E 178 -31.28 -11.93 -6.03
C THR E 178 -31.28 -13.24 -5.23
N ARG E 179 -31.34 -13.16 -3.90
CA ARG E 179 -31.03 -14.33 -3.10
C ARG E 179 -31.38 -14.07 -1.64
N ILE E 180 -31.40 -15.14 -0.85
CA ILE E 180 -31.60 -15.03 0.59
C ILE E 180 -30.28 -14.61 1.23
N LYS E 181 -30.38 -13.65 2.13
CA LYS E 181 -29.24 -13.14 2.85
C LYS E 181 -29.50 -13.15 4.34
N THR E 182 -28.53 -13.68 5.07
CA THR E 182 -28.51 -13.75 6.53
C THR E 182 -27.76 -12.55 7.09
N LEU E 183 -28.42 -11.77 7.96
CA LEU E 183 -27.80 -10.54 8.49
C LEU E 183 -26.63 -10.82 9.45
N THR E 184 -25.64 -9.93 9.44
CA THR E 184 -24.49 -10.03 10.37
C THR E 184 -24.81 -9.41 11.75
N GLN E 185 -23.94 -9.62 12.74
CA GLN E 185 -24.16 -9.02 14.09
C GLN E 185 -24.26 -7.50 14.00
N ASP E 186 -23.44 -6.89 13.15
CA ASP E 186 -23.43 -5.44 13.05
C ASP E 186 -24.78 -4.86 12.63
N THR E 187 -25.37 -5.40 11.55
CA THR E 187 -26.72 -5.01 11.12
C THR E 187 -27.81 -5.34 12.15
N ILE E 188 -27.72 -6.48 12.82
CA ILE E 188 -28.64 -6.78 13.94
C ILE E 188 -28.50 -5.76 15.10
N ILE E 189 -27.27 -5.26 15.33
CA ILE E 189 -26.99 -4.25 16.36
C ILE E 189 -27.37 -2.81 15.94
N ALA E 190 -26.90 -2.38 14.77
CA ALA E 190 -27.21 -1.04 14.22
C ALA E 190 -28.71 -0.80 13.99
N ASN E 191 -29.43 -1.85 13.58
CA ASN E 191 -30.88 -1.82 13.39
C ASN E 191 -31.65 -2.34 14.62
N SER E 192 -31.01 -2.28 15.79
CA SER E 192 -31.71 -2.58 17.06
C SER E 192 -32.19 -1.27 17.74
N ARG E 193 -31.72 -0.13 17.21
CA ARG E 193 -32.23 1.21 17.56
C ARG E 193 -33.59 1.46 16.89
N PHE E 194 -33.71 1.06 15.61
CA PHE E 194 -34.99 1.06 14.90
C PHE E 194 -35.99 0.07 15.50
N PHE E 195 -35.50 -0.87 16.32
CA PHE E 195 -36.37 -1.79 17.06
C PHE E 195 -36.46 -1.41 18.54
N ASN E 200 -32.70 -8.91 19.26
CA ASN E 200 -33.17 -10.30 19.28
C ASN E 200 -34.52 -10.54 18.56
N LYS E 201 -35.31 -9.48 18.40
CA LYS E 201 -36.57 -9.56 17.67
C LYS E 201 -36.40 -9.11 16.20
N VAL E 202 -35.19 -8.66 15.88
CA VAL E 202 -34.79 -8.34 14.51
C VAL E 202 -34.90 -9.57 13.62
N PRO E 203 -35.46 -9.41 12.41
CA PRO E 203 -35.51 -10.51 11.44
C PRO E 203 -34.09 -10.91 11.07
N LYS E 204 -33.80 -12.20 11.11
CA LYS E 204 -32.41 -12.64 10.96
C LYS E 204 -31.99 -12.66 9.51
N ASN E 205 -32.97 -12.78 8.62
CA ASN E 205 -32.71 -12.89 7.18
C ASN E 205 -33.47 -11.85 6.34
N ALA E 206 -33.01 -11.68 5.11
CA ALA E 206 -33.63 -10.76 4.18
C ALA E 206 -33.56 -11.35 2.77
N LEU E 207 -34.41 -10.86 1.88
CA LEU E 207 -34.25 -11.14 0.46
C LEU E 207 -33.60 -9.90 -0.10
N THR E 208 -32.68 -10.07 -1.05
CA THR E 208 -31.98 -8.91 -1.61
C THR E 208 -31.63 -9.15 -3.05
N VAL E 209 -31.68 -8.09 -3.85
CA VAL E 209 -31.14 -8.19 -5.19
C VAL E 209 -29.61 -8.25 -5.06
N GLY E 210 -28.97 -8.73 -6.11
CA GLY E 210 -27.53 -8.86 -6.08
C GLY E 210 -26.87 -7.68 -6.73
N ILE E 211 -25.57 -7.59 -6.52
CA ILE E 211 -24.70 -6.68 -7.25
CA ILE E 211 -24.80 -6.59 -7.24
C ILE E 211 -24.90 -6.86 -8.74
N GLY E 212 -24.89 -8.12 -9.18
CA GLY E 212 -25.14 -8.44 -10.59
C GLY E 212 -26.50 -7.95 -11.06
N THR E 213 -27.52 -8.14 -10.23
CA THR E 213 -28.86 -7.61 -10.50
C THR E 213 -28.82 -6.10 -10.76
N ILE E 214 -28.20 -5.34 -9.84
CA ILE E 214 -28.10 -3.89 -9.98
C ILE E 214 -27.34 -3.50 -11.27
N MET E 215 -26.27 -4.25 -11.57
CA MET E 215 -25.41 -3.94 -12.70
CA MET E 215 -25.39 -3.97 -12.71
C MET E 215 -26.02 -4.31 -14.07
N ASP E 216 -27.08 -5.09 -14.05
CA ASP E 216 -27.89 -5.30 -15.26
C ASP E 216 -28.56 -4.03 -15.77
N SER E 217 -28.72 -3.03 -14.91
CA SER E 217 -29.40 -1.78 -15.27
C SER E 217 -28.66 -1.01 -16.35
N GLN E 218 -29.43 -0.32 -17.20
CA GLN E 218 -28.87 0.56 -18.21
C GLN E 218 -28.00 1.62 -17.59
N GLU E 219 -28.38 2.13 -16.42
CA GLU E 219 -27.61 3.17 -15.75
C GLU E 219 -27.73 2.98 -14.25
N VAL E 220 -26.68 3.36 -13.51
CA VAL E 220 -26.65 3.30 -12.06
C VAL E 220 -26.15 4.63 -11.47
N LEU E 221 -26.91 5.14 -10.50
CA LEU E 221 -26.57 6.35 -9.75
C LEU E 221 -26.40 5.98 -8.31
N ILE E 222 -25.25 6.35 -7.76
CA ILE E 222 -24.92 6.13 -6.34
C ILE E 222 -24.75 7.45 -5.59
N ILE E 223 -25.39 7.54 -4.42
CA ILE E 223 -25.38 8.77 -3.61
C ILE E 223 -24.49 8.51 -2.44
N VAL E 224 -23.52 9.39 -2.20
CA VAL E 224 -22.58 9.13 -1.13
C VAL E 224 -22.43 10.39 -0.30
N ASN E 225 -22.61 10.30 1.02
CA ASN E 225 -22.57 11.51 1.83
C ASN E 225 -21.84 11.28 3.12
N GLY E 226 -21.02 12.25 3.54
CA GLY E 226 -20.43 12.27 4.87
C GLY E 226 -19.02 11.72 4.93
N HIS E 227 -18.27 12.21 5.91
CA HIS E 227 -16.92 11.76 6.21
C HIS E 227 -16.82 10.24 6.45
N ASN E 228 -17.83 9.66 7.09
CA ASN E 228 -17.74 8.24 7.40
C ASN E 228 -17.83 7.32 6.16
N LYS E 229 -18.08 7.92 4.99
CA LYS E 229 -18.06 7.17 3.74
C LYS E 229 -16.90 7.55 2.84
N ALA E 230 -16.01 8.39 3.35
CA ALA E 230 -14.84 8.80 2.57
C ALA E 230 -13.92 7.64 2.15
N ARG E 231 -13.60 6.77 3.09
CA ARG E 231 -12.75 5.57 2.80
C ARG E 231 -13.40 4.62 1.77
N ALA E 232 -14.72 4.39 1.91
CA ALA E 232 -15.48 3.64 0.93
C ALA E 232 -15.42 4.28 -0.46
N LEU E 233 -15.58 5.59 -0.53
CA LEU E 233 -15.51 6.27 -1.83
C LEU E 233 -14.10 6.07 -2.48
N LYS E 234 -13.04 6.17 -1.67
CA LYS E 234 -11.69 5.95 -2.16
C LYS E 234 -11.51 4.55 -2.76
N HIS E 235 -12.01 3.53 -2.05
CA HIS E 235 -12.01 2.15 -2.55
C HIS E 235 -12.90 1.98 -3.76
N ALA E 236 -13.99 2.75 -3.84
CA ALA E 236 -14.84 2.62 -5.03
C ALA E 236 -14.13 3.09 -6.28
N ILE E 237 -13.33 4.14 -6.14
CA ILE E 237 -12.92 4.91 -7.29
C ILE E 237 -11.46 4.69 -7.68
N GLU E 238 -10.57 4.63 -6.70
CA GLU E 238 -9.16 4.71 -6.98
C GLU E 238 -8.48 3.36 -6.82
N LYS E 239 -9.13 2.45 -6.11
CA LYS E 239 -8.53 1.17 -5.82
C LYS E 239 -9.09 0.11 -6.77
N GLY E 240 -8.44 -1.03 -6.87
CA GLY E 240 -8.89 -2.07 -7.79
C GLY E 240 -10.21 -2.73 -7.36
N VAL E 241 -10.84 -3.42 -8.30
CA VAL E 241 -12.06 -4.15 -8.03
C VAL E 241 -11.81 -5.19 -6.89
N ASN E 242 -12.67 -5.20 -5.87
CA ASN E 242 -12.39 -5.91 -4.64
C ASN E 242 -13.68 -6.23 -3.95
N HIS E 243 -13.89 -7.51 -3.64
CA HIS E 243 -15.18 -7.94 -3.10
C HIS E 243 -15.39 -7.51 -1.64
N MET E 244 -14.34 -6.99 -1.01
CA MET E 244 -14.48 -6.46 0.33
C MET E 244 -15.10 -5.05 0.28
N TRP E 245 -15.09 -4.42 -0.90
CA TRP E 245 -15.71 -3.11 -1.08
C TRP E 245 -16.68 -3.24 -2.27
N THR E 246 -17.92 -3.60 -1.96
CA THR E 246 -18.92 -4.04 -2.95
C THR E 246 -19.10 -3.02 -4.07
N ILE E 247 -19.10 -1.75 -3.67
CA ILE E 247 -19.27 -0.64 -4.60
C ILE E 247 -18.23 -0.64 -5.74
N SER E 248 -17.06 -1.26 -5.52
CA SER E 248 -15.99 -1.21 -6.54
C SER E 248 -16.41 -1.93 -7.80
N ALA E 249 -17.40 -2.80 -7.68
CA ALA E 249 -17.94 -3.53 -8.83
C ALA E 249 -18.42 -2.59 -9.93
N LEU E 250 -18.77 -1.36 -9.54
CA LEU E 250 -19.22 -0.39 -10.52
C LEU E 250 -18.19 -0.08 -11.58
N GLN E 251 -16.93 -0.35 -11.29
CA GLN E 251 -15.84 -0.18 -12.28
C GLN E 251 -16.07 -0.99 -13.56
N LEU E 252 -16.87 -2.04 -13.46
CA LEU E 252 -17.22 -2.88 -14.60
C LEU E 252 -18.51 -2.49 -15.30
N HIS E 253 -19.30 -1.60 -14.67
CA HIS E 253 -20.57 -1.16 -15.25
C HIS E 253 -20.35 -0.18 -16.40
N LYS E 254 -21.19 -0.27 -17.41
CA LYS E 254 -21.02 0.56 -18.60
C LYS E 254 -21.44 2.01 -18.44
N ASN E 255 -22.20 2.31 -17.39
CA ASN E 255 -22.85 3.62 -17.29
C ASN E 255 -23.16 4.00 -15.83
N ALA E 256 -22.10 4.28 -15.09
CA ALA E 256 -22.18 4.51 -13.67
C ALA E 256 -21.92 5.96 -13.31
N ILE E 257 -22.73 6.47 -12.39
CA ILE E 257 -22.61 7.82 -11.89
C ILE E 257 -22.60 7.83 -10.35
N ILE E 258 -21.62 8.50 -9.77
CA ILE E 258 -21.61 8.67 -8.34
C ILE E 258 -21.78 10.18 -8.08
N VAL E 259 -22.64 10.50 -7.12
CA VAL E 259 -22.81 11.87 -6.66
C VAL E 259 -22.50 11.94 -5.18
N SER E 260 -21.64 12.89 -4.83
CA SER E 260 -20.96 12.93 -3.55
C SER E 260 -20.86 14.37 -3.02
N ASP E 261 -20.96 14.52 -1.70
CA ASP E 261 -20.76 15.80 -1.09
C ASP E 261 -19.31 15.89 -0.78
N LYS E 262 -18.88 17.06 -0.31
CA LYS E 262 -17.44 17.32 -0.14
C LYS E 262 -16.81 16.45 0.92
N ASN E 263 -17.52 16.26 2.02
CA ASN E 263 -17.00 15.45 3.12
C ASN E 263 -16.64 14.00 2.73
N ALA E 264 -17.44 13.37 1.90
CA ALA E 264 -17.14 12.01 1.45
C ALA E 264 -15.95 11.93 0.44
N THR E 265 -15.46 13.07 -0.07
CA THR E 265 -14.26 13.05 -0.95
C THR E 265 -12.95 13.17 -0.17
N TYR E 266 -13.03 13.31 1.16
CA TYR E 266 -11.82 13.56 1.94
C TYR E 266 -10.70 12.53 1.74
N GLU E 267 -11.00 11.30 1.34
CA GLU E 267 -9.92 10.33 1.16
C GLU E 267 -9.44 10.11 -0.29
N LEU E 268 -10.11 10.79 -1.24
CA LEU E 268 -9.68 10.91 -2.64
C LEU E 268 -8.47 11.82 -2.77
N LYS E 269 -7.64 11.59 -3.80
CA LYS E 269 -6.53 12.47 -4.08
C LYS E 269 -7.11 13.73 -4.70
N VAL E 270 -6.45 14.84 -4.46
CA VAL E 270 -6.78 16.12 -5.09
C VAL E 270 -6.91 15.88 -6.58
N GLY E 271 -5.92 15.23 -7.19
CA GLY E 271 -5.93 14.96 -8.62
C GLY E 271 -7.13 14.17 -9.13
N THR E 272 -7.69 13.27 -8.31
CA THR E 272 -8.92 12.54 -8.69
C THR E 272 -10.16 13.46 -8.74
N VAL E 273 -10.33 14.25 -7.69
CA VAL E 273 -11.36 15.29 -7.68
C VAL E 273 -11.24 16.24 -8.89
N GLU E 274 -10.04 16.74 -9.17
CA GLU E 274 -9.90 17.71 -10.28
C GLU E 274 -10.13 17.00 -11.61
N TYR E 275 -9.67 15.75 -11.74
CA TYR E 275 -9.94 14.95 -12.94
C TYR E 275 -11.45 14.85 -13.22
N PHE E 276 -12.22 14.37 -12.26
CA PHE E 276 -13.67 14.26 -12.45
C PHE E 276 -14.44 15.59 -12.53
N ASN E 277 -13.96 16.61 -11.83
CA ASN E 277 -14.54 17.94 -12.02
C ASN E 277 -14.35 18.41 -13.47
N ASP E 278 -13.16 18.18 -14.03
CA ASP E 278 -12.92 18.59 -15.41
C ASP E 278 -13.82 17.81 -16.38
N ILE E 279 -14.06 16.52 -16.10
CA ILE E 279 -15.01 15.77 -16.93
C ILE E 279 -16.41 16.37 -16.88
N GLU E 280 -16.84 16.84 -15.71
CA GLU E 280 -18.15 17.49 -15.56
C GLU E 280 -18.21 18.82 -16.31
N ARG E 281 -17.10 19.57 -16.34
CA ARG E 281 -16.98 20.81 -17.15
C ARG E 281 -16.98 20.52 -18.65
N LYS E 282 -16.14 19.59 -19.11
CA LYS E 282 -16.08 19.22 -20.52
C LYS E 282 -17.41 18.61 -21.04
N ASN E 283 -18.19 18.03 -20.13
CA ASN E 283 -19.44 17.36 -20.51
C ASN E 283 -20.54 18.39 -20.71
N PHE E 284 -20.42 19.49 -20.00
CA PHE E 284 -21.28 20.64 -20.23
C PHE E 284 -20.96 21.32 -21.59
N ASN E 285 -19.67 21.63 -21.78
CA ASN E 285 -19.16 22.40 -22.92
C ASN E 285 -18.78 21.62 -24.19
N ASN E 286 -19.34 20.42 -24.40
CA ASN E 286 -18.81 19.54 -25.47
C ASN E 286 -19.33 19.75 -26.91
N ASP E 287 -20.40 20.57 -27.05
CA ASP E 287 -20.98 20.95 -28.36
C ASP E 287 -21.83 19.85 -29.04
N LEU E 288 -22.12 18.77 -28.32
CA LEU E 288 -22.82 17.62 -28.92
C LEU E 288 -24.29 17.91 -29.27
N PRO F 19 1.77 28.05 15.75
CA PRO F 19 0.78 26.98 15.48
C PRO F 19 1.12 25.65 16.20
N GLY F 20 2.42 25.32 16.30
CA GLY F 20 2.91 24.09 16.97
C GLY F 20 2.89 22.80 16.13
N SER F 21 2.83 22.96 14.81
CA SER F 21 2.93 21.81 13.92
C SER F 21 3.57 22.31 12.64
N MET F 22 3.87 21.39 11.73
CA MET F 22 4.31 21.74 10.40
C MET F 22 3.18 22.52 9.73
N ARG F 23 3.55 23.37 8.77
CA ARG F 23 2.60 24.15 8.01
C ARG F 23 2.79 23.85 6.53
N LEU F 24 1.69 23.74 5.83
CA LEU F 24 1.71 23.55 4.41
C LEU F 24 0.88 24.69 3.86
N ILE F 25 1.54 25.62 3.17
CA ILE F 25 0.86 26.76 2.56
C ILE F 25 0.57 26.53 1.08
N ILE F 26 -0.69 26.51 0.68
CA ILE F 26 -1.05 26.19 -0.69
C ILE F 26 -1.62 27.43 -1.37
N ARG F 27 -1.05 27.76 -2.53
CA ARG F 27 -1.47 28.94 -3.26
C ARG F 27 -1.69 28.52 -4.69
N PRO F 28 -2.55 29.25 -5.42
CA PRO F 28 -2.85 28.79 -6.79
C PRO F 28 -1.64 28.60 -7.72
N THR F 29 -0.68 29.55 -7.75
CA THR F 29 0.38 29.48 -8.77
C THR F 29 1.82 29.63 -8.28
N TYR F 30 2.76 29.30 -9.16
CA TYR F 30 4.15 29.57 -8.92
C TYR F 30 4.45 31.02 -8.49
N GLU F 31 3.76 32.00 -9.07
CA GLU F 31 3.95 33.41 -8.66
C GLU F 31 3.50 33.70 -7.23
N ASP F 32 2.36 33.12 -6.86
CA ASP F 32 1.81 33.27 -5.51
C ASP F 32 2.75 32.73 -4.47
N ILE F 33 3.37 31.58 -4.74
CA ILE F 33 4.21 30.95 -3.70
C ILE F 33 5.55 31.66 -3.63
N SER F 34 5.96 32.23 -4.77
CA SER F 34 7.18 33.05 -4.83
C SER F 34 7.05 34.30 -3.97
N LYS F 35 5.91 34.98 -4.11
CA LYS F 35 5.61 36.19 -3.36
C LYS F 35 5.47 35.81 -1.91
N TRP F 36 4.76 34.71 -1.64
CA TRP F 36 4.56 34.26 -0.26
C TRP F 36 5.88 33.97 0.43
N ALA F 37 6.80 33.28 -0.23
CA ALA F 37 8.10 32.91 0.36
C ALA F 37 8.98 34.15 0.53
N ALA F 38 9.00 35.03 -0.48
CA ALA F 38 9.73 36.32 -0.36
C ALA F 38 9.26 37.12 0.87
N ASN F 39 7.94 37.24 1.03
CA ASN F 39 7.36 37.92 2.19
C ASN F 39 7.74 37.26 3.50
N HIS F 40 7.80 35.94 3.50
CA HIS F 40 8.13 35.22 4.74
C HIS F 40 9.58 35.46 5.15
N VAL F 41 10.50 35.34 4.20
CA VAL F 41 11.90 35.68 4.46
C VAL F 41 12.00 37.15 4.93
N ALA F 42 11.33 38.04 4.20
CA ALA F 42 11.37 39.47 4.49
C ALA F 42 10.76 39.78 5.87
N GLN F 43 9.61 39.17 6.18
CA GLN F 43 9.01 39.18 7.51
C GLN F 43 9.96 38.70 8.61
N LYS F 44 10.57 37.52 8.42
CA LYS F 44 11.49 36.96 9.44
C LYS F 44 12.68 37.88 9.73
N ILE F 45 13.28 38.43 8.67
CA ILE F 45 14.48 39.25 8.83
C ILE F 45 14.14 40.60 9.48
N ASN F 46 13.06 41.24 9.02
CA ASN F 46 12.62 42.52 9.64
C ASN F 46 12.28 42.36 11.12
N GLU F 47 11.44 41.37 11.42
CA GLU F 47 11.07 41.03 12.79
C GLU F 47 12.27 40.88 13.73
N PHE F 48 13.35 40.31 13.21
CA PHE F 48 14.53 40.04 14.02
C PHE F 48 15.39 41.30 14.22
N SER F 49 15.35 42.19 13.23
CA SER F 49 16.15 43.41 13.21
C SER F 49 17.64 43.10 13.38
N PRO F 50 18.31 42.77 12.26
CA PRO F 50 19.71 42.40 12.35
C PRO F 50 20.60 43.65 12.45
N THR F 51 21.61 43.60 13.34
CA THR F 51 22.67 44.62 13.44
C THR F 51 24.01 43.99 13.04
N LYS F 52 25.02 44.82 12.75
CA LYS F 52 26.38 44.33 12.51
C LYS F 52 26.83 43.41 13.65
N GLU F 53 26.40 43.75 14.87
CA GLU F 53 26.64 42.92 16.08
C GLU F 53 25.82 41.62 16.16
N ASN F 54 24.55 41.68 15.74
CA ASN F 54 23.65 40.50 15.72
C ASN F 54 23.01 40.35 14.36
N PRO F 55 23.72 39.72 13.42
CA PRO F 55 23.23 39.67 12.05
C PRO F 55 22.22 38.53 11.85
N PHE F 56 21.44 38.58 10.76
CA PHE F 56 20.53 37.47 10.47
C PHE F 56 21.26 36.42 9.63
N ILE F 57 21.19 35.15 10.06
CA ILE F 57 21.86 34.02 9.37
C ILE F 57 20.88 33.25 8.48
N LEU F 58 21.09 33.29 7.17
CA LEU F 58 20.10 32.82 6.21
C LEU F 58 20.69 31.76 5.27
N GLY F 59 20.07 30.56 5.19
CA GLY F 59 20.52 29.53 4.21
C GLY F 59 19.71 29.57 2.93
N LEU F 60 20.36 29.35 1.80
CA LEU F 60 19.73 29.64 0.51
C LEU F 60 19.84 28.50 -0.48
N PRO F 61 18.87 28.36 -1.41
CA PRO F 61 18.98 27.31 -2.44
C PRO F 61 19.32 27.89 -3.80
N THR F 62 19.63 27.01 -4.74
CA THR F 62 19.74 27.41 -6.14
C THR F 62 18.70 26.64 -6.91
N GLY F 63 18.83 26.61 -8.24
CA GLY F 63 17.87 25.94 -9.13
C GLY F 63 16.73 26.88 -9.52
N SER F 64 15.78 26.37 -10.29
CA SER F 64 14.67 27.19 -10.78
C SER F 64 13.62 27.55 -9.71
N SER F 65 13.36 26.64 -8.76
CA SER F 65 12.30 26.86 -7.74
C SER F 65 12.31 28.23 -7.05
N PRO F 66 13.51 28.69 -6.58
CA PRO F 66 13.50 29.96 -5.84
C PRO F 66 13.70 31.21 -6.73
N ILE F 67 13.83 31.02 -8.04
CA ILE F 67 14.00 32.18 -8.94
C ILE F 67 12.93 33.23 -8.64
N GLY F 68 11.65 32.84 -8.75
CA GLY F 68 10.54 33.71 -8.37
C GLY F 68 10.78 34.42 -7.04
N MET F 69 11.04 33.65 -5.98
CA MET F 69 11.34 34.23 -4.68
C MET F 69 12.45 35.28 -4.77
N TYR F 70 13.55 34.96 -5.47
CA TYR F 70 14.67 35.88 -5.59
C TYR F 70 14.29 37.20 -6.30
N LYS F 71 13.50 37.10 -7.36
CA LYS F 71 12.97 38.28 -8.06
C LYS F 71 12.16 39.16 -7.13
N ASN F 72 11.25 38.55 -6.37
CA ASN F 72 10.45 39.29 -5.41
C ASN F 72 11.31 39.91 -4.31
N LEU F 73 12.34 39.20 -3.87
CA LEU F 73 13.20 39.71 -2.82
C LEU F 73 13.98 40.92 -3.30
N ILE F 74 14.45 40.85 -4.55
CA ILE F 74 15.10 41.96 -5.22
C ILE F 74 14.15 43.17 -5.25
N GLU F 75 12.94 42.95 -5.76
CA GLU F 75 11.92 43.99 -5.89
C GLU F 75 11.55 44.67 -4.56
N LEU F 76 11.49 43.89 -3.48
CA LEU F 76 11.27 44.44 -2.14
C LEU F 76 12.52 45.19 -1.63
N ASN F 77 13.69 44.86 -2.17
CA ASN F 77 14.92 45.54 -1.76
C ASN F 77 15.03 46.92 -2.41
N LYS F 78 14.64 47.01 -3.68
CA LYS F 78 14.52 48.30 -4.37
C LYS F 78 13.56 49.20 -3.57
N ASN F 79 12.34 48.71 -3.33
CA ASN F 79 11.28 49.48 -2.64
C ASN F 79 11.44 49.63 -1.14
N LYS F 80 12.68 49.41 -0.66
CA LYS F 80 13.09 49.63 0.75
C LYS F 80 12.33 48.88 1.87
N LYS F 81 11.70 47.75 1.53
CA LYS F 81 10.96 46.97 2.53
C LYS F 81 11.87 46.03 3.34
N ILE F 82 13.05 45.72 2.81
CA ILE F 82 14.03 44.90 3.51
C ILE F 82 15.46 45.34 3.20
N SER F 83 16.36 45.15 4.16
CA SER F 83 17.78 45.32 3.90
C SER F 83 18.61 44.05 4.17
N PHE F 84 19.59 43.82 3.31
CA PHE F 84 20.52 42.68 3.45
C PHE F 84 21.91 43.03 3.98
N GLN F 85 22.07 44.28 4.45
CA GLN F 85 23.34 44.79 5.00
C GLN F 85 23.94 43.93 6.10
N ASN F 86 23.08 43.47 7.01
CA ASN F 86 23.49 42.60 8.11
C ASN F 86 22.86 41.19 8.05
N VAL F 87 22.81 40.65 6.85
CA VAL F 87 22.38 39.28 6.62
C VAL F 87 23.60 38.48 6.16
N ILE F 88 23.93 37.43 6.90
CA ILE F 88 24.96 36.49 6.47
C ILE F 88 24.29 35.26 5.79
N THR F 89 24.72 34.94 4.59
CA THR F 89 24.09 33.88 3.81
C THR F 89 25.00 32.67 3.71
N PHE F 90 24.39 31.49 3.59
CA PHE F 90 25.12 30.23 3.30
C PHE F 90 24.42 29.50 2.17
N ASN F 91 25.17 29.11 1.15
CA ASN F 91 24.61 28.31 0.08
C ASN F 91 24.83 26.82 0.28
N MET F 92 24.03 26.01 -0.39
CA MET F 92 24.04 24.57 -0.14
C MET F 92 25.24 23.87 -0.74
N ASP F 93 25.70 24.35 -1.89
CA ASP F 93 26.65 23.57 -2.66
C ASP F 93 27.48 24.33 -3.67
N GLU F 94 28.48 23.63 -4.21
CA GLU F 94 29.24 24.11 -5.35
C GLU F 94 29.91 22.91 -6.03
N TYR F 95 30.13 23.00 -7.34
CA TYR F 95 30.84 21.98 -8.10
C TYR F 95 32.33 21.99 -7.73
N ILE F 96 32.96 20.83 -7.73
CA ILE F 96 34.39 20.79 -7.48
C ILE F 96 35.16 21.00 -8.80
N GLY F 97 36.13 21.91 -8.78
CA GLY F 97 37.07 22.08 -9.89
C GLY F 97 36.67 23.09 -10.96
N ILE F 98 35.41 23.55 -10.91
CA ILE F 98 34.92 24.57 -11.84
C ILE F 98 35.53 25.91 -11.46
N GLU F 99 35.71 26.79 -12.45
CA GLU F 99 36.15 28.16 -12.21
C GLU F 99 35.03 28.90 -11.49
N GLU F 100 35.40 29.63 -10.44
CA GLU F 100 34.47 30.38 -9.60
C GLU F 100 33.59 31.29 -10.45
N ASN F 101 34.20 31.93 -11.43
CA ASN F 101 33.51 32.90 -12.28
C ASN F 101 32.95 32.27 -13.56
N HIS F 102 33.07 30.94 -13.68
CA HIS F 102 32.41 30.18 -14.76
C HIS F 102 30.90 30.47 -14.69
N PRO F 103 30.25 30.72 -15.84
CA PRO F 103 28.81 31.06 -15.78
C PRO F 103 27.92 29.94 -15.18
N GLU F 104 28.41 28.69 -15.21
CA GLU F 104 27.61 27.55 -14.73
C GLU F 104 27.92 27.17 -13.28
N SER F 105 28.83 27.89 -12.64
CA SER F 105 29.13 27.64 -11.24
C SER F 105 27.99 28.12 -10.32
N TYR F 106 27.95 27.56 -9.11
CA TYR F 106 26.96 28.01 -8.14
C TYR F 106 27.25 29.44 -7.67
N HIS F 107 28.52 29.80 -7.47
CA HIS F 107 28.91 31.22 -7.23
C HIS F 107 28.29 32.16 -8.25
N SER F 108 28.47 31.84 -9.53
CA SER F 108 27.90 32.63 -10.61
C SER F 108 26.38 32.65 -10.58
N PHE F 109 25.75 31.52 -10.30
CA PHE F 109 24.27 31.50 -10.21
C PHE F 109 23.81 32.49 -9.17
N MET F 110 24.43 32.46 -7.99
CA MET F 110 23.96 33.27 -6.90
C MET F 110 24.11 34.76 -7.21
N TRP F 111 25.32 35.18 -7.58
CA TRP F 111 25.59 36.55 -8.00
C TRP F 111 24.70 37.05 -9.13
N ASN F 112 24.64 36.32 -10.23
CA ASN F 112 23.83 36.77 -11.35
C ASN F 112 22.34 36.91 -11.06
N ASN F 113 21.78 36.08 -10.20
CA ASN F 113 20.32 36.06 -10.01
C ASN F 113 19.90 36.71 -8.73
N PHE F 114 20.85 36.96 -7.84
CA PHE F 114 20.50 37.52 -6.56
C PHE F 114 21.46 38.57 -6.01
N PHE F 115 22.70 38.18 -5.77
CA PHE F 115 23.59 39.00 -4.94
C PHE F 115 24.01 40.32 -5.58
N SER F 116 23.94 40.37 -6.92
CA SER F 116 24.24 41.58 -7.72
C SER F 116 23.17 42.64 -7.64
N HIS F 117 22.01 42.31 -7.09
CA HIS F 117 20.88 43.22 -7.18
C HIS F 117 20.38 43.70 -5.83
N ILE F 118 21.14 43.41 -4.77
CA ILE F 118 20.71 43.72 -3.43
C ILE F 118 21.82 44.37 -2.64
N ASP F 119 21.49 45.00 -1.53
CA ASP F 119 22.45 45.68 -0.68
C ASP F 119 23.15 44.70 0.27
N ILE F 120 23.65 43.61 -0.28
CA ILE F 120 24.37 42.62 0.54
C ILE F 120 25.87 42.96 0.58
N LYS F 121 26.55 42.62 1.67
CA LYS F 121 28.00 42.84 1.74
C LYS F 121 28.76 41.60 1.28
N LYS F 122 29.70 41.81 0.35
CA LYS F 122 30.52 40.75 -0.23
C LYS F 122 30.99 39.74 0.84
N GLU F 123 31.41 40.25 1.98
CA GLU F 123 32.05 39.44 3.01
C GLU F 123 31.09 38.64 3.87
N ASN F 124 29.81 38.99 3.85
CA ASN F 124 28.80 38.24 4.58
C ASN F 124 28.26 37.04 3.78
N ILE F 125 28.79 36.85 2.57
CA ILE F 125 28.37 35.77 1.69
C ILE F 125 29.25 34.52 1.87
N ASN F 126 28.60 33.37 2.07
CA ASN F 126 29.33 32.11 2.21
C ASN F 126 28.82 31.12 1.21
N ILE F 127 29.74 30.70 0.34
CA ILE F 127 29.52 29.66 -0.67
C ILE F 127 30.70 28.67 -0.57
N LEU F 128 30.44 27.38 -0.75
CA LEU F 128 31.51 26.38 -0.67
C LEU F 128 32.54 26.59 -1.74
N ASN F 129 33.81 26.41 -1.37
CA ASN F 129 34.89 26.57 -2.33
C ASN F 129 35.33 25.21 -2.85
N GLY F 130 34.86 24.89 -4.05
CA GLY F 130 35.11 23.59 -4.67
C GLY F 130 36.48 23.51 -5.29
N ASN F 131 37.28 24.55 -5.06
CA ASN F 131 38.63 24.66 -5.56
C ASN F 131 39.61 24.66 -4.41
N ALA F 132 39.12 24.46 -3.19
CA ALA F 132 40.00 24.36 -2.03
C ALA F 132 41.00 23.23 -2.26
N SER F 133 42.20 23.39 -1.69
CA SER F 133 43.30 22.43 -1.82
C SER F 133 42.97 21.15 -1.08
N ASN F 134 42.43 21.30 0.13
CA ASN F 134 41.84 20.19 0.86
C ASN F 134 40.33 20.36 0.92
N LEU F 135 39.63 19.50 0.19
CA LEU F 135 38.17 19.53 0.10
C LEU F 135 37.48 19.14 1.41
N LYS F 136 37.98 18.09 2.07
CA LYS F 136 37.46 17.67 3.38
C LYS F 136 37.53 18.77 4.45
N LYS F 137 38.58 19.60 4.42
CA LYS F 137 38.76 20.60 5.47
C LYS F 137 37.80 21.72 5.16
N GLU F 138 37.68 22.05 3.87
CA GLU F 138 36.69 23.02 3.40
C GLU F 138 35.31 22.65 3.94
N CYS F 139 34.91 21.39 3.81
CA CYS F 139 33.65 20.94 4.39
C CYS F 139 33.60 21.16 5.91
N GLU F 140 34.67 20.80 6.61
CA GLU F 140 34.75 20.95 8.07
C GLU F 140 34.64 22.40 8.55
N GLU F 141 35.36 23.29 7.86
CA GLU F 141 35.36 24.70 8.17
C GLU F 141 33.99 25.33 7.93
N TYR F 142 33.34 24.91 6.84
CA TYR F 142 32.00 25.40 6.49
C TYR F 142 31.02 25.07 7.62
N GLU F 143 31.07 23.83 8.09
CA GLU F 143 30.21 23.43 9.20
C GLU F 143 30.60 24.20 10.45
N LYS F 144 31.90 24.46 10.64
CA LYS F 144 32.36 25.24 11.81
C LYS F 144 31.92 26.70 11.68
N LYS F 145 31.93 27.23 10.47
CA LYS F 145 31.52 28.60 10.28
C LYS F 145 30.07 28.84 10.67
N ILE F 146 29.16 27.99 10.17
CA ILE F 146 27.73 28.08 10.51
C ILE F 146 27.55 28.17 12.04
N LYS F 147 28.19 27.27 12.76
CA LYS F 147 28.16 27.24 14.21
C LYS F 147 28.74 28.54 14.81
N SER F 148 29.84 29.03 14.26
CA SER F 148 30.49 30.23 14.82
C SER F 148 29.50 31.39 14.83
N PHE F 149 28.43 31.27 14.06
CA PHE F 149 27.39 32.25 14.10
C PHE F 149 26.24 31.79 14.97
N GLY F 150 26.37 30.59 15.53
CA GLY F 150 25.32 29.97 16.35
C GLY F 150 24.15 29.39 15.58
N GLY F 151 24.38 28.99 14.33
CA GLY F 151 23.37 28.27 13.52
C GLY F 151 22.62 29.09 12.49
N ILE F 152 22.16 28.46 11.40
CA ILE F 152 21.27 29.12 10.44
C ILE F 152 19.98 29.41 11.17
N MET F 153 19.36 30.56 10.91
CA MET F 153 18.08 30.90 11.50
C MET F 153 16.89 30.45 10.67
N LEU F 154 17.04 30.61 9.36
CA LEU F 154 16.07 30.20 8.38
C LEU F 154 16.85 29.66 7.19
N PHE F 155 16.61 28.40 6.85
CA PHE F 155 17.19 27.81 5.64
C PHE F 155 16.04 27.64 4.66
N VAL F 156 16.19 28.18 3.45
CA VAL F 156 15.17 28.01 2.44
C VAL F 156 15.63 26.97 1.42
N GLY F 157 14.74 26.04 1.06
CA GLY F 157 15.11 25.01 0.11
C GLY F 157 14.06 24.68 -0.94
N GLY F 158 14.46 23.87 -1.89
CA GLY F 158 13.57 23.29 -2.91
C GLY F 158 13.82 21.80 -2.96
N ILE F 159 12.92 21.06 -3.63
CA ILE F 159 13.10 19.62 -3.79
C ILE F 159 13.05 19.22 -5.24
N GLY F 160 13.68 18.11 -5.56
CA GLY F 160 13.55 17.46 -6.85
C GLY F 160 12.30 16.60 -6.89
N PRO F 161 11.91 16.16 -8.10
CA PRO F 161 10.79 15.28 -8.29
C PRO F 161 11.01 13.95 -7.54
N ASP F 162 12.26 13.54 -7.30
CA ASP F 162 12.49 12.31 -6.52
C ASP F 162 12.60 12.60 -5.03
N GLY F 163 12.23 13.81 -4.62
CA GLY F 163 12.27 14.27 -3.24
C GLY F 163 13.67 14.65 -2.74
N HIS F 164 14.67 14.76 -3.63
CA HIS F 164 16.01 15.10 -3.18
C HIS F 164 16.08 16.58 -2.79
N ILE F 165 16.90 16.92 -1.83
CA ILE F 165 17.16 18.34 -1.56
C ILE F 165 18.60 18.62 -1.97
N ALA F 166 18.74 19.31 -3.10
CA ALA F 166 20.01 19.57 -3.81
C ALA F 166 20.74 18.27 -4.11
N PHE F 167 21.97 18.15 -3.62
CA PHE F 167 22.75 16.94 -3.81
C PHE F 167 22.56 15.87 -2.73
N ASN F 168 21.61 16.10 -1.81
CA ASN F 168 21.20 15.06 -0.85
C ASN F 168 20.10 14.24 -1.51
N GLU F 169 20.53 13.14 -2.08
CA GLU F 169 19.77 12.37 -3.04
C GLU F 169 19.19 11.15 -2.38
N PRO F 170 18.30 10.42 -3.07
CA PRO F 170 17.71 9.25 -2.42
C PRO F 170 18.81 8.31 -1.86
N GLY F 171 18.60 7.84 -0.64
CA GLY F 171 19.61 7.04 0.04
C GLY F 171 20.58 7.85 0.88
N SER F 172 20.48 9.18 0.82
CA SER F 172 21.34 10.02 1.67
C SER F 172 20.88 9.77 3.06
N SER F 173 21.81 9.85 3.99
CA SER F 173 21.49 9.56 5.38
C SER F 173 20.68 10.70 5.98
N LEU F 174 19.61 10.30 6.64
CA LEU F 174 18.64 11.27 7.08
C LEU F 174 19.21 12.12 8.20
N THR F 175 20.54 12.05 8.34
CA THR F 175 21.36 12.90 9.25
C THR F 175 22.81 13.15 8.74
N SER F 176 22.98 13.34 7.44
CA SER F 176 24.31 13.54 6.85
C SER F 176 24.79 14.99 7.00
N ARG F 177 26.09 15.23 6.80
CA ARG F 177 26.71 16.57 6.98
C ARG F 177 27.34 17.04 5.66
N THR F 178 28.10 18.14 5.71
CA THR F 178 28.73 18.68 4.51
C THR F 178 29.85 17.79 4.05
N ARG F 179 29.88 17.44 2.75
CA ARG F 179 30.74 16.37 2.25
C ARG F 179 30.99 16.47 0.74
N ILE F 180 31.92 15.66 0.23
CA ILE F 180 32.14 15.52 -1.21
C ILE F 180 31.05 14.57 -1.67
N LYS F 181 30.27 14.98 -2.68
CA LYS F 181 29.27 14.11 -3.29
C LYS F 181 29.58 13.92 -4.77
N THR F 182 29.58 12.66 -5.20
CA THR F 182 29.81 12.28 -6.61
C THR F 182 28.45 12.27 -7.32
N LEU F 183 28.35 12.95 -8.46
CA LEU F 183 27.05 13.07 -9.16
C LEU F 183 26.62 11.75 -9.85
N THR F 184 25.32 11.44 -9.78
CA THR F 184 24.75 10.27 -10.48
C THR F 184 24.52 10.63 -11.95
N GLN F 185 24.74 9.67 -12.86
CA GLN F 185 24.53 9.86 -14.33
C GLN F 185 23.28 10.63 -14.70
N ASP F 186 22.24 10.48 -13.86
CA ASP F 186 20.98 11.20 -14.05
C ASP F 186 21.16 12.71 -13.91
N THR F 187 21.89 13.13 -12.87
CA THR F 187 22.21 14.55 -12.68
C THR F 187 23.20 15.05 -13.75
N ILE F 188 24.09 14.16 -14.23
CA ILE F 188 25.07 14.50 -15.29
C ILE F 188 24.40 14.88 -16.63
N ILE F 189 23.41 14.09 -17.05
CA ILE F 189 22.58 14.43 -18.20
C ILE F 189 21.26 15.04 -17.74
N ASP F 198 26.78 18.57 -24.13
CA ASP F 198 27.88 17.71 -23.67
C ASP F 198 27.56 17.00 -22.34
N VAL F 199 28.25 15.89 -22.07
CA VAL F 199 28.16 15.23 -20.77
C VAL F 199 29.51 15.23 -20.05
N ASN F 200 30.59 15.02 -20.80
CA ASN F 200 31.93 14.96 -20.22
C ASN F 200 32.51 16.33 -19.81
N LYS F 201 31.74 17.40 -20.01
CA LYS F 201 32.16 18.77 -19.63
C LYS F 201 31.81 19.08 -18.17
N VAL F 202 30.61 18.68 -17.76
CA VAL F 202 30.12 18.77 -16.38
C VAL F 202 31.14 18.24 -15.35
N PRO F 203 31.24 18.91 -14.17
CA PRO F 203 32.17 18.43 -13.14
C PRO F 203 31.64 17.13 -12.52
N LYS F 204 32.54 16.21 -12.17
CA LYS F 204 32.11 14.90 -11.68
C LYS F 204 31.60 14.98 -10.23
N ASN F 205 32.17 15.91 -9.46
CA ASN F 205 31.91 16.03 -8.02
C ASN F 205 31.42 17.40 -7.56
N ALA F 206 30.75 17.39 -6.42
CA ALA F 206 30.28 18.61 -5.79
C ALA F 206 30.58 18.58 -4.31
N LEU F 207 30.65 19.78 -3.71
CA LEU F 207 30.57 19.90 -2.26
C LEU F 207 29.10 20.23 -1.97
N THR F 208 28.58 19.67 -0.89
CA THR F 208 27.17 19.91 -0.51
C THR F 208 27.02 19.87 0.98
N VAL F 209 26.15 20.73 1.54
CA VAL F 209 25.71 20.56 2.92
C VAL F 209 24.86 19.27 3.05
N GLY F 210 24.74 18.78 4.28
CA GLY F 210 24.03 17.52 4.55
C GLY F 210 22.59 17.78 4.93
N ILE F 211 21.81 16.70 5.04
CA ILE F 211 20.44 16.79 5.54
C ILE F 211 20.50 17.29 6.97
N GLY F 212 21.38 16.71 7.78
CA GLY F 212 21.65 17.18 9.15
C GLY F 212 22.06 18.65 9.23
N THR F 213 22.97 19.09 8.35
CA THR F 213 23.31 20.53 8.28
C THR F 213 22.03 21.37 8.15
N ILE F 214 21.22 21.09 7.14
CA ILE F 214 19.95 21.82 7.00
C ILE F 214 19.04 21.73 8.23
N MET F 215 18.88 20.52 8.80
CA MET F 215 18.01 20.23 9.95
CA MET F 215 17.98 20.28 9.93
C MET F 215 18.42 21.01 11.19
N ASP F 216 19.71 21.37 11.27
CA ASP F 216 20.19 22.18 12.41
C ASP F 216 19.57 23.56 12.45
N SER F 217 19.10 24.04 11.30
CA SER F 217 18.50 25.36 11.23
C SER F 217 17.36 25.54 12.21
N GLN F 218 17.20 26.76 12.73
CA GLN F 218 16.09 27.06 13.59
C GLN F 218 14.76 26.91 12.86
N GLU F 219 14.75 27.23 11.58
CA GLU F 219 13.52 27.11 10.82
C GLU F 219 13.87 26.72 9.37
N VAL F 220 13.02 25.92 8.72
CA VAL F 220 13.27 25.47 7.35
C VAL F 220 12.04 25.79 6.50
N LEU F 221 12.24 26.42 5.35
CA LEU F 221 11.14 26.65 4.42
C LEU F 221 11.47 26.01 3.09
N ILE F 222 10.53 25.21 2.60
CA ILE F 222 10.71 24.50 1.35
C ILE F 222 9.67 24.98 0.33
N ILE F 223 10.15 25.40 -0.82
CA ILE F 223 9.27 25.82 -1.89
C ILE F 223 9.12 24.58 -2.78
N VAL F 224 7.86 24.21 -3.12
CA VAL F 224 7.56 23.12 -4.06
C VAL F 224 6.60 23.62 -5.11
N ASN F 225 6.93 23.38 -6.38
CA ASN F 225 6.02 23.77 -7.45
C ASN F 225 5.88 22.77 -8.59
N GLY F 226 4.66 22.66 -9.12
CA GLY F 226 4.42 21.89 -10.34
C GLY F 226 4.04 20.42 -10.17
N HIS F 227 3.34 19.90 -11.18
CA HIS F 227 2.89 18.53 -11.23
C HIS F 227 3.98 17.50 -11.02
N ASN F 228 5.18 17.77 -11.52
CA ASN F 228 6.24 16.79 -11.38
C ASN F 228 6.78 16.64 -9.92
N LYS F 229 6.46 17.60 -9.04
CA LYS F 229 6.84 17.49 -7.64
C LYS F 229 5.73 16.86 -6.79
N ALA F 230 4.58 16.54 -7.39
CA ALA F 230 3.41 16.10 -6.62
C ALA F 230 3.63 14.79 -5.85
N ARG F 231 4.29 13.82 -6.49
CA ARG F 231 4.60 12.53 -5.84
C ARG F 231 5.60 12.72 -4.68
N ALA F 232 6.61 13.56 -4.89
CA ALA F 232 7.52 13.92 -3.83
C ALA F 232 6.80 14.58 -2.66
N LEU F 233 5.91 15.52 -2.95
CA LEU F 233 5.22 16.20 -1.88
C LEU F 233 4.40 15.21 -1.03
N LYS F 234 3.78 14.26 -1.72
CA LYS F 234 2.98 13.23 -1.04
C LYS F 234 3.88 12.43 -0.09
N HIS F 235 5.07 12.03 -0.52
CA HIS F 235 6.00 11.34 0.40
C HIS F 235 6.50 12.18 1.56
N ALA F 236 6.80 13.45 1.28
CA ALA F 236 7.16 14.41 2.29
C ALA F 236 6.11 14.55 3.39
N ILE F 237 4.83 14.49 3.03
CA ILE F 237 3.77 14.88 3.96
C ILE F 237 3.00 13.72 4.54
N GLU F 238 2.58 12.80 3.69
CA GLU F 238 1.66 11.77 4.10
C GLU F 238 2.32 10.45 4.43
N LYS F 239 3.46 10.16 3.83
CA LYS F 239 4.09 8.87 4.00
C LYS F 239 5.09 8.94 5.11
N GLY F 240 5.62 7.80 5.54
CA GLY F 240 6.57 7.78 6.65
C GLY F 240 7.97 8.29 6.32
N VAL F 241 8.74 8.63 7.35
CA VAL F 241 10.15 8.97 7.21
C VAL F 241 10.91 7.85 6.46
N ASN F 242 11.52 8.22 5.35
CA ASN F 242 12.06 7.24 4.39
C ASN F 242 13.27 7.86 3.67
N HIS F 243 14.42 7.19 3.67
CA HIS F 243 15.65 7.81 3.10
C HIS F 243 15.63 7.87 1.57
N MET F 244 14.63 7.25 0.94
CA MET F 244 14.51 7.34 -0.49
C MET F 244 13.86 8.65 -0.87
N TRP F 245 13.21 9.31 0.09
CA TRP F 245 12.61 10.62 -0.10
C TRP F 245 13.18 11.55 0.97
N THR F 246 14.27 12.23 0.62
CA THR F 246 15.08 13.02 1.53
C THR F 246 14.23 14.05 2.29
N ILE F 247 13.31 14.66 1.56
CA ILE F 247 12.46 15.70 2.11
C ILE F 247 11.64 15.21 3.31
N SER F 248 11.48 13.88 3.44
CA SER F 248 10.68 13.31 4.55
C SER F 248 11.39 13.45 5.93
N ALA F 249 12.68 13.70 5.94
CA ALA F 249 13.39 14.06 7.17
C ALA F 249 12.80 15.28 7.90
N LEU F 250 12.07 16.13 7.18
CA LEU F 250 11.47 17.33 7.80
C LEU F 250 10.41 17.04 8.86
N GLN F 251 9.81 15.84 8.83
CA GLN F 251 8.86 15.37 9.86
C GLN F 251 9.48 15.37 11.26
N LEU F 252 10.81 15.27 11.30
CA LEU F 252 11.57 15.28 12.53
C LEU F 252 12.08 16.66 12.95
N HIS F 253 11.98 17.66 12.08
CA HIS F 253 12.37 19.05 12.41
C HIS F 253 11.32 19.73 13.27
N LYS F 254 11.75 20.63 14.15
CA LYS F 254 10.84 21.29 15.12
C LYS F 254 10.01 22.43 14.55
N ASN F 255 10.41 22.94 13.38
CA ASN F 255 9.84 24.16 12.82
C ASN F 255 9.98 24.23 11.29
N ALA F 256 9.15 23.45 10.62
CA ALA F 256 9.26 23.32 9.17
C ALA F 256 8.01 23.84 8.51
N ILE F 257 8.21 24.55 7.41
CA ILE F 257 7.12 25.06 6.63
C ILE F 257 7.33 24.65 5.16
N ILE F 258 6.25 24.26 4.51
CA ILE F 258 6.30 23.97 3.09
C ILE F 258 5.30 24.91 2.44
N VAL F 259 5.72 25.54 1.34
CA VAL F 259 4.79 26.33 0.54
C VAL F 259 4.73 25.72 -0.84
N SER F 260 3.52 25.42 -1.31
CA SER F 260 3.32 24.68 -2.55
C SER F 260 2.25 25.35 -3.38
N ASP F 261 2.38 25.28 -4.70
CA ASP F 261 1.30 25.71 -5.58
C ASP F 261 0.30 24.58 -5.67
N LYS F 262 -0.80 24.80 -6.38
CA LYS F 262 -1.87 23.80 -6.43
C LYS F 262 -1.44 22.54 -7.19
N ASN F 263 -0.72 22.71 -8.31
CA ASN F 263 -0.32 21.56 -9.12
C ASN F 263 0.49 20.53 -8.30
N ALA F 264 1.33 21.01 -7.38
CA ALA F 264 2.16 20.10 -6.61
C ALA F 264 1.38 19.33 -5.53
N THR F 265 0.13 19.73 -5.29
CA THR F 265 -0.75 19.00 -4.34
C THR F 265 -1.59 17.88 -4.96
N TYR F 266 -1.43 17.64 -6.25
CA TYR F 266 -2.36 16.70 -6.92
C TYR F 266 -2.34 15.26 -6.40
N GLU F 267 -1.28 14.88 -5.70
CA GLU F 267 -1.18 13.55 -5.16
C GLU F 267 -1.49 13.49 -3.66
N LEU F 268 -1.78 14.64 -3.05
CA LEU F 268 -2.23 14.67 -1.65
C LEU F 268 -3.71 14.25 -1.56
N LYS F 269 -4.14 13.81 -0.39
CA LYS F 269 -5.57 13.56 -0.15
C LYS F 269 -6.29 14.90 0.06
N VAL F 270 -7.53 14.99 -0.42
CA VAL F 270 -8.36 16.15 -0.18
C VAL F 270 -8.31 16.53 1.32
N GLY F 271 -8.47 15.56 2.20
CA GLY F 271 -8.40 15.80 3.65
C GLY F 271 -7.10 16.42 4.16
N THR F 272 -5.96 16.02 3.61
CA THR F 272 -4.68 16.63 3.97
C THR F 272 -4.68 18.15 3.65
N VAL F 273 -5.11 18.49 2.45
CA VAL F 273 -5.19 19.86 2.01
C VAL F 273 -6.12 20.69 2.91
N GLU F 274 -7.36 20.21 3.13
CA GLU F 274 -8.31 20.88 3.98
C GLU F 274 -7.72 20.99 5.39
N TYR F 275 -7.05 19.94 5.84
CA TYR F 275 -6.42 19.95 7.16
C TYR F 275 -5.37 21.05 7.30
N PHE F 276 -4.45 21.15 6.33
CA PHE F 276 -3.42 22.18 6.41
C PHE F 276 -3.96 23.60 6.11
N ASN F 277 -4.95 23.73 5.25
CA ASN F 277 -5.65 24.99 5.03
C ASN F 277 -6.34 25.50 6.31
N ASP F 278 -7.07 24.62 6.99
CA ASP F 278 -7.66 24.98 8.26
C ASP F 278 -6.61 25.48 9.24
N ILE F 279 -5.45 24.81 9.32
CA ILE F 279 -4.38 25.23 10.26
C ILE F 279 -4.00 26.69 9.95
N GLU F 280 -3.89 27.02 8.66
CA GLU F 280 -3.56 28.39 8.27
C GLU F 280 -4.59 29.41 8.76
N ARG F 281 -5.89 29.12 8.57
CA ARG F 281 -6.95 30.02 9.06
C ARG F 281 -6.92 30.14 10.60
N LYS F 282 -6.83 29.01 11.29
CA LYS F 282 -6.80 29.02 12.74
C LYS F 282 -5.56 29.74 13.27
N ASN F 283 -4.44 29.59 12.57
CA ASN F 283 -3.18 30.29 12.90
C ASN F 283 -3.39 31.78 12.72
N PHE F 284 -4.00 32.15 11.60
CA PHE F 284 -4.30 33.57 11.32
C PHE F 284 -5.19 34.21 12.41
N ASN F 285 -6.14 33.43 12.94
CA ASN F 285 -7.13 33.90 13.91
C ASN F 285 -6.93 33.38 15.35
N ASN F 286 -5.69 33.10 15.75
CA ASN F 286 -5.44 32.53 17.08
C ASN F 286 -5.39 33.56 18.23
N ASP F 287 -5.43 34.85 17.88
CA ASP F 287 -5.31 35.97 18.86
C ASP F 287 -3.90 36.07 19.48
N LEU F 288 -2.86 35.92 18.64
CA LEU F 288 -1.46 35.96 19.08
C LEU F 288 -0.56 36.44 17.94
#